data_7P43
#
_entry.id   7P43
#
_cell.length_a   88.720
_cell.length_b   210.700
_cell.length_c   90.520
_cell.angle_alpha   90.000
_cell.angle_beta   90.000
_cell.angle_gamma   90.000
#
_symmetry.space_group_name_H-M   'P 21 21 2'
#
loop_
_entity.id
_entity.type
_entity.pdbx_description
1 polymer '1,4-alpha-glucan-branching enzyme'
2 branched alpha-D-glucopyranose-(1-4)-alpha-D-glucopyranose-(1-4)-alpha-D-glucopyranose
3 water water
#
_entity_poly.entity_id   1
_entity_poly.type   'polypeptide(L)'
_entity_poly.pdbx_seq_one_letter_code
;MSLTKIPENVQGAVSIDPWLEPFADVLSERRYLADKWLYDIKHATPDGSEQSLVDFARNAYKTYGLHANQQTKEIVYREW
APNAQRAFLVGEFNNWNEESHEMKHKDEFGVFSITLAPLENGDFAIPHDSKIKVMFVLPDGSKVYRIPAWITRATQPSKE
TAQKYGPTYEGRFWNPPNSYQFKHQRPKFNLANDSIKIYEAHIGISSPEPKVASYKEFTQNVLPRIKHLGYDAIQLMAIM
EHAYYASFGYQVTNFFAISSRYGTPEDLKELIDTAHSMGILVLLDVIHSHASKNSEDGLNMFDGSDHQYFHSLTSGRGEH
PLWDSRLFNYGSFEVQRFLLANLAYYIDVYQFDGFRFDGVTSMLYLHHGVGAGGAFSGDYNEYLSRDRSGVDHEALAYLM
LANDLVHDLLPESAVTIAEDVSGYPTLCLPRTAGGGGFDYRLAMALPDMWIKLLKTKQDDDWDMGHIVHTLTNRRHGEKV
VAYCESHDQALVGDKTLAFWLMDAAMYTDMTVLKEPTLVIDRGIALHKMIRLITHSLGGEAYLNFEGNEFGHPEWLDFPR
VGNNDSYHYARRQFNLVDDDLLRYRHLNEFDAAMQNCESKHQWLNTPQAYVSLKHEVDKVIAFERNGHLFVFNFHPTQSF
TDYRIGVDVAGTYKIVLNTDRAEFGGHNRIDEAQEFFTTDLEWNNRRNFIQVYIPSRTAIVLTRQM
;
_entity_poly.pdbx_strand_id   A,B
#
loop_
_chem_comp.id
_chem_comp.type
_chem_comp.name
_chem_comp.formula
GLC D-saccharide, alpha linking alpha-D-glucopyranose 'C6 H12 O6'
#
# COMPACT_ATOMS: atom_id res chain seq x y z
N MET A 1 16.83 15.03 -50.64
CA MET A 1 17.18 14.01 -51.62
C MET A 1 18.04 12.96 -50.98
N SER A 2 18.49 13.30 -49.77
CA SER A 2 19.33 12.39 -49.00
C SER A 2 18.67 11.02 -48.87
N LEU A 3 19.49 9.98 -48.99
CA LEU A 3 19.08 8.63 -48.68
C LEU A 3 18.78 8.49 -47.19
N THR A 4 17.70 7.78 -46.87
CA THR A 4 17.47 7.42 -45.47
C THR A 4 18.64 6.55 -45.02
N LYS A 5 19.28 6.99 -43.94
CA LYS A 5 20.48 6.32 -43.43
C LYS A 5 20.08 5.12 -42.58
N ILE A 6 20.45 3.91 -43.02
CA ILE A 6 20.27 2.68 -42.22
C ILE A 6 21.63 2.06 -41.97
N PRO A 7 22.31 2.44 -40.88
CA PRO A 7 23.65 1.90 -40.65
C PRO A 7 23.63 0.38 -40.57
N GLU A 8 24.75 -0.23 -40.98
CA GLU A 8 24.80 -1.69 -41.03
C GLU A 8 24.60 -2.32 -39.65
N ASN A 9 25.00 -1.64 -38.57
CA ASN A 9 24.94 -2.27 -37.26
C ASN A 9 23.53 -2.32 -36.68
N VAL A 10 22.52 -1.80 -37.36
CA VAL A 10 21.13 -1.99 -36.92
C VAL A 10 20.27 -2.50 -38.07
N GLN A 11 20.90 -2.88 -39.19
CA GLN A 11 20.12 -3.43 -40.30
C GLN A 11 19.29 -4.65 -39.90
N GLY A 12 19.84 -5.52 -39.05
CA GLY A 12 19.08 -6.70 -38.60
C GLY A 12 17.76 -6.34 -37.93
N ALA A 13 17.80 -5.39 -36.99
CA ALA A 13 16.58 -4.98 -36.30
C ALA A 13 15.62 -4.31 -37.26
N VAL A 14 16.13 -3.38 -38.08
CA VAL A 14 15.27 -2.69 -39.03
C VAL A 14 14.58 -3.67 -39.98
N SER A 15 15.28 -4.75 -40.36
CA SER A 15 14.61 -5.75 -41.21
C SER A 15 13.49 -6.48 -40.46
N ILE A 16 13.72 -6.77 -39.19
CA ILE A 16 12.74 -7.47 -38.34
C ILE A 16 11.51 -6.61 -38.16
N ASP A 17 11.70 -5.32 -37.93
CA ASP A 17 10.58 -4.40 -37.77
C ASP A 17 10.88 -3.08 -38.47
N PRO A 18 10.47 -2.97 -39.75
CA PRO A 18 10.73 -1.73 -40.49
C PRO A 18 10.15 -0.48 -39.85
N TRP A 19 9.19 -0.60 -38.92
CA TRP A 19 8.79 0.54 -38.08
C TRP A 19 9.99 1.23 -37.45
N LEU A 20 11.07 0.49 -37.21
CA LEU A 20 12.26 1.10 -36.60
C LEU A 20 13.03 2.00 -37.57
N GLU A 21 12.70 1.96 -38.85
CA GLU A 21 13.51 2.69 -39.83
C GLU A 21 13.78 4.15 -39.49
N PRO A 22 12.79 4.99 -39.16
CA PRO A 22 13.12 6.39 -38.83
C PRO A 22 13.94 6.54 -37.57
N PHE A 23 14.08 5.50 -36.76
CA PHE A 23 14.93 5.54 -35.57
C PHE A 23 16.31 4.92 -35.78
N ALA A 24 16.66 4.58 -37.02
CA ALA A 24 17.82 3.73 -37.22
C ALA A 24 19.10 4.41 -36.75
N ASP A 25 19.18 5.73 -36.91
CA ASP A 25 20.41 6.41 -36.55
C ASP A 25 20.61 6.43 -35.04
N VAL A 26 19.53 6.69 -34.27
CA VAL A 26 19.64 6.71 -32.82
C VAL A 26 19.88 5.31 -32.29
N LEU A 27 19.27 4.29 -32.93
CA LEU A 27 19.58 2.91 -32.53
C LEU A 27 21.03 2.57 -32.81
N SER A 28 21.56 3.04 -33.94
CA SER A 28 22.93 2.74 -34.30
C SER A 28 23.93 3.37 -33.31
N GLU A 29 23.66 4.60 -32.87
CA GLU A 29 24.52 5.26 -31.86
C GLU A 29 24.48 4.51 -30.52
N ARG A 30 23.31 4.04 -30.12
CA ARG A 30 23.19 3.28 -28.90
C ARG A 30 24.05 2.03 -28.96
N ARG A 31 23.95 1.26 -30.06
CA ARG A 31 24.78 0.06 -30.15
C ARG A 31 26.25 0.42 -30.18
N TYR A 32 26.58 1.49 -30.89
CA TYR A 32 27.96 1.87 -31.09
C TYR A 32 28.63 2.19 -29.75
N LEU A 33 27.94 2.88 -28.85
CA LEU A 33 28.52 3.09 -27.53
C LEU A 33 28.86 1.76 -26.86
N ALA A 34 27.92 0.82 -26.88
CA ALA A 34 28.16 -0.48 -26.26
C ALA A 34 29.33 -1.19 -26.94
N ASP A 35 29.42 -1.08 -28.27
CA ASP A 35 30.47 -1.83 -28.96
C ASP A 35 31.84 -1.21 -28.70
N LYS A 36 31.90 0.11 -28.51
CA LYS A 36 33.19 0.72 -28.15
C LYS A 36 33.60 0.36 -26.73
N TRP A 37 32.65 0.32 -25.81
CA TRP A 37 32.95 -0.12 -24.44
C TRP A 37 33.40 -1.58 -24.42
N LEU A 38 32.80 -2.41 -25.28
CA LEU A 38 33.22 -3.81 -25.38
C LEU A 38 34.67 -3.90 -25.82
N TYR A 39 35.02 -3.15 -26.87
CA TYR A 39 36.42 -3.07 -27.27
C TYR A 39 37.30 -2.59 -26.12
N ASP A 40 36.87 -1.57 -25.38
CA ASP A 40 37.69 -1.05 -24.28
C ASP A 40 37.95 -2.14 -23.24
N ILE A 41 36.92 -2.91 -22.91
CA ILE A 41 37.00 -3.96 -21.91
C ILE A 41 37.93 -5.08 -22.37
N LYS A 42 37.78 -5.51 -23.61
CA LYS A 42 38.58 -6.61 -24.17
C LYS A 42 40.05 -6.24 -24.37
N HIS A 43 40.41 -4.97 -24.27
CA HIS A 43 41.82 -4.59 -24.35
C HIS A 43 42.34 -4.03 -23.02
N ALA A 44 41.61 -4.29 -21.94
CA ALA A 44 42.02 -3.85 -20.61
C ALA A 44 42.96 -4.89 -19.98
N THR A 45 44.06 -5.12 -20.67
CA THR A 45 45.04 -6.14 -20.34
C THR A 45 46.40 -5.49 -20.12
N PRO A 46 47.31 -6.16 -19.42
CA PRO A 46 48.61 -5.53 -19.12
C PRO A 46 49.34 -5.02 -20.34
N ASP A 47 49.29 -5.75 -21.46
CA ASP A 47 49.98 -5.33 -22.68
C ASP A 47 49.03 -4.75 -23.72
N GLY A 48 47.75 -4.57 -23.36
CA GLY A 48 46.77 -4.02 -24.27
C GLY A 48 46.28 -4.96 -25.35
N SER A 49 46.68 -6.22 -25.32
CA SER A 49 46.20 -7.17 -26.29
C SER A 49 44.76 -7.60 -25.95
N GLU A 50 44.11 -8.24 -26.91
CA GLU A 50 42.71 -8.64 -26.73
C GLU A 50 42.57 -9.79 -25.74
N GLN A 51 41.60 -9.68 -24.84
CA GLN A 51 41.13 -10.78 -24.02
C GLN A 51 39.64 -11.01 -24.28
N SER A 52 39.13 -12.15 -23.86
CA SER A 52 37.69 -12.35 -23.99
C SER A 52 36.95 -11.61 -22.89
N LEU A 53 35.69 -11.31 -23.17
CA LEU A 53 34.87 -10.61 -22.19
C LEU A 53 34.67 -11.47 -20.95
N VAL A 54 34.58 -12.79 -21.15
CA VAL A 54 34.46 -13.71 -20.02
C VAL A 54 35.70 -13.63 -19.14
N ASP A 55 36.88 -13.63 -19.75
CA ASP A 55 38.13 -13.58 -18.98
C ASP A 55 38.22 -12.30 -18.18
N PHE A 56 37.81 -11.17 -18.78
CA PHE A 56 37.77 -9.90 -18.05
C PHE A 56 36.96 -10.02 -16.76
N ALA A 57 35.72 -10.53 -16.90
CA ALA A 57 34.80 -10.65 -15.77
C ALA A 57 35.34 -11.63 -14.73
N ARG A 58 35.90 -12.75 -15.17
CA ARG A 58 36.38 -13.76 -14.24
C ARG A 58 37.63 -13.30 -13.50
N ASN A 59 38.62 -12.76 -14.24
CA ASN A 59 39.77 -12.17 -13.59
C ASN A 59 39.37 -11.15 -12.53
N ALA A 60 38.31 -10.40 -12.80
CA ALA A 60 37.86 -9.39 -11.87
C ALA A 60 37.42 -10.00 -10.53
N TYR A 61 36.46 -10.94 -10.57
CA TYR A 61 36.04 -11.49 -9.28
C TYR A 61 37.14 -12.37 -8.65
N LYS A 62 38.09 -12.87 -9.43
CA LYS A 62 39.18 -13.63 -8.83
C LYS A 62 40.25 -12.74 -8.19
N THR A 63 40.29 -11.45 -8.53
CA THR A 63 41.33 -10.58 -7.99
C THR A 63 40.82 -9.47 -7.09
N TYR A 64 39.56 -9.08 -7.20
CA TYR A 64 38.96 -8.11 -6.29
C TYR A 64 38.38 -8.84 -5.08
N GLY A 65 38.03 -8.07 -4.06
CA GLY A 65 37.58 -8.80 -2.88
C GLY A 65 38.73 -9.43 -2.07
N LEU A 66 38.34 -10.35 -1.19
CA LEU A 66 39.29 -11.07 -0.35
C LEU A 66 39.40 -12.49 -0.86
N HIS A 67 40.62 -12.99 -1.00
CA HIS A 67 40.83 -14.34 -1.49
C HIS A 67 41.84 -15.06 -0.59
N ALA A 68 41.43 -16.20 -0.05
CA ALA A 68 42.34 -17.02 0.74
C ALA A 68 43.05 -18.01 -0.18
N ASN A 69 44.37 -18.03 -0.14
CA ASN A 69 45.15 -19.04 -0.85
C ASN A 69 45.21 -20.30 0.01
N GLN A 70 44.61 -21.41 -0.48
CA GLN A 70 44.57 -22.63 0.29
C GLN A 70 45.93 -23.34 0.34
N GLN A 71 46.84 -23.06 -0.60
CA GLN A 71 48.15 -23.68 -0.59
C GLN A 71 49.11 -22.95 0.36
N THR A 72 49.29 -21.64 0.16
CA THR A 72 50.19 -20.84 0.99
C THR A 72 49.55 -20.31 2.26
N LYS A 73 48.23 -20.42 2.41
CA LYS A 73 47.48 -19.89 3.55
C LYS A 73 47.63 -18.38 3.73
N GLU A 74 48.12 -17.67 2.70
CA GLU A 74 47.99 -16.22 2.63
C GLU A 74 46.57 -15.80 2.33
N ILE A 75 46.24 -14.55 2.67
CA ILE A 75 45.01 -13.90 2.25
C ILE A 75 45.36 -12.61 1.52
N VAL A 76 44.74 -12.39 0.35
CA VAL A 76 44.92 -11.15 -0.42
C VAL A 76 43.60 -10.37 -0.42
N TYR A 77 43.71 -9.06 -0.26
CA TYR A 77 42.53 -8.20 -0.24
C TYR A 77 42.84 -6.95 -1.06
N ARG A 78 41.98 -6.65 -2.04
CA ARG A 78 42.11 -5.41 -2.81
C ARG A 78 40.77 -4.68 -2.82
N GLU A 79 40.84 -3.35 -2.84
CA GLU A 79 39.63 -2.54 -2.69
C GLU A 79 39.81 -1.21 -3.42
N TRP A 80 38.88 -0.94 -4.35
CA TRP A 80 38.83 0.29 -5.14
C TRP A 80 38.28 1.43 -4.28
N ALA A 81 39.10 2.49 -4.11
CA ALA A 81 38.70 3.57 -3.22
C ALA A 81 39.54 4.79 -3.59
N PRO A 82 39.27 5.39 -4.75
CA PRO A 82 40.15 6.46 -5.23
C PRO A 82 40.16 7.69 -4.33
N ASN A 83 39.05 8.00 -3.67
CA ASN A 83 39.09 9.21 -2.87
C ASN A 83 39.82 9.04 -1.55
N ALA A 84 40.04 7.80 -1.10
CA ALA A 84 40.65 7.60 0.21
C ALA A 84 42.16 7.83 0.19
N GLN A 85 42.66 8.49 1.22
CA GLN A 85 44.12 8.66 1.29
C GLN A 85 44.82 7.39 1.80
N ARG A 86 44.25 6.74 2.82
CA ARG A 86 44.81 5.53 3.41
C ARG A 86 43.68 4.54 3.60
N ALA A 87 44.03 3.25 3.56
CA ALA A 87 43.10 2.15 3.84
C ALA A 87 43.73 1.18 4.83
N PHE A 88 42.92 0.72 5.79
CA PHE A 88 43.32 -0.26 6.80
C PHE A 88 42.29 -1.38 6.90
N LEU A 89 42.78 -2.62 6.99
CA LEU A 89 41.94 -3.76 7.27
C LEU A 89 41.81 -3.92 8.77
N VAL A 90 40.58 -3.95 9.29
CA VAL A 90 40.40 -4.13 10.73
C VAL A 90 39.38 -5.23 10.96
N GLY A 91 39.41 -5.82 12.15
CA GLY A 91 38.47 -6.90 12.40
C GLY A 91 38.78 -7.61 13.70
N GLU A 92 37.98 -8.65 13.94
CA GLU A 92 38.28 -9.52 15.07
C GLU A 92 39.67 -10.12 14.96
N PHE A 93 40.14 -10.44 13.75
CA PHE A 93 41.46 -11.05 13.61
C PHE A 93 42.59 -10.19 14.18
N ASN A 94 42.45 -8.86 14.23
CA ASN A 94 43.51 -8.03 14.81
C ASN A 94 42.97 -7.15 15.93
N ASN A 95 41.88 -7.61 16.59
CA ASN A 95 41.21 -6.86 17.65
C ASN A 95 40.91 -5.42 17.20
N TRP A 96 40.56 -5.27 15.92
CA TRP A 96 40.16 -3.97 15.38
C TRP A 96 41.24 -2.90 15.50
N ASN A 97 42.50 -3.31 15.36
CA ASN A 97 43.64 -2.41 15.46
C ASN A 97 43.75 -1.58 14.19
N GLU A 98 43.65 -0.26 14.33
CA GLU A 98 43.63 0.63 13.20
C GLU A 98 45.00 1.02 12.70
N GLU A 99 46.07 0.39 13.17
CA GLU A 99 47.39 0.72 12.65
C GLU A 99 48.16 -0.47 12.12
N SER A 100 47.85 -1.70 12.57
CA SER A 100 48.71 -2.84 12.29
C SER A 100 48.59 -3.38 10.86
N HIS A 101 47.50 -3.10 10.14
CA HIS A 101 47.26 -3.74 8.85
C HIS A 101 46.82 -2.71 7.81
N GLU A 102 47.69 -1.73 7.59
CA GLU A 102 47.47 -0.77 6.51
C GLU A 102 47.57 -1.42 5.13
N MET A 103 46.67 -1.03 4.22
CA MET A 103 46.87 -1.47 2.87
C MET A 103 47.76 -0.40 2.24
N LYS A 104 49.09 -0.62 2.30
CA LYS A 104 50.04 0.45 1.97
C LYS A 104 50.08 0.76 0.47
N HIS A 105 49.92 -0.26 -0.37
CA HIS A 105 50.02 -0.06 -1.81
C HIS A 105 48.69 0.42 -2.34
N LYS A 106 48.68 1.63 -2.91
CA LYS A 106 47.54 2.17 -3.64
C LYS A 106 47.97 2.32 -5.10
N ASP A 107 47.32 1.59 -6.02
CA ASP A 107 47.84 1.53 -7.39
C ASP A 107 47.28 2.62 -8.32
N GLU A 108 47.76 2.63 -9.58
CA GLU A 108 47.29 3.59 -10.61
C GLU A 108 45.78 3.65 -10.71
N PHE A 109 45.11 2.54 -10.42
CA PHE A 109 43.66 2.48 -10.56
C PHE A 109 42.92 3.05 -9.35
N GLY A 110 43.66 3.45 -8.31
CA GLY A 110 43.00 3.80 -7.08
C GLY A 110 42.60 2.59 -6.26
N VAL A 111 43.27 1.45 -6.45
CA VAL A 111 42.97 0.20 -5.74
C VAL A 111 44.01 -0.05 -4.66
N PHE A 112 43.56 -0.10 -3.41
CA PHE A 112 44.42 -0.51 -2.31
C PHE A 112 44.56 -2.03 -2.26
N SER A 113 45.70 -2.51 -1.77
CA SER A 113 45.96 -3.94 -1.70
C SER A 113 46.77 -4.29 -0.46
N ILE A 114 46.58 -5.51 0.02
CA ILE A 114 47.34 -6.05 1.17
C ILE A 114 47.38 -7.56 1.04
N THR A 115 48.53 -8.14 1.38
CA THR A 115 48.67 -9.58 1.54
C THR A 115 48.94 -9.88 3.01
N LEU A 116 48.14 -10.77 3.59
CA LEU A 116 48.29 -11.17 4.98
C LEU A 116 48.98 -12.53 5.00
N ALA A 117 50.09 -12.61 5.70
CA ALA A 117 50.82 -13.85 5.83
C ALA A 117 50.07 -14.80 6.74
N PRO A 118 50.31 -16.10 6.61
CA PRO A 118 49.76 -17.04 7.58
C PRO A 118 50.29 -16.74 8.98
N LEU A 119 49.54 -17.20 9.99
CA LEU A 119 50.00 -17.06 11.36
C LEU A 119 51.22 -17.97 11.60
N GLU A 120 51.89 -17.75 12.74
CA GLU A 120 53.07 -18.54 13.07
C GLU A 120 52.79 -20.03 13.01
N ASN A 121 51.61 -20.46 13.47
CA ASN A 121 51.27 -21.88 13.42
C ASN A 121 50.75 -22.34 12.05
N GLY A 122 50.67 -21.45 11.06
CA GLY A 122 50.21 -21.86 9.74
C GLY A 122 48.74 -21.66 9.48
N ASP A 123 47.97 -21.20 10.46
CA ASP A 123 46.57 -20.85 10.27
C ASP A 123 46.43 -19.62 9.38
N PHE A 124 45.27 -19.50 8.74
CA PHE A 124 44.90 -18.24 8.10
C PHE A 124 44.89 -17.14 9.15
N ALA A 125 45.28 -15.93 8.72
CA ALA A 125 45.36 -14.83 9.67
C ALA A 125 43.99 -14.32 10.07
N ILE A 126 42.98 -14.53 9.24
CA ILE A 126 41.60 -14.13 9.53
C ILE A 126 40.79 -15.40 9.78
N PRO A 127 40.23 -15.59 10.97
CA PRO A 127 39.44 -16.80 11.22
C PRO A 127 38.18 -16.85 10.35
N HIS A 128 37.85 -18.06 9.93
CA HIS A 128 36.62 -18.33 9.19
C HIS A 128 35.39 -17.77 9.89
N ASP A 129 34.63 -16.97 9.17
CA ASP A 129 33.36 -16.36 9.59
C ASP A 129 33.50 -15.32 10.68
N SER A 130 34.69 -14.73 10.84
CA SER A 130 34.86 -13.63 11.78
C SER A 130 34.61 -12.30 11.07
N LYS A 131 34.44 -11.27 11.87
CA LYS A 131 33.98 -9.99 11.34
C LYS A 131 35.16 -9.15 10.85
N ILE A 132 34.97 -8.46 9.72
CA ILE A 132 35.99 -7.58 9.19
C ILE A 132 35.34 -6.32 8.66
N LYS A 133 36.17 -5.27 8.55
CA LYS A 133 35.83 -4.00 7.93
C LYS A 133 37.09 -3.43 7.29
N VAL A 134 36.89 -2.53 6.33
CA VAL A 134 37.97 -1.69 5.83
C VAL A 134 37.72 -0.30 6.37
N MET A 135 38.78 0.34 6.85
CA MET A 135 38.72 1.70 7.36
C MET A 135 39.51 2.58 6.43
N PHE A 136 38.90 3.67 5.98
CA PHE A 136 39.55 4.62 5.09
C PHE A 136 39.86 5.88 5.88
N VAL A 137 41.05 6.45 5.65
CA VAL A 137 41.37 7.79 6.15
C VAL A 137 41.27 8.71 4.95
N LEU A 138 40.40 9.72 5.06
CA LEU A 138 40.17 10.62 3.93
C LEU A 138 41.22 11.72 3.93
N PRO A 139 41.34 12.46 2.83
CA PRO A 139 42.33 13.56 2.79
C PRO A 139 42.18 14.53 3.93
N ASP A 140 40.94 14.87 4.33
CA ASP A 140 40.80 15.78 5.45
C ASP A 140 41.14 15.18 6.80
N GLY A 141 41.55 13.91 6.88
CA GLY A 141 41.88 13.29 8.15
C GLY A 141 40.76 12.48 8.79
N SER A 142 39.52 12.62 8.32
CA SER A 142 38.45 11.88 8.97
C SER A 142 38.49 10.41 8.55
N LYS A 143 37.74 9.58 9.29
CA LYS A 143 37.75 8.15 9.11
C LYS A 143 36.33 7.68 8.84
N VAL A 144 36.20 6.72 7.93
CA VAL A 144 34.93 6.02 7.72
C VAL A 144 35.22 4.53 7.69
N TYR A 145 34.21 3.73 8.02
CA TYR A 145 34.32 2.28 8.10
C TYR A 145 33.31 1.65 7.16
N ARG A 146 33.72 0.59 6.45
CA ARG A 146 32.89 0.00 5.39
C ARG A 146 33.00 -1.52 5.44
N ILE A 147 31.90 -2.16 5.12
CA ILE A 147 31.99 -3.54 4.66
C ILE A 147 32.66 -3.54 3.29
N PRO A 148 33.65 -4.39 3.06
CA PRO A 148 34.26 -4.44 1.73
C PRO A 148 33.22 -4.66 0.64
N ALA A 149 33.42 -3.98 -0.50
CA ALA A 149 32.41 -3.94 -1.56
C ALA A 149 32.18 -5.30 -2.20
N TRP A 150 33.19 -6.18 -2.20
CA TRP A 150 33.03 -7.50 -2.80
C TRP A 150 32.90 -8.61 -1.75
N ILE A 151 32.50 -8.29 -0.52
CA ILE A 151 32.37 -9.30 0.54
C ILE A 151 31.33 -10.34 0.08
N THR A 152 31.53 -11.60 0.49
CA THR A 152 30.66 -12.68 0.05
C THR A 152 29.66 -13.09 1.13
N ARG A 153 29.72 -12.45 2.31
CA ARG A 153 28.77 -12.72 3.40
C ARG A 153 28.68 -11.51 4.29
N ALA A 154 27.47 -11.08 4.62
CA ALA A 154 27.27 -9.96 5.53
C ALA A 154 26.07 -10.31 6.39
N THR A 155 26.19 -10.18 7.71
CA THR A 155 25.19 -10.72 8.62
C THR A 155 24.54 -9.63 9.48
N GLN A 156 23.31 -9.88 9.87
CA GLN A 156 22.59 -8.97 10.75
C GLN A 156 23.30 -8.94 12.11
N PRO A 157 23.34 -7.79 12.78
CA PRO A 157 24.04 -7.73 14.08
C PRO A 157 23.26 -8.46 15.16
N SER A 158 23.98 -8.88 16.19
CA SER A 158 23.33 -9.44 17.36
C SER A 158 22.47 -8.38 18.04
N LYS A 159 21.63 -8.82 18.96
CA LYS A 159 20.84 -7.89 19.76
C LYS A 159 21.74 -6.91 20.51
N GLU A 160 22.86 -7.40 21.04
CA GLU A 160 23.76 -6.51 21.77
C GLU A 160 24.53 -5.60 20.83
N THR A 161 24.96 -6.11 19.67
CA THR A 161 25.72 -5.24 18.79
C THR A 161 24.82 -4.15 18.26
N ALA A 162 23.55 -4.48 18.01
CA ALA A 162 22.63 -3.47 17.49
C ALA A 162 22.22 -2.49 18.58
N GLN A 163 22.22 -2.90 19.85
CA GLN A 163 22.00 -1.93 20.92
C GLN A 163 23.08 -0.87 20.95
N LYS A 164 24.33 -1.24 20.62
CA LYS A 164 25.44 -0.29 20.66
C LYS A 164 25.71 0.39 19.33
N TYR A 165 25.35 -0.21 18.20
CA TYR A 165 25.74 0.34 16.91
C TYR A 165 24.59 0.53 15.92
N GLY A 166 23.39 0.05 16.23
CA GLY A 166 22.29 0.16 15.31
C GLY A 166 22.18 -1.05 14.40
N PRO A 167 21.28 -0.98 13.43
CA PRO A 167 20.99 -2.16 12.59
C PRO A 167 22.03 -2.47 11.54
N THR A 168 23.10 -1.69 11.42
CA THR A 168 24.09 -1.87 10.36
C THR A 168 24.60 -3.31 10.33
N TYR A 169 24.63 -3.88 9.13
CA TYR A 169 25.15 -5.24 8.94
C TYR A 169 26.64 -5.30 9.20
N GLU A 170 27.14 -6.52 9.40
CA GLU A 170 28.53 -6.77 9.67
C GLU A 170 29.13 -7.66 8.59
N GLY A 171 30.36 -7.35 8.21
CA GLY A 171 31.01 -8.11 7.15
C GLY A 171 31.67 -9.34 7.73
N ARG A 172 31.60 -10.45 7.00
CA ARG A 172 32.16 -11.72 7.44
C ARG A 172 33.13 -12.27 6.42
N PHE A 173 34.22 -12.83 6.90
CA PHE A 173 35.23 -13.45 6.07
C PHE A 173 34.89 -14.92 5.98
N TRP A 174 34.32 -15.32 4.84
CA TRP A 174 33.79 -16.66 4.65
C TRP A 174 34.85 -17.53 4.00
N ASN A 175 35.37 -18.50 4.75
CA ASN A 175 36.47 -19.33 4.27
C ASN A 175 36.34 -20.69 4.95
N PRO A 176 35.31 -21.45 4.61
CA PRO A 176 35.02 -22.66 5.38
C PRO A 176 36.06 -23.74 5.12
N PRO A 177 36.26 -24.65 6.06
CA PRO A 177 37.22 -25.75 5.85
C PRO A 177 36.87 -26.63 4.66
N ASN A 178 35.58 -26.86 4.42
CA ASN A 178 35.11 -27.67 3.31
C ASN A 178 34.06 -26.90 2.52
N SER A 179 34.46 -26.35 1.38
CA SER A 179 33.50 -25.70 0.50
C SER A 179 32.63 -26.76 -0.19
N TYR A 180 31.40 -26.38 -0.54
CA TYR A 180 30.52 -27.35 -1.16
C TYR A 180 31.02 -27.67 -2.57
N GLN A 181 31.11 -28.95 -2.89
CA GLN A 181 31.50 -29.37 -4.24
C GLN A 181 30.25 -29.73 -5.04
N PHE A 182 30.07 -29.10 -6.19
CA PHE A 182 28.94 -29.40 -7.07
C PHE A 182 29.08 -30.81 -7.63
N LYS A 183 28.01 -31.59 -7.56
CA LYS A 183 28.02 -32.96 -8.03
C LYS A 183 27.26 -33.17 -9.34
N HIS A 184 26.39 -32.24 -9.72
CA HIS A 184 25.45 -32.47 -10.81
C HIS A 184 25.68 -31.47 -11.94
N GLN A 185 25.45 -31.94 -13.16
CA GLN A 185 25.57 -31.11 -14.33
C GLN A 185 24.37 -30.17 -14.42
N ARG A 186 24.57 -29.06 -15.12
CA ARG A 186 23.43 -28.23 -15.47
C ARG A 186 22.50 -29.05 -16.37
N PRO A 187 21.20 -28.84 -16.28
CA PRO A 187 20.27 -29.60 -17.13
C PRO A 187 20.47 -29.26 -18.60
N LYS A 188 20.15 -30.22 -19.48
CA LYS A 188 20.22 -29.94 -20.91
C LYS A 188 19.21 -28.87 -21.26
N PHE A 189 19.65 -27.83 -21.96
CA PHE A 189 18.73 -26.74 -22.26
C PHE A 189 19.27 -25.94 -23.43
N ASN A 190 18.44 -25.79 -24.46
CA ASN A 190 18.81 -24.95 -25.60
C ASN A 190 17.84 -23.78 -25.66
N LEU A 191 18.36 -22.57 -25.45
CA LEU A 191 17.48 -21.41 -25.36
C LEU A 191 16.65 -21.22 -26.63
N ALA A 192 17.23 -21.46 -27.81
CA ALA A 192 16.49 -21.18 -29.04
C ALA A 192 15.32 -22.15 -29.25
N ASN A 193 15.50 -23.41 -28.86
CA ASN A 193 14.50 -24.44 -29.17
C ASN A 193 13.59 -24.83 -28.01
N ASP A 194 14.06 -24.73 -26.76
CA ASP A 194 13.34 -25.31 -25.63
C ASP A 194 12.42 -24.29 -24.98
N SER A 195 11.28 -24.77 -24.50
CA SER A 195 10.40 -23.97 -23.67
C SER A 195 11.00 -23.81 -22.27
N ILE A 196 10.73 -22.66 -21.64
CA ILE A 196 11.08 -22.50 -20.23
C ILE A 196 9.82 -22.08 -19.49
N LYS A 197 9.45 -22.87 -18.49
CA LYS A 197 8.34 -22.58 -17.61
C LYS A 197 8.95 -22.32 -16.24
N ILE A 198 8.66 -21.16 -15.67
CA ILE A 198 9.46 -20.56 -14.59
C ILE A 198 8.63 -20.49 -13.32
N TYR A 199 9.16 -21.07 -12.25
CA TYR A 199 8.54 -20.99 -10.95
C TYR A 199 9.27 -19.89 -10.19
N GLU A 200 8.59 -18.79 -9.95
CA GLU A 200 9.17 -17.63 -9.28
C GLU A 200 9.04 -17.83 -7.76
N ALA A 201 10.16 -17.83 -7.02
CA ALA A 201 10.15 -18.23 -5.61
C ALA A 201 11.04 -17.31 -4.78
N HIS A 202 10.77 -17.30 -3.48
CA HIS A 202 11.46 -16.47 -2.48
C HIS A 202 11.71 -17.38 -1.30
N ILE A 203 12.98 -17.56 -0.94
CA ILE A 203 13.35 -18.60 0.04
C ILE A 203 12.66 -18.35 1.38
N GLY A 204 12.69 -17.10 1.83
CA GLY A 204 12.29 -16.79 3.19
C GLY A 204 10.84 -17.12 3.46
N ILE A 205 9.97 -16.90 2.47
CA ILE A 205 8.54 -17.15 2.67
C ILE A 205 8.14 -18.57 2.31
N SER A 206 9.09 -19.46 2.04
CA SER A 206 8.72 -20.75 1.42
C SER A 206 8.30 -21.83 2.44
N SER A 207 7.79 -21.46 3.60
CA SER A 207 7.28 -22.45 4.54
C SER A 207 5.96 -21.93 5.09
N PRO A 208 5.16 -22.81 5.72
CA PRO A 208 3.92 -22.35 6.37
C PRO A 208 4.16 -21.59 7.66
N GLU A 209 5.38 -21.51 8.13
CA GLU A 209 5.62 -20.87 9.41
C GLU A 209 5.87 -19.38 9.23
N PRO A 210 5.47 -18.58 10.23
CA PRO A 210 5.73 -17.12 10.16
C PRO A 210 7.16 -16.81 10.55
N LYS A 211 8.08 -17.10 9.65
CA LYS A 211 9.51 -16.97 9.97
C LYS A 211 10.25 -16.79 8.64
N VAL A 212 11.54 -16.50 8.74
CA VAL A 212 12.41 -16.56 7.57
C VAL A 212 12.84 -18.01 7.40
N ALA A 213 12.30 -18.69 6.40
CA ALA A 213 12.69 -20.08 6.15
C ALA A 213 14.04 -20.12 5.46
N SER A 214 14.66 -21.30 5.47
CA SER A 214 16.07 -21.39 5.14
C SER A 214 16.32 -21.99 3.77
N TYR A 215 17.55 -21.80 3.27
CA TYR A 215 17.98 -22.49 2.04
C TYR A 215 17.77 -24.00 2.15
N LYS A 216 18.24 -24.58 3.25
CA LYS A 216 18.11 -26.03 3.46
C LYS A 216 16.66 -26.48 3.44
N GLU A 217 15.75 -25.68 4.03
CA GLU A 217 14.35 -26.07 4.03
C GLU A 217 13.78 -26.04 2.63
N PHE A 218 14.19 -25.05 1.83
CA PHE A 218 13.74 -24.99 0.46
C PHE A 218 14.20 -26.21 -0.29
N THR A 219 15.48 -26.55 -0.13
CA THR A 219 16.02 -27.72 -0.82
C THR A 219 15.23 -28.97 -0.44
N GLN A 220 14.94 -29.14 0.84
CA GLN A 220 14.31 -30.37 1.31
C GLN A 220 12.81 -30.40 1.01
N ASN A 221 12.10 -29.29 1.18
CA ASN A 221 10.65 -29.32 1.19
C ASN A 221 9.98 -28.67 -0.02
N VAL A 222 10.64 -27.76 -0.72
CA VAL A 222 10.00 -27.04 -1.82
C VAL A 222 10.47 -27.56 -3.16
N LEU A 223 11.77 -27.84 -3.34
CA LEU A 223 12.22 -28.39 -4.61
C LEU A 223 11.38 -29.57 -5.07
N PRO A 224 11.05 -30.59 -4.23
CA PRO A 224 10.20 -31.67 -4.72
C PRO A 224 8.84 -31.21 -5.20
N ARG A 225 8.27 -30.18 -4.59
CA ARG A 225 6.99 -29.68 -5.06
C ARG A 225 7.12 -29.09 -6.46
N ILE A 226 8.25 -28.41 -6.73
CA ILE A 226 8.44 -27.76 -8.03
C ILE A 226 8.69 -28.80 -9.08
N LYS A 227 9.47 -29.84 -8.74
CA LYS A 227 9.65 -30.97 -9.65
C LYS A 227 8.32 -31.65 -9.97
N HIS A 228 7.49 -31.88 -8.94
CA HIS A 228 6.17 -32.47 -9.20
C HIS A 228 5.37 -31.61 -10.19
N LEU A 229 5.48 -30.28 -10.09
CA LEU A 229 4.72 -29.38 -10.95
C LEU A 229 5.25 -29.35 -12.37
N GLY A 230 6.49 -29.79 -12.58
CA GLY A 230 6.99 -29.84 -13.95
C GLY A 230 7.54 -28.54 -14.47
N TYR A 231 7.87 -27.58 -13.59
CA TYR A 231 8.50 -26.34 -14.06
C TYR A 231 9.92 -26.62 -14.55
N ASP A 232 10.34 -25.87 -15.58
CA ASP A 232 11.67 -26.06 -16.14
C ASP A 232 12.73 -25.30 -15.37
N ALA A 233 12.33 -24.26 -14.64
CA ALA A 233 13.27 -23.31 -14.08
C ALA A 233 12.64 -22.71 -12.85
N ILE A 234 13.50 -22.30 -11.92
CA ILE A 234 13.12 -21.53 -10.75
C ILE A 234 13.77 -20.15 -10.86
N GLN A 235 12.98 -19.10 -10.64
CA GLN A 235 13.47 -17.73 -10.56
C GLN A 235 13.58 -17.38 -9.07
N LEU A 236 14.80 -17.30 -8.55
CA LEU A 236 15.00 -17.00 -7.12
C LEU A 236 15.05 -15.49 -6.95
N MET A 237 14.06 -14.94 -6.26
CA MET A 237 14.05 -13.54 -5.87
C MET A 237 14.88 -13.35 -4.60
N ALA A 238 15.27 -12.10 -4.34
CA ALA A 238 15.77 -11.68 -3.02
C ALA A 238 16.94 -12.53 -2.54
N ILE A 239 17.87 -12.84 -3.43
CA ILE A 239 19.09 -13.54 -3.05
C ILE A 239 20.26 -12.58 -2.79
N MET A 240 20.50 -11.60 -3.65
CA MET A 240 21.52 -10.59 -3.31
C MET A 240 21.20 -9.93 -1.97
N GLU A 241 22.22 -9.81 -1.10
CA GLU A 241 21.98 -9.35 0.27
C GLU A 241 21.25 -8.03 0.32
N HIS A 242 20.30 -7.94 1.22
CA HIS A 242 19.52 -6.73 1.42
C HIS A 242 19.20 -6.67 2.90
N ALA A 243 19.47 -5.53 3.53
CA ALA A 243 19.25 -5.46 4.97
C ALA A 243 17.76 -5.35 5.29
N TYR A 244 16.95 -4.78 4.40
CA TYR A 244 15.54 -4.54 4.69
C TYR A 244 14.73 -5.65 4.02
N TYR A 245 14.30 -6.64 4.82
CA TYR A 245 13.59 -7.80 4.31
C TYR A 245 12.35 -7.42 3.50
N ALA A 246 11.60 -6.43 3.98
CA ALA A 246 10.37 -6.08 3.26
C ALA A 246 10.64 -5.37 1.93
N SER A 247 11.90 -5.12 1.56
CA SER A 247 12.17 -4.63 0.22
C SER A 247 11.96 -5.71 -0.85
N PHE A 248 11.70 -6.95 -0.45
CA PHE A 248 11.52 -8.04 -1.40
C PHE A 248 12.79 -8.32 -2.18
N GLY A 249 13.94 -7.87 -1.65
CA GLY A 249 15.22 -8.07 -2.32
C GLY A 249 15.69 -6.92 -3.18
N TYR A 250 14.89 -5.85 -3.32
CA TYR A 250 15.20 -4.79 -4.27
C TYR A 250 16.12 -3.69 -3.76
N GLN A 251 16.40 -3.62 -2.47
CA GLN A 251 17.30 -2.63 -1.90
C GLN A 251 18.60 -3.35 -1.56
N VAL A 252 19.50 -3.47 -2.54
CA VAL A 252 20.65 -4.34 -2.36
C VAL A 252 21.76 -3.56 -1.61
N THR A 253 22.33 -4.21 -0.59
CA THR A 253 23.42 -3.64 0.19
C THR A 253 24.78 -4.24 -0.17
N ASN A 254 24.85 -5.54 -0.44
CA ASN A 254 26.12 -6.23 -0.65
C ASN A 254 25.96 -7.13 -1.88
N PHE A 255 26.43 -6.63 -3.03
CA PHE A 255 26.12 -7.21 -4.33
C PHE A 255 26.70 -8.60 -4.49
N PHE A 256 27.80 -8.92 -3.81
CA PHE A 256 28.45 -10.19 -3.97
C PHE A 256 28.15 -11.16 -2.84
N ALA A 257 27.26 -10.78 -1.93
CA ALA A 257 26.89 -11.65 -0.80
C ALA A 257 25.48 -12.21 -1.02
N ILE A 258 25.36 -13.53 -1.11
CA ILE A 258 24.02 -14.11 -1.06
C ILE A 258 23.49 -13.91 0.35
N SER A 259 22.19 -13.66 0.45
CA SER A 259 21.58 -13.21 1.71
C SER A 259 21.79 -14.24 2.83
N SER A 260 22.23 -13.76 4.00
CA SER A 260 22.61 -14.65 5.09
C SER A 260 21.43 -15.05 5.96
N ARG A 261 20.31 -14.32 5.87
CA ARG A 261 19.14 -14.67 6.67
C ARG A 261 18.59 -16.05 6.32
N TYR A 262 18.90 -16.59 5.12
CA TYR A 262 18.44 -17.95 4.78
C TYR A 262 19.49 -19.03 5.01
N GLY A 263 20.75 -18.66 5.34
CA GLY A 263 21.81 -19.64 5.57
C GLY A 263 23.13 -19.23 4.91
N THR A 264 24.00 -20.22 4.69
CA THR A 264 25.35 -19.96 4.23
C THR A 264 25.48 -20.11 2.72
N PRO A 265 26.59 -19.61 2.14
CA PRO A 265 26.80 -19.82 0.70
C PRO A 265 26.79 -21.30 0.31
N GLU A 266 27.29 -22.15 1.19
CA GLU A 266 27.34 -23.57 0.87
C GLU A 266 25.92 -24.16 0.87
N ASP A 267 25.00 -23.61 1.67
CA ASP A 267 23.63 -24.09 1.68
C ASP A 267 22.95 -23.75 0.35
N LEU A 268 23.26 -22.56 -0.17
CA LEU A 268 22.65 -22.14 -1.42
C LEU A 268 23.25 -22.94 -2.59
N LYS A 269 24.55 -23.23 -2.52
CA LYS A 269 25.14 -24.05 -3.57
C LYS A 269 24.47 -25.41 -3.61
N GLU A 270 24.27 -26.02 -2.45
CA GLU A 270 23.59 -27.30 -2.38
C GLU A 270 22.18 -27.22 -2.96
N LEU A 271 21.48 -26.11 -2.69
CA LEU A 271 20.15 -25.92 -3.21
C LEU A 271 20.15 -25.94 -4.75
N ILE A 272 21.11 -25.25 -5.35
CA ILE A 272 21.16 -25.14 -6.81
C ILE A 272 21.62 -26.46 -7.43
N ASP A 273 22.64 -27.09 -6.84
CA ASP A 273 23.05 -28.44 -7.25
C ASP A 273 21.88 -29.43 -7.20
N THR A 274 21.06 -29.38 -6.15
CA THR A 274 19.93 -30.31 -6.06
C THR A 274 18.90 -30.01 -7.13
N ALA A 275 18.62 -28.72 -7.36
CA ALA A 275 17.70 -28.38 -8.45
C ALA A 275 18.21 -28.94 -9.76
N HIS A 276 19.51 -28.80 -10.00
CA HIS A 276 20.10 -29.31 -11.23
C HIS A 276 19.95 -30.81 -11.34
N SER A 277 20.16 -31.54 -10.23
CA SER A 277 19.97 -32.98 -10.21
C SER A 277 18.55 -33.39 -10.62
N MET A 278 17.56 -32.56 -10.34
CA MET A 278 16.19 -32.81 -10.73
C MET A 278 15.84 -32.28 -12.11
N GLY A 279 16.81 -31.79 -12.87
CA GLY A 279 16.55 -31.28 -14.21
C GLY A 279 16.06 -29.85 -14.27
N ILE A 280 16.21 -29.07 -13.20
CA ILE A 280 15.58 -27.74 -13.10
C ILE A 280 16.68 -26.69 -13.13
N LEU A 281 16.54 -25.70 -14.03
CA LEU A 281 17.43 -24.56 -14.07
C LEU A 281 17.11 -23.59 -12.94
N VAL A 282 18.11 -22.81 -12.52
CA VAL A 282 17.90 -21.82 -11.47
C VAL A 282 18.41 -20.47 -11.97
N LEU A 283 17.54 -19.47 -11.93
CA LEU A 283 17.79 -18.11 -12.38
C LEU A 283 17.86 -17.20 -11.17
N LEU A 284 18.63 -16.12 -11.26
CA LEU A 284 18.78 -15.17 -10.16
C LEU A 284 18.10 -13.86 -10.52
N ASP A 285 17.35 -13.28 -9.58
CA ASP A 285 16.95 -11.87 -9.71
C ASP A 285 18.21 -11.01 -9.53
N VAL A 286 18.60 -10.29 -10.56
CA VAL A 286 19.74 -9.37 -10.47
C VAL A 286 19.22 -7.94 -10.40
N ILE A 287 19.63 -7.21 -9.36
CA ILE A 287 19.20 -5.83 -9.24
C ILE A 287 20.45 -4.98 -9.52
N HIS A 288 20.62 -4.60 -10.79
CA HIS A 288 21.72 -3.71 -11.16
C HIS A 288 21.22 -2.33 -11.53
N SER A 289 19.95 -2.04 -11.26
CA SER A 289 19.30 -0.78 -11.64
C SER A 289 19.50 0.33 -10.62
N HIS A 290 19.93 0.00 -9.40
CA HIS A 290 20.06 0.96 -8.31
C HIS A 290 20.65 0.19 -7.12
N ALA A 291 21.01 0.94 -6.08
CA ALA A 291 21.57 0.37 -4.86
C ALA A 291 20.91 1.03 -3.67
N SER A 292 20.86 0.30 -2.55
CA SER A 292 20.43 0.93 -1.32
C SER A 292 21.28 2.17 -0.99
N LYS A 293 20.63 3.17 -0.40
CA LYS A 293 21.30 4.38 0.08
C LYS A 293 22.11 4.16 1.35
N ASN A 294 22.16 2.94 1.89
CA ASN A 294 22.92 2.70 3.11
C ASN A 294 24.39 3.02 2.87
N SER A 295 25.01 3.74 3.80
CA SER A 295 26.46 3.75 3.91
C SER A 295 26.90 2.70 4.92
N GLU A 296 28.19 2.44 4.91
CA GLU A 296 28.89 1.51 5.79
C GLU A 296 28.57 0.06 5.44
N ASP A 297 27.31 -0.40 5.55
CA ASP A 297 27.02 -1.72 5.00
C ASP A 297 26.55 -1.68 3.55
N GLY A 298 26.51 -0.51 2.94
CA GLY A 298 26.25 -0.40 1.50
C GLY A 298 27.34 0.38 0.81
N LEU A 299 27.07 0.79 -0.43
CA LEU A 299 28.09 1.42 -1.24
C LEU A 299 27.98 2.94 -1.23
N ASN A 300 26.95 3.49 -0.60
CA ASN A 300 26.79 4.93 -0.61
C ASN A 300 27.96 5.58 0.12
N MET A 301 28.59 6.56 -0.56
CA MET A 301 29.77 7.26 -0.04
C MET A 301 30.87 6.30 0.40
N PHE A 302 31.00 5.17 -0.31
CA PHE A 302 31.96 4.12 0.05
C PHE A 302 33.34 4.68 0.37
N ASP A 303 33.93 5.45 -0.54
CA ASP A 303 35.28 5.97 -0.36
C ASP A 303 35.28 7.39 0.22
N GLY A 304 34.18 7.81 0.84
CA GLY A 304 34.05 9.17 1.33
C GLY A 304 33.58 10.18 0.31
N SER A 305 33.56 9.84 -0.98
CA SER A 305 33.20 10.80 -2.01
C SER A 305 31.81 10.50 -2.55
N ASP A 306 31.22 11.50 -3.23
CA ASP A 306 29.93 11.33 -3.87
C ASP A 306 30.05 11.15 -5.39
N HIS A 307 31.13 10.55 -5.87
CA HIS A 307 31.20 10.22 -7.29
C HIS A 307 32.15 9.02 -7.49
N GLN A 308 31.86 7.92 -6.82
CA GLN A 308 32.59 6.71 -7.09
C GLN A 308 31.66 5.75 -7.82
N TYR A 309 30.82 5.00 -7.11
CA TYR A 309 29.90 4.05 -7.76
C TYR A 309 28.71 4.75 -8.44
N PHE A 310 28.29 5.88 -7.90
CA PHE A 310 27.04 6.52 -8.27
C PHE A 310 27.23 7.90 -8.87
N HIS A 311 26.28 8.32 -9.71
CA HIS A 311 26.20 9.71 -10.11
C HIS A 311 25.95 10.53 -8.86
N SER A 312 26.57 11.70 -8.79
CA SER A 312 26.51 12.50 -7.59
C SER A 312 25.10 13.04 -7.36
N LEU A 313 24.84 13.45 -6.12
CA LEU A 313 23.58 14.08 -5.78
C LEU A 313 23.42 15.42 -6.48
N THR A 314 24.51 16.15 -6.69
CA THR A 314 24.39 17.43 -7.36
C THR A 314 24.27 17.30 -8.88
N SER A 315 24.58 16.14 -9.44
CA SER A 315 24.45 15.95 -10.88
C SER A 315 22.99 15.89 -11.33
N GLY A 316 22.05 15.70 -10.40
CA GLY A 316 20.67 15.45 -10.74
C GLY A 316 20.39 14.07 -11.28
N ARG A 317 21.41 13.24 -11.50
CA ARG A 317 21.25 11.89 -12.02
C ARG A 317 21.58 10.82 -10.98
N GLY A 318 21.61 11.18 -9.69
CA GLY A 318 22.19 10.30 -8.70
C GLY A 318 21.27 9.57 -7.74
N GLU A 319 20.01 9.97 -7.65
CA GLU A 319 19.07 9.27 -6.78
C GLU A 319 17.74 9.04 -7.50
N HIS A 320 17.09 7.94 -7.13
CA HIS A 320 15.84 7.57 -7.75
C HIS A 320 14.72 8.50 -7.26
N PRO A 321 13.77 8.85 -8.13
CA PRO A 321 12.68 9.74 -7.70
C PRO A 321 11.71 9.09 -6.72
N LEU A 322 11.73 7.77 -6.57
CA LEU A 322 10.76 7.12 -5.70
C LEU A 322 11.41 6.12 -4.74
N TRP A 323 12.49 5.46 -5.15
CA TRP A 323 13.00 4.32 -4.40
C TRP A 323 13.93 4.68 -3.24
N ASP A 324 14.40 5.93 -3.14
CA ASP A 324 15.33 6.30 -2.07
C ASP A 324 16.55 5.38 -2.10
N SER A 325 17.27 5.52 -3.21
CA SER A 325 18.29 4.60 -3.69
C SER A 325 19.26 5.44 -4.51
N ARG A 326 20.46 4.92 -4.72
CA ARG A 326 21.45 5.61 -5.53
C ARG A 326 21.55 4.96 -6.91
N LEU A 327 21.90 5.76 -7.91
CA LEU A 327 21.94 5.35 -9.30
C LEU A 327 23.39 5.23 -9.78
N PHE A 328 23.72 4.06 -10.34
CA PHE A 328 25.07 3.75 -10.78
C PHE A 328 25.53 4.68 -11.90
N ASN A 329 26.83 4.99 -11.87
CA ASN A 329 27.51 5.61 -13.01
C ASN A 329 28.04 4.49 -13.90
N TYR A 330 27.20 4.03 -14.85
CA TYR A 330 27.60 2.95 -15.77
C TYR A 330 28.76 3.35 -16.69
N GLY A 331 29.00 4.63 -16.86
CA GLY A 331 30.17 5.06 -17.65
C GLY A 331 31.52 4.97 -16.94
N SER A 332 31.55 4.66 -15.64
CA SER A 332 32.82 4.45 -14.97
C SER A 332 33.35 3.05 -15.24
N PHE A 333 34.60 2.95 -15.70
CA PHE A 333 35.14 1.63 -16.02
C PHE A 333 35.07 0.67 -14.83
N GLU A 334 35.41 1.15 -13.64
CA GLU A 334 35.42 0.26 -12.48
C GLU A 334 34.01 -0.19 -12.10
N VAL A 335 32.99 0.63 -12.38
CA VAL A 335 31.61 0.22 -12.12
C VAL A 335 31.18 -0.85 -13.12
N GLN A 336 31.61 -0.72 -14.39
CA GLN A 336 31.41 -1.77 -15.38
C GLN A 336 32.09 -3.05 -14.96
N ARG A 337 33.32 -2.95 -14.44
CA ARG A 337 34.00 -4.14 -13.94
C ARG A 337 33.22 -4.77 -12.80
N PHE A 338 32.79 -3.95 -11.84
CA PHE A 338 32.07 -4.42 -10.66
C PHE A 338 30.80 -5.20 -11.05
N LEU A 339 29.99 -4.61 -11.90
CA LEU A 339 28.70 -5.21 -12.28
C LEU A 339 28.89 -6.43 -13.17
N LEU A 340 29.77 -6.33 -14.18
CA LEU A 340 29.97 -7.49 -15.05
C LEU A 340 30.61 -8.65 -14.29
N ALA A 341 31.56 -8.36 -13.39
CA ALA A 341 32.13 -9.43 -12.58
C ALA A 341 31.07 -10.08 -11.71
N ASN A 342 30.13 -9.28 -11.21
CA ASN A 342 29.05 -9.79 -10.38
C ASN A 342 28.25 -10.86 -11.13
N LEU A 343 27.99 -10.63 -12.42
CA LEU A 343 27.23 -11.60 -13.21
C LEU A 343 28.02 -12.90 -13.37
N ALA A 344 29.32 -12.79 -13.72
CA ALA A 344 30.13 -14.00 -13.87
C ALA A 344 30.29 -14.74 -12.53
N TYR A 345 30.38 -14.00 -11.43
CA TYR A 345 30.49 -14.60 -10.11
C TYR A 345 29.29 -15.52 -9.84
N TYR A 346 28.07 -15.01 -10.10
CA TYR A 346 26.86 -15.80 -9.81
C TYR A 346 26.69 -16.97 -10.77
N ILE A 347 27.05 -16.80 -12.04
CA ILE A 347 27.01 -17.94 -12.96
C ILE A 347 28.06 -18.98 -12.56
N ASP A 348 29.26 -18.54 -12.22
CA ASP A 348 30.37 -19.46 -12.04
C ASP A 348 30.40 -20.07 -10.63
N VAL A 349 30.29 -19.23 -9.60
CA VAL A 349 30.54 -19.71 -8.22
C VAL A 349 29.28 -20.40 -7.69
N TYR A 350 28.09 -19.94 -8.07
CA TYR A 350 26.86 -20.56 -7.59
C TYR A 350 26.14 -21.39 -8.64
N GLN A 351 26.58 -21.35 -9.90
CA GLN A 351 26.00 -22.17 -10.99
C GLN A 351 24.54 -21.80 -11.25
N PHE A 352 24.20 -20.53 -11.04
CA PHE A 352 22.97 -20.05 -11.62
C PHE A 352 23.05 -20.21 -13.14
N ASP A 353 21.87 -20.35 -13.76
CA ASP A 353 21.81 -20.59 -15.20
C ASP A 353 21.40 -19.37 -16.01
N GLY A 354 21.19 -18.23 -15.38
CA GLY A 354 20.75 -17.03 -16.05
C GLY A 354 20.14 -16.08 -15.06
N PHE A 355 19.57 -15.02 -15.59
CA PHE A 355 19.20 -13.89 -14.76
C PHE A 355 17.89 -13.29 -15.19
N ARG A 356 17.21 -12.68 -14.25
CA ARG A 356 16.21 -11.68 -14.55
C ARG A 356 16.74 -10.34 -14.06
N PHE A 357 16.85 -9.34 -14.97
CA PHE A 357 17.34 -8.01 -14.62
C PHE A 357 16.13 -7.19 -14.19
N ASP A 358 16.07 -6.84 -12.91
CA ASP A 358 14.97 -6.03 -12.41
C ASP A 358 15.23 -4.55 -12.66
N GLY A 359 14.17 -3.75 -12.69
CA GLY A 359 14.34 -2.32 -12.83
C GLY A 359 14.82 -1.86 -14.19
N VAL A 360 14.56 -2.64 -15.24
CA VAL A 360 15.10 -2.21 -16.54
C VAL A 360 14.47 -0.92 -17.02
N THR A 361 13.18 -0.68 -16.76
CA THR A 361 12.62 0.61 -17.18
C THR A 361 13.30 1.79 -16.47
N SER A 362 13.65 1.62 -15.20
CA SER A 362 14.38 2.67 -14.50
C SER A 362 15.75 2.90 -15.13
N MET A 363 16.42 1.85 -15.59
CA MET A 363 17.73 2.00 -16.21
C MET A 363 17.62 2.71 -17.57
N LEU A 364 16.62 2.33 -18.40
CA LEU A 364 16.62 2.73 -19.81
C LEU A 364 16.43 4.24 -20.01
N TYR A 365 15.70 4.89 -19.12
CA TYR A 365 15.21 6.24 -19.39
C TYR A 365 15.76 7.24 -18.38
N LEU A 366 16.16 8.39 -18.90
CA LEU A 366 16.76 9.42 -18.06
C LEU A 366 15.81 9.87 -16.96
N HIS A 367 14.50 9.76 -17.17
CA HIS A 367 13.55 10.05 -16.10
C HIS A 367 12.96 8.78 -15.48
N HIS A 368 13.56 7.62 -15.76
CA HIS A 368 13.26 6.35 -15.07
C HIS A 368 11.82 5.89 -15.22
N GLY A 369 11.10 6.33 -16.25
CA GLY A 369 9.70 5.93 -16.36
C GLY A 369 8.81 6.59 -15.34
N VAL A 370 9.23 7.77 -14.86
CA VAL A 370 8.63 8.54 -13.77
C VAL A 370 8.45 7.68 -12.52
N GLY A 390 13.61 10.48 -23.24
CA GLY A 390 15.00 10.22 -23.61
C GLY A 390 15.59 8.97 -23.00
N VAL A 391 16.29 8.20 -23.83
CA VAL A 391 16.92 6.96 -23.41
C VAL A 391 18.29 7.26 -22.79
N ASP A 392 18.62 6.54 -21.71
CA ASP A 392 19.92 6.67 -21.04
C ASP A 392 20.88 5.72 -21.74
N HIS A 393 21.72 6.29 -22.61
CA HIS A 393 22.57 5.47 -23.47
C HIS A 393 23.58 4.67 -22.67
N GLU A 394 23.98 5.18 -21.50
CA GLU A 394 25.03 4.51 -20.75
C GLU A 394 24.44 3.29 -20.03
N ALA A 395 23.26 3.44 -19.47
CA ALA A 395 22.62 2.27 -18.83
C ALA A 395 22.26 1.21 -19.86
N LEU A 396 21.80 1.62 -21.05
CA LEU A 396 21.47 0.63 -22.08
C LEU A 396 22.73 -0.08 -22.55
N ALA A 397 23.84 0.65 -22.65
CA ALA A 397 25.08 0.03 -23.12
C ALA A 397 25.57 -0.98 -22.11
N TYR A 398 25.43 -0.68 -20.80
CA TYR A 398 25.76 -1.67 -19.79
C TYR A 398 24.89 -2.94 -19.96
N LEU A 399 23.58 -2.78 -20.15
CA LEU A 399 22.75 -3.98 -20.35
C LEU A 399 23.17 -4.75 -21.60
N MET A 400 23.61 -4.04 -22.65
CA MET A 400 24.08 -4.75 -23.82
C MET A 400 25.34 -5.54 -23.54
N LEU A 401 26.28 -4.95 -22.79
CA LEU A 401 27.44 -5.69 -22.33
C LEU A 401 27.05 -6.86 -21.45
N ALA A 402 26.11 -6.63 -20.53
CA ALA A 402 25.68 -7.70 -19.63
C ALA A 402 25.17 -8.91 -20.42
N ASN A 403 24.43 -8.66 -21.50
CA ASN A 403 23.93 -9.77 -22.30
C ASN A 403 25.06 -10.46 -23.07
N ASP A 404 26.01 -9.68 -23.61
CA ASP A 404 27.16 -10.27 -24.28
C ASP A 404 27.85 -11.26 -23.32
N LEU A 405 28.05 -10.82 -22.09
CA LEU A 405 28.81 -11.62 -21.14
C LEU A 405 28.03 -12.87 -20.76
N VAL A 406 26.76 -12.71 -20.36
CA VAL A 406 26.02 -13.88 -19.90
C VAL A 406 25.88 -14.89 -21.03
N HIS A 407 25.67 -14.43 -22.26
CA HIS A 407 25.51 -15.40 -23.34
C HIS A 407 26.85 -16.04 -23.72
N ASP A 408 27.97 -15.33 -23.50
CA ASP A 408 29.29 -15.94 -23.66
C ASP A 408 29.58 -16.97 -22.56
N LEU A 409 29.08 -16.73 -21.34
CA LEU A 409 29.38 -17.66 -20.23
C LEU A 409 28.75 -19.03 -20.43
N LEU A 410 27.55 -19.09 -21.01
CA LEU A 410 26.81 -20.34 -21.18
C LEU A 410 26.25 -20.36 -22.60
N PRO A 411 27.08 -20.66 -23.59
CA PRO A 411 26.67 -20.47 -24.99
C PRO A 411 25.49 -21.36 -25.35
N GLU A 412 24.46 -20.74 -25.94
CA GLU A 412 23.22 -21.38 -26.43
C GLU A 412 22.28 -21.82 -25.33
N SER A 413 22.71 -21.72 -24.06
CA SER A 413 21.93 -22.12 -22.87
C SER A 413 21.50 -20.95 -22.02
N ALA A 414 22.34 -19.91 -21.88
CA ALA A 414 22.11 -18.83 -20.92
C ALA A 414 20.77 -18.15 -21.19
N VAL A 415 20.07 -17.76 -20.12
CA VAL A 415 18.81 -17.04 -20.21
C VAL A 415 18.96 -15.67 -19.57
N THR A 416 18.55 -14.62 -20.27
CA THR A 416 18.38 -13.33 -19.64
C THR A 416 16.97 -12.83 -19.89
N ILE A 417 16.42 -12.18 -18.88
CA ILE A 417 15.02 -11.77 -18.91
C ILE A 417 15.01 -10.35 -18.38
N ALA A 418 14.26 -9.47 -19.06
CA ALA A 418 14.18 -8.09 -18.64
C ALA A 418 12.84 -7.83 -17.96
N GLU A 419 12.87 -7.15 -16.81
CA GLU A 419 11.68 -6.53 -16.23
C GLU A 419 11.60 -5.10 -16.75
N ASP A 420 10.89 -4.93 -17.86
CA ASP A 420 10.79 -3.64 -18.55
C ASP A 420 9.33 -3.31 -18.81
N VAL A 421 8.75 -2.45 -17.98
CA VAL A 421 7.33 -2.17 -18.17
C VAL A 421 7.09 -1.38 -19.44
N SER A 422 8.10 -0.63 -19.93
CA SER A 422 7.87 0.28 -21.04
C SER A 422 7.72 -0.42 -22.38
N GLY A 423 8.22 -1.63 -22.53
CA GLY A 423 8.22 -2.27 -23.84
C GLY A 423 9.17 -1.64 -24.85
N TYR A 424 10.38 -1.27 -24.42
CA TYR A 424 11.38 -0.61 -25.26
C TYR A 424 11.66 -1.44 -26.50
N PRO A 425 11.36 -0.93 -27.70
CA PRO A 425 11.63 -1.70 -28.92
C PRO A 425 13.09 -2.03 -29.09
N THR A 426 13.38 -3.27 -29.50
CA THR A 426 14.68 -3.88 -29.72
C THR A 426 15.31 -4.42 -28.45
N LEU A 427 14.71 -4.21 -27.28
CA LEU A 427 15.29 -4.73 -26.04
C LEU A 427 15.61 -6.23 -26.16
N CYS A 428 14.68 -7.04 -26.71
CA CYS A 428 14.94 -8.47 -26.86
C CYS A 428 15.26 -8.92 -28.28
N LEU A 429 15.80 -8.04 -29.12
CA LEU A 429 16.43 -8.53 -30.35
C LEU A 429 17.91 -8.79 -30.11
N PRO A 430 18.55 -9.63 -30.93
CA PRO A 430 19.95 -9.95 -30.70
C PRO A 430 20.88 -8.74 -30.84
N ARG A 431 21.99 -8.78 -30.09
CA ARG A 431 22.94 -7.69 -30.19
C ARG A 431 23.44 -7.49 -31.61
N THR A 432 23.68 -8.57 -32.37
CA THR A 432 24.21 -8.38 -33.73
C THR A 432 23.21 -7.72 -34.68
N ALA A 433 21.92 -7.78 -34.34
CA ALA A 433 20.88 -7.12 -35.11
C ALA A 433 20.77 -5.64 -34.77
N GLY A 434 21.42 -5.20 -33.69
CA GLY A 434 21.27 -3.87 -33.16
C GLY A 434 20.40 -3.76 -31.91
N GLY A 435 20.05 -4.88 -31.26
CA GLY A 435 19.15 -4.84 -30.14
C GLY A 435 19.88 -4.92 -28.79
N GLY A 436 19.08 -4.96 -27.72
CA GLY A 436 19.59 -5.06 -26.35
C GLY A 436 20.17 -6.41 -26.00
N GLY A 437 19.76 -7.48 -26.71
CA GLY A 437 20.35 -8.78 -26.46
C GLY A 437 19.64 -9.61 -25.41
N PHE A 438 18.56 -9.11 -24.81
CA PHE A 438 17.76 -9.95 -23.91
C PHE A 438 17.06 -11.06 -24.68
N ASP A 439 16.92 -12.20 -23.99
CA ASP A 439 16.19 -13.32 -24.55
C ASP A 439 14.68 -13.13 -24.42
N TYR A 440 14.24 -12.65 -23.26
CA TYR A 440 12.82 -12.47 -22.98
C TYR A 440 12.58 -11.17 -22.24
N ARG A 441 11.39 -10.62 -22.39
CA ARG A 441 10.87 -9.62 -21.46
C ARG A 441 9.64 -10.19 -20.77
N LEU A 442 9.36 -9.69 -19.57
CA LEU A 442 8.11 -10.01 -18.88
C LEU A 442 6.92 -9.33 -19.57
N ALA A 443 5.80 -10.08 -19.63
CA ALA A 443 4.55 -9.53 -20.20
C ALA A 443 3.78 -8.81 -19.10
N MET A 444 4.32 -7.66 -18.68
CA MET A 444 3.88 -7.13 -17.40
C MET A 444 2.52 -6.47 -17.47
N ALA A 445 1.99 -6.23 -18.66
CA ALA A 445 0.61 -5.76 -18.76
C ALA A 445 -0.43 -6.88 -18.61
N LEU A 446 -0.03 -8.15 -18.68
CA LEU A 446 -1.13 -9.11 -18.77
C LEU A 446 -1.95 -9.25 -17.48
N PRO A 447 -1.37 -9.22 -16.27
CA PRO A 447 -2.23 -9.39 -15.08
C PRO A 447 -3.35 -8.36 -15.00
N ASP A 448 -3.12 -7.13 -15.47
CA ASP A 448 -4.14 -6.09 -15.30
C ASP A 448 -5.33 -6.33 -16.22
N MET A 449 -5.12 -7.00 -17.36
CA MET A 449 -6.25 -7.36 -18.20
C MET A 449 -7.21 -8.27 -17.46
N TRP A 450 -6.69 -9.26 -16.73
CA TRP A 450 -7.58 -10.18 -16.01
C TRP A 450 -8.25 -9.48 -14.84
N ILE A 451 -7.56 -8.55 -14.20
CA ILE A 451 -8.11 -7.87 -13.05
C ILE A 451 -9.23 -6.95 -13.49
N LYS A 452 -9.02 -6.21 -14.60
CA LYS A 452 -10.07 -5.32 -15.09
C LYS A 452 -11.32 -6.09 -15.49
N LEU A 453 -11.18 -7.25 -16.15
CA LEU A 453 -12.36 -8.05 -16.47
C LEU A 453 -13.10 -8.48 -15.21
N LEU A 454 -12.38 -9.12 -14.27
CA LEU A 454 -13.00 -9.60 -13.04
C LEU A 454 -13.59 -8.48 -12.20
N LYS A 455 -13.01 -7.30 -12.26
CA LYS A 455 -13.46 -6.21 -11.40
C LYS A 455 -14.53 -5.35 -12.03
N THR A 456 -14.52 -5.18 -13.36
CA THR A 456 -15.39 -4.20 -14.01
C THR A 456 -16.47 -4.79 -14.92
N LYS A 457 -16.26 -5.99 -15.48
CA LYS A 457 -17.22 -6.54 -16.44
C LYS A 457 -17.96 -7.76 -15.89
N GLN A 458 -19.25 -7.82 -16.18
CA GLN A 458 -20.01 -9.02 -15.89
C GLN A 458 -19.56 -10.13 -16.85
N ASP A 459 -19.81 -11.38 -16.44
CA ASP A 459 -19.33 -12.53 -17.20
C ASP A 459 -19.96 -12.60 -18.59
N ASP A 460 -21.25 -12.27 -18.71
CA ASP A 460 -21.87 -12.27 -20.04
C ASP A 460 -21.22 -11.24 -20.98
N ASP A 461 -20.45 -10.31 -20.44
CA ASP A 461 -19.94 -9.19 -21.21
C ASP A 461 -18.45 -9.28 -21.50
N TRP A 462 -17.87 -10.48 -21.44
CA TRP A 462 -16.44 -10.62 -21.78
C TRP A 462 -16.29 -10.55 -23.29
N ASP A 463 -15.33 -9.76 -23.73
CA ASP A 463 -15.06 -9.56 -25.15
C ASP A 463 -13.95 -10.51 -25.57
N MET A 464 -14.31 -11.53 -26.35
CA MET A 464 -13.33 -12.55 -26.74
C MET A 464 -12.22 -11.97 -27.61
N GLY A 465 -12.56 -11.07 -28.53
CA GLY A 465 -11.53 -10.47 -29.38
C GLY A 465 -10.55 -9.61 -28.58
N HIS A 466 -11.04 -8.90 -27.57
CA HIS A 466 -10.11 -8.07 -26.81
C HIS A 466 -9.18 -8.94 -25.98
N ILE A 467 -9.65 -10.09 -25.51
CA ILE A 467 -8.78 -11.05 -24.81
C ILE A 467 -7.73 -11.57 -25.76
N VAL A 468 -8.15 -11.93 -26.98
CA VAL A 468 -7.18 -12.50 -27.92
C VAL A 468 -6.19 -11.42 -28.35
N HIS A 469 -6.68 -10.19 -28.58
CA HIS A 469 -5.78 -9.12 -29.01
C HIS A 469 -4.73 -8.83 -27.93
N THR A 470 -5.16 -8.69 -26.68
CA THR A 470 -4.20 -8.35 -25.63
C THR A 470 -3.16 -9.46 -25.48
N LEU A 471 -3.60 -10.73 -25.51
CA LEU A 471 -2.66 -11.82 -25.29
C LEU A 471 -1.67 -11.98 -26.45
N THR A 472 -2.11 -11.69 -27.69
CA THR A 472 -1.26 -11.86 -28.87
C THR A 472 -0.52 -10.59 -29.27
N ASN A 473 -0.74 -9.45 -28.62
CA ASN A 473 -0.08 -8.17 -28.99
C ASN A 473 1.36 -8.14 -28.48
N ARG A 474 2.25 -8.74 -29.27
CA ARG A 474 3.64 -8.93 -28.87
C ARG A 474 4.48 -8.42 -30.01
N ARG A 475 5.60 -7.75 -29.69
CA ARG A 475 6.47 -7.24 -30.75
C ARG A 475 7.12 -8.41 -31.47
N HIS A 476 7.19 -8.29 -32.78
CA HIS A 476 7.83 -9.31 -33.61
C HIS A 476 9.29 -9.54 -33.20
N GLY A 477 9.67 -10.81 -33.07
CA GLY A 477 11.02 -11.17 -32.66
C GLY A 477 11.35 -10.99 -31.19
N GLU A 478 10.49 -10.41 -30.37
CA GLU A 478 10.87 -10.16 -28.97
C GLU A 478 10.06 -11.13 -28.09
N LYS A 479 10.71 -12.21 -27.65
CA LYS A 479 10.02 -13.26 -26.91
C LYS A 479 9.63 -12.78 -25.51
N VAL A 480 8.52 -13.31 -25.01
CA VAL A 480 7.80 -12.76 -23.86
C VAL A 480 7.54 -13.88 -22.86
N VAL A 481 7.76 -13.61 -21.57
CA VAL A 481 7.35 -14.52 -20.48
C VAL A 481 5.94 -14.12 -20.07
N ALA A 482 4.94 -14.95 -20.34
CA ALA A 482 3.58 -14.59 -19.99
C ALA A 482 3.22 -15.16 -18.62
N TYR A 483 2.29 -14.49 -17.93
CA TYR A 483 1.80 -14.90 -16.62
C TYR A 483 0.51 -14.15 -16.38
N CYS A 484 -0.41 -14.77 -15.63
CA CYS A 484 -1.63 -14.06 -15.28
C CYS A 484 -1.51 -13.29 -13.98
N GLU A 485 -0.47 -13.57 -13.18
CA GLU A 485 -0.16 -12.78 -12.00
C GLU A 485 1.27 -13.09 -11.58
N SER A 486 1.87 -12.15 -10.84
CA SER A 486 3.29 -12.19 -10.53
C SER A 486 3.50 -11.76 -9.09
N HIS A 487 4.76 -11.75 -8.64
CA HIS A 487 5.04 -11.32 -7.26
C HIS A 487 4.49 -9.93 -6.96
N ASP A 488 4.48 -9.02 -7.94
CA ASP A 488 3.84 -7.72 -7.74
C ASP A 488 2.40 -7.87 -7.25
N GLN A 489 1.56 -8.55 -8.01
CA GLN A 489 0.14 -8.62 -7.65
C GLN A 489 -0.14 -9.42 -6.36
N ALA A 490 0.76 -10.32 -5.94
CA ALA A 490 0.47 -11.12 -4.73
C ALA A 490 0.60 -10.30 -3.46
N LEU A 491 1.25 -9.14 -3.57
CA LEU A 491 1.64 -8.26 -2.48
C LEU A 491 0.42 -7.55 -1.88
N VAL A 492 0.66 -6.92 -0.73
CA VAL A 492 -0.40 -6.33 0.07
C VAL A 492 -1.14 -5.21 -0.65
N GLY A 493 -0.60 -4.70 -1.75
CA GLY A 493 -1.29 -3.63 -2.47
C GLY A 493 -2.53 -4.09 -3.21
N ASP A 494 -2.62 -5.37 -3.57
CA ASP A 494 -3.64 -5.82 -4.50
C ASP A 494 -4.21 -7.16 -4.04
N LYS A 495 -5.13 -7.72 -4.83
CA LYS A 495 -5.69 -9.05 -4.58
C LYS A 495 -5.25 -10.00 -5.68
N THR A 496 -5.04 -11.27 -5.33
CA THR A 496 -4.67 -12.24 -6.35
C THR A 496 -5.88 -12.59 -7.23
N LEU A 497 -5.65 -13.47 -8.20
CA LEU A 497 -6.79 -14.01 -8.95
C LEU A 497 -7.68 -14.84 -8.04
N ALA A 498 -7.08 -15.57 -7.09
CA ALA A 498 -7.90 -16.37 -6.20
C ALA A 498 -8.81 -15.48 -5.36
N PHE A 499 -8.30 -14.35 -4.88
CA PHE A 499 -9.13 -13.45 -4.07
C PHE A 499 -10.20 -12.77 -4.92
N TRP A 500 -9.86 -12.38 -6.16
CA TRP A 500 -10.88 -11.82 -7.02
C TRP A 500 -11.95 -12.86 -7.34
N LEU A 501 -11.55 -14.12 -7.50
CA LEU A 501 -12.51 -15.13 -7.89
C LEU A 501 -13.25 -15.74 -6.70
N MET A 502 -12.61 -15.90 -5.53
CA MET A 502 -13.21 -16.60 -4.40
C MET A 502 -13.19 -15.86 -3.07
N ASP A 503 -12.77 -14.60 -3.06
CA ASP A 503 -12.68 -13.79 -1.84
C ASP A 503 -11.96 -14.58 -0.75
N ALA A 504 -12.35 -14.35 0.50
CA ALA A 504 -11.68 -14.98 1.63
C ALA A 504 -12.28 -16.36 1.90
N ALA A 505 -12.23 -17.24 0.89
CA ALA A 505 -12.77 -18.58 1.06
C ALA A 505 -11.90 -19.36 2.05
N MET A 506 -12.53 -20.17 2.87
CA MET A 506 -11.88 -20.89 3.95
C MET A 506 -12.01 -22.39 3.73
N TYR A 507 -11.43 -23.18 4.64
CA TYR A 507 -11.46 -24.64 4.47
C TYR A 507 -12.88 -25.17 4.46
N THR A 508 -13.83 -24.43 5.03
CA THR A 508 -15.24 -24.82 4.99
C THR A 508 -15.82 -24.69 3.59
N ASP A 509 -15.39 -23.65 2.86
CA ASP A 509 -15.84 -23.47 1.49
C ASP A 509 -15.12 -24.39 0.53
N MET A 510 -13.93 -24.87 0.89
CA MET A 510 -13.07 -25.60 -0.03
C MET A 510 -13.06 -27.11 0.22
N THR A 511 -13.96 -27.63 1.07
CA THR A 511 -14.04 -29.08 1.22
C THR A 511 -14.56 -29.73 -0.05
N VAL A 512 -13.98 -30.89 -0.40
CA VAL A 512 -14.51 -31.68 -1.51
C VAL A 512 -15.76 -32.48 -1.13
N LEU A 513 -16.11 -32.53 0.14
CA LEU A 513 -17.21 -33.36 0.60
C LEU A 513 -18.57 -32.66 0.52
N LYS A 514 -18.65 -31.52 -0.18
CA LYS A 514 -19.93 -30.90 -0.45
C LYS A 514 -19.84 -30.20 -1.80
N GLU A 515 -20.98 -30.01 -2.45
CA GLU A 515 -20.97 -29.35 -3.75
C GLU A 515 -20.55 -27.90 -3.56
N PRO A 516 -19.66 -27.38 -4.38
CA PRO A 516 -19.25 -25.99 -4.19
C PRO A 516 -20.41 -25.05 -4.47
N THR A 517 -20.40 -23.91 -3.78
CA THR A 517 -21.29 -22.84 -4.16
C THR A 517 -21.04 -22.46 -5.63
N LEU A 518 -21.96 -21.68 -6.20
CA LEU A 518 -21.74 -21.13 -7.54
C LEU A 518 -20.45 -20.34 -7.60
N VAL A 519 -20.18 -19.55 -6.55
CA VAL A 519 -18.98 -18.70 -6.55
C VAL A 519 -17.73 -19.57 -6.62
N ILE A 520 -17.67 -20.58 -5.78
CA ILE A 520 -16.48 -21.41 -5.76
C ILE A 520 -16.36 -22.24 -7.02
N ASP A 521 -17.47 -22.81 -7.49
CA ASP A 521 -17.43 -23.56 -8.74
C ASP A 521 -16.94 -22.69 -9.90
N ARG A 522 -17.41 -21.45 -9.98
CA ARG A 522 -16.94 -20.55 -11.04
C ARG A 522 -15.47 -20.20 -10.85
N GLY A 523 -15.07 -19.93 -9.62
CA GLY A 523 -13.69 -19.56 -9.34
C GLY A 523 -12.69 -20.63 -9.72
N ILE A 524 -12.97 -21.88 -9.39
CA ILE A 524 -12.03 -22.93 -9.71
C ILE A 524 -11.88 -23.09 -11.20
N ALA A 525 -13.00 -23.13 -11.90
CA ALA A 525 -12.94 -23.33 -13.34
C ALA A 525 -12.17 -22.20 -14.02
N LEU A 526 -12.49 -20.94 -13.71
CA LEU A 526 -11.79 -19.83 -14.37
C LEU A 526 -10.33 -19.75 -13.93
N HIS A 527 -10.02 -20.14 -12.69
CA HIS A 527 -8.63 -20.09 -12.26
C HIS A 527 -7.75 -20.94 -13.16
N LYS A 528 -8.24 -22.14 -13.52
CA LYS A 528 -7.54 -23.02 -14.48
C LYS A 528 -7.57 -22.46 -15.90
N MET A 529 -8.70 -21.89 -16.33
CA MET A 529 -8.88 -21.44 -17.71
C MET A 529 -7.99 -20.24 -18.00
N ILE A 530 -7.91 -19.31 -17.04
CA ILE A 530 -7.11 -18.12 -17.20
C ILE A 530 -5.63 -18.50 -17.29
N ARG A 531 -5.18 -19.39 -16.42
CA ARG A 531 -3.80 -19.84 -16.51
C ARG A 531 -3.53 -20.50 -17.87
N LEU A 532 -4.43 -21.36 -18.31
CA LEU A 532 -4.17 -22.11 -19.54
C LEU A 532 -4.16 -21.22 -20.78
N ILE A 533 -5.07 -20.24 -20.87
CA ILE A 533 -5.04 -19.40 -22.07
C ILE A 533 -3.85 -18.44 -22.03
N THR A 534 -3.42 -18.01 -20.83
CA THR A 534 -2.18 -17.22 -20.74
C THR A 534 -0.99 -18.06 -21.20
N HIS A 535 -0.92 -19.30 -20.67
CA HIS A 535 0.14 -20.27 -20.93
C HIS A 535 0.24 -20.65 -22.41
N SER A 536 -0.89 -20.74 -23.12
CA SER A 536 -0.88 -21.24 -24.49
C SER A 536 -0.92 -20.14 -25.54
N LEU A 537 -1.54 -19.00 -25.25
CA LEU A 537 -1.74 -17.95 -26.24
C LEU A 537 -0.88 -16.71 -26.01
N GLY A 538 -0.48 -16.44 -24.76
CA GLY A 538 0.05 -15.15 -24.32
C GLY A 538 1.53 -14.93 -24.43
N GLY A 539 2.33 -15.94 -24.73
CA GLY A 539 3.75 -15.64 -24.77
C GLY A 539 4.54 -16.81 -25.27
N GLU A 540 5.86 -16.66 -25.18
CA GLU A 540 6.80 -17.69 -25.58
C GLU A 540 7.38 -18.44 -24.39
N ALA A 541 7.07 -17.99 -23.18
CA ALA A 541 7.53 -18.61 -21.95
C ALA A 541 6.45 -18.33 -20.91
N TYR A 542 6.53 -19.03 -19.76
CA TYR A 542 5.51 -18.92 -18.74
C TYR A 542 6.13 -18.71 -17.37
N LEU A 543 5.42 -17.96 -16.52
CA LEU A 543 5.89 -17.73 -15.16
C LEU A 543 4.70 -17.93 -14.22
N ASN A 544 4.99 -18.51 -13.05
CA ASN A 544 4.04 -18.69 -11.96
C ASN A 544 4.67 -18.24 -10.64
N PHE A 545 3.98 -17.38 -9.90
CA PHE A 545 4.54 -16.98 -8.60
C PHE A 545 4.09 -17.95 -7.51
N GLU A 546 5.06 -18.39 -6.72
CA GLU A 546 4.95 -19.32 -5.60
C GLU A 546 3.62 -19.26 -4.83
N GLY A 547 2.83 -20.33 -4.91
CA GLY A 547 1.54 -20.40 -4.25
C GLY A 547 0.36 -20.19 -5.18
N ASN A 548 0.53 -19.43 -6.27
CA ASN A 548 -0.63 -19.20 -7.12
C ASN A 548 -1.02 -20.42 -7.92
N GLU A 549 -0.11 -21.38 -8.11
CA GLU A 549 -0.45 -22.59 -8.85
C GLU A 549 -1.55 -23.38 -8.14
N PHE A 550 -1.73 -23.19 -6.83
CA PHE A 550 -2.81 -23.87 -6.12
C PHE A 550 -3.85 -22.91 -5.55
N GLY A 551 -3.93 -21.68 -6.09
CA GLY A 551 -4.86 -20.68 -5.60
C GLY A 551 -4.68 -20.33 -4.13
N HIS A 552 -3.42 -20.08 -3.72
CA HIS A 552 -3.13 -19.74 -2.34
C HIS A 552 -4.04 -18.63 -1.85
N PRO A 553 -4.60 -18.75 -0.65
CA PRO A 553 -5.53 -17.74 -0.14
C PRO A 553 -4.78 -16.51 0.35
N GLU A 554 -5.57 -15.51 0.75
CA GLU A 554 -5.12 -14.29 1.44
C GLU A 554 -4.13 -13.55 0.52
N TRP A 555 -2.99 -13.12 1.04
CA TRP A 555 -2.07 -12.25 0.29
C TRP A 555 -0.69 -12.36 0.95
N LEU A 556 0.30 -11.85 0.24
CA LEU A 556 1.66 -11.81 0.73
C LEU A 556 1.97 -10.45 1.35
N ASP A 557 2.67 -10.46 2.47
CA ASP A 557 3.13 -9.23 3.11
C ASP A 557 4.37 -9.57 3.95
N PHE A 558 5.29 -8.63 4.04
CA PHE A 558 6.52 -8.82 4.79
C PHE A 558 6.45 -8.04 6.09
N PRO A 559 7.27 -8.38 7.08
CA PRO A 559 7.25 -7.61 8.34
C PRO A 559 7.75 -6.20 8.10
N ARG A 560 7.00 -5.22 8.58
CA ARG A 560 7.34 -3.82 8.42
C ARG A 560 6.61 -3.02 9.49
N VAL A 561 6.91 -1.72 9.55
CA VAL A 561 6.31 -0.90 10.60
C VAL A 561 4.81 -0.86 10.43
N GLY A 562 4.34 -0.77 9.18
CA GLY A 562 2.92 -0.66 8.89
C GLY A 562 2.09 -1.86 9.30
N ASN A 563 2.71 -3.02 9.56
CA ASN A 563 1.96 -4.18 10.04
C ASN A 563 2.53 -4.73 11.34
N ASN A 564 3.26 -3.91 12.08
CA ASN A 564 3.76 -4.27 13.40
C ASN A 564 4.76 -5.44 13.31
N ASP A 565 5.59 -5.41 12.28
CA ASP A 565 6.61 -6.41 12.04
C ASP A 565 6.04 -7.84 12.05
N SER A 566 4.85 -7.99 11.45
CA SER A 566 4.20 -9.29 11.44
C SER A 566 4.75 -10.17 10.31
N TYR A 567 4.95 -11.46 10.63
CA TYR A 567 5.31 -12.45 9.64
C TYR A 567 4.10 -13.29 9.25
N HIS A 568 2.90 -12.90 9.69
CA HIS A 568 1.71 -13.73 9.49
C HIS A 568 1.44 -13.96 8.01
N TYR A 569 1.78 -12.99 7.14
CA TYR A 569 1.56 -13.14 5.70
C TYR A 569 2.85 -13.37 4.94
N ALA A 570 3.98 -13.53 5.66
CA ALA A 570 5.31 -13.72 5.06
C ALA A 570 5.65 -15.22 4.97
N ARG A 571 4.73 -15.98 4.38
CA ARG A 571 4.83 -17.43 4.41
C ARG A 571 3.97 -17.98 3.28
N ARG A 572 4.08 -19.31 3.06
CA ARG A 572 3.33 -20.00 2.01
C ARG A 572 2.75 -21.28 2.61
N GLN A 573 1.42 -21.37 2.62
CA GLN A 573 0.67 -22.49 3.20
C GLN A 573 0.71 -23.71 2.27
N PHE A 574 1.92 -24.23 2.05
CA PHE A 574 2.03 -25.42 1.20
C PHE A 574 1.25 -26.61 1.78
N ASN A 575 1.00 -26.65 3.09
CA ASN A 575 0.19 -27.73 3.66
C ASN A 575 -1.15 -27.91 2.93
N LEU A 576 -1.72 -26.82 2.39
CA LEU A 576 -3.02 -26.92 1.73
C LEU A 576 -3.03 -27.96 0.62
N VAL A 577 -1.93 -28.08 -0.12
CA VAL A 577 -1.85 -28.96 -1.28
C VAL A 577 -1.83 -30.43 -0.88
N ASP A 578 -1.36 -30.74 0.33
CA ASP A 578 -1.30 -32.13 0.75
C ASP A 578 -2.63 -32.65 1.29
N ASP A 579 -3.64 -31.80 1.47
CA ASP A 579 -4.93 -32.25 2.02
C ASP A 579 -5.81 -32.65 0.84
N ASP A 580 -5.89 -33.95 0.56
CA ASP A 580 -6.75 -34.35 -0.55
C ASP A 580 -8.26 -34.21 -0.24
N LEU A 581 -8.67 -33.65 0.91
CA LEU A 581 -10.08 -33.36 1.14
C LEU A 581 -10.42 -31.88 0.91
N LEU A 582 -9.46 -31.11 0.39
CA LEU A 582 -9.65 -29.72 0.04
C LEU A 582 -9.39 -29.56 -1.44
N ARG A 583 -9.85 -28.44 -1.98
CA ARG A 583 -9.82 -28.19 -3.43
C ARG A 583 -8.55 -27.51 -3.89
N TYR A 584 -7.73 -27.00 -2.97
CA TYR A 584 -6.45 -26.40 -3.40
C TYR A 584 -5.66 -27.41 -4.20
N ARG A 585 -5.73 -28.67 -3.81
CA ARG A 585 -4.98 -29.70 -4.52
C ARG A 585 -5.47 -29.89 -5.95
N HIS A 586 -6.79 -29.71 -6.19
CA HIS A 586 -7.29 -29.77 -7.55
C HIS A 586 -6.60 -28.73 -8.43
N LEU A 587 -6.43 -27.50 -7.92
CA LEU A 587 -5.76 -26.46 -8.70
C LEU A 587 -4.31 -26.84 -8.95
N ASN A 588 -3.68 -27.39 -7.93
CA ASN A 588 -2.28 -27.78 -8.01
C ASN A 588 -2.05 -28.88 -9.02
N GLU A 589 -2.90 -29.92 -8.99
CA GLU A 589 -2.77 -31.02 -9.95
C GLU A 589 -3.00 -30.55 -11.37
N PHE A 590 -3.93 -29.61 -11.58
CA PHE A 590 -4.09 -29.09 -12.94
C PHE A 590 -2.83 -28.34 -13.40
N ASP A 591 -2.21 -27.58 -12.50
CA ASP A 591 -0.99 -26.86 -12.89
C ASP A 591 0.08 -27.85 -13.32
N ALA A 592 0.27 -28.91 -12.52
CA ALA A 592 1.22 -29.94 -12.88
C ALA A 592 0.88 -30.56 -14.21
N ALA A 593 -0.42 -30.80 -14.45
CA ALA A 593 -0.81 -31.35 -15.74
C ALA A 593 -0.52 -30.38 -16.88
N MET A 594 -0.73 -29.09 -16.70
CA MET A 594 -0.47 -28.12 -17.74
C MET A 594 1.00 -28.09 -18.11
N GLN A 595 1.87 -28.04 -17.12
CA GLN A 595 3.29 -27.93 -17.44
C GLN A 595 3.79 -29.21 -18.08
N ASN A 596 3.36 -30.37 -17.59
CA ASN A 596 3.85 -31.63 -18.17
C ASN A 596 3.26 -31.85 -19.56
N CYS A 597 2.04 -31.36 -19.82
CA CYS A 597 1.47 -31.41 -21.17
C CYS A 597 2.35 -30.63 -22.14
N GLU A 598 2.76 -29.41 -21.76
CA GLU A 598 3.58 -28.58 -22.65
C GLU A 598 4.95 -29.20 -22.87
N SER A 599 5.47 -29.87 -21.83
CA SER A 599 6.75 -30.53 -21.97
C SER A 599 6.69 -31.65 -23.00
N LYS A 600 5.56 -32.35 -23.07
CA LYS A 600 5.42 -33.38 -24.08
C LYS A 600 4.94 -32.83 -25.43
N HIS A 601 4.13 -31.77 -25.43
CA HIS A 601 3.51 -31.21 -26.64
C HIS A 601 3.83 -29.71 -26.70
N GLN A 602 5.03 -29.40 -27.22
CA GLN A 602 5.53 -28.04 -27.12
C GLN A 602 4.57 -27.03 -27.76
N TRP A 603 4.28 -25.93 -27.04
CA TRP A 603 3.60 -24.77 -27.62
C TRP A 603 4.19 -23.43 -27.16
N LEU A 604 5.01 -23.39 -26.12
CA LEU A 604 5.50 -22.06 -25.66
C LEU A 604 6.51 -21.46 -26.63
N ASN A 605 7.65 -22.11 -26.79
CA ASN A 605 8.71 -21.46 -27.57
C ASN A 605 8.52 -21.82 -29.04
N THR A 606 7.43 -21.30 -29.59
CA THR A 606 6.97 -21.62 -30.95
C THR A 606 6.32 -20.36 -31.51
N PRO A 607 6.14 -20.29 -32.84
CA PRO A 607 5.43 -19.16 -33.45
C PRO A 607 4.06 -18.93 -32.84
N GLN A 608 3.57 -17.70 -32.97
CA GLN A 608 2.27 -17.32 -32.44
C GLN A 608 1.15 -18.22 -32.98
N ALA A 609 0.07 -18.34 -32.21
CA ALA A 609 -1.06 -19.18 -32.58
C ALA A 609 -1.73 -18.66 -33.87
N TYR A 610 -2.39 -19.56 -34.57
CA TYR A 610 -3.32 -19.23 -35.66
C TYR A 610 -4.73 -19.35 -35.09
N VAL A 611 -5.37 -18.20 -34.84
CA VAL A 611 -6.65 -18.20 -34.14
C VAL A 611 -7.77 -18.39 -35.17
N SER A 612 -8.56 -19.46 -35.02
CA SER A 612 -9.65 -19.66 -35.98
C SER A 612 -10.96 -19.08 -35.48
N LEU A 613 -11.14 -18.93 -34.17
CA LEU A 613 -12.44 -18.58 -33.61
C LEU A 613 -12.27 -17.70 -32.38
N LYS A 614 -13.03 -16.60 -32.33
CA LYS A 614 -13.15 -15.79 -31.12
C LYS A 614 -14.60 -15.31 -31.18
N HIS A 615 -15.53 -16.19 -30.79
CA HIS A 615 -16.95 -16.02 -31.04
C HIS A 615 -17.58 -15.18 -29.93
N GLU A 616 -18.13 -14.03 -30.29
CA GLU A 616 -18.55 -13.08 -29.26
C GLU A 616 -19.91 -13.43 -28.66
N VAL A 617 -20.72 -14.25 -29.34
CA VAL A 617 -21.95 -14.72 -28.73
C VAL A 617 -21.74 -16.02 -27.95
N ASP A 618 -21.00 -16.98 -28.50
CA ASP A 618 -20.80 -18.25 -27.78
C ASP A 618 -19.74 -18.14 -26.69
N LYS A 619 -18.90 -17.09 -26.71
CA LYS A 619 -17.78 -16.94 -25.76
C LYS A 619 -16.81 -18.12 -25.89
N VAL A 620 -16.59 -18.57 -27.13
CA VAL A 620 -15.67 -19.67 -27.42
C VAL A 620 -14.46 -19.11 -28.15
N ILE A 621 -13.27 -19.48 -27.69
CA ILE A 621 -12.01 -19.16 -28.36
C ILE A 621 -11.38 -20.46 -28.84
N ALA A 622 -10.91 -20.49 -30.08
CA ALA A 622 -10.22 -21.68 -30.56
C ALA A 622 -9.04 -21.29 -31.43
N PHE A 623 -7.90 -21.97 -31.24
CA PHE A 623 -6.72 -21.67 -32.05
C PHE A 623 -5.86 -22.92 -32.18
N GLU A 624 -4.90 -22.88 -33.11
CA GLU A 624 -3.91 -23.94 -33.20
C GLU A 624 -2.57 -23.31 -32.90
N ARG A 625 -1.74 -24.02 -32.16
CA ARG A 625 -0.37 -23.53 -31.99
C ARG A 625 0.56 -24.72 -32.03
N ASN A 626 1.55 -24.65 -32.91
CA ASN A 626 2.51 -25.75 -33.11
C ASN A 626 1.80 -27.07 -33.36
N GLY A 627 0.68 -27.02 -34.09
CA GLY A 627 -0.05 -28.22 -34.49
C GLY A 627 -1.04 -28.76 -33.48
N HIS A 628 -1.04 -28.25 -32.24
CA HIS A 628 -1.98 -28.66 -31.22
C HIS A 628 -3.18 -27.74 -31.22
N LEU A 629 -4.32 -28.26 -30.79
CA LEU A 629 -5.58 -27.55 -30.86
C LEU A 629 -6.01 -27.14 -29.45
N PHE A 630 -6.52 -25.91 -29.32
CA PHE A 630 -6.88 -25.38 -28.00
C PHE A 630 -8.27 -24.80 -28.13
N VAL A 631 -9.19 -25.18 -27.24
CA VAL A 631 -10.58 -24.74 -27.27
C VAL A 631 -11.01 -24.32 -25.88
N PHE A 632 -11.62 -23.14 -25.78
CA PHE A 632 -12.01 -22.55 -24.50
C PHE A 632 -13.46 -22.14 -24.63
N ASN A 633 -14.30 -22.63 -23.72
CA ASN A 633 -15.68 -22.16 -23.63
C ASN A 633 -15.77 -21.28 -22.39
N PHE A 634 -15.66 -19.96 -22.58
CA PHE A 634 -15.78 -18.98 -21.50
C PHE A 634 -17.22 -18.56 -21.21
N HIS A 635 -18.21 -19.16 -21.85
CA HIS A 635 -19.58 -18.73 -21.62
C HIS A 635 -20.00 -19.03 -20.19
N PRO A 636 -20.58 -18.06 -19.48
CA PRO A 636 -20.90 -18.27 -18.06
C PRO A 636 -21.98 -19.32 -17.80
N THR A 637 -22.91 -19.56 -18.72
CA THR A 637 -23.96 -20.53 -18.48
C THR A 637 -24.15 -21.58 -19.57
N GLN A 638 -23.76 -21.32 -20.82
CA GLN A 638 -24.13 -22.18 -21.95
C GLN A 638 -23.08 -23.25 -22.22
N SER A 639 -23.52 -24.50 -22.23
CA SER A 639 -22.74 -25.65 -22.68
C SER A 639 -23.02 -25.95 -24.15
N PHE A 640 -21.99 -26.41 -24.87
CA PHE A 640 -22.17 -26.75 -26.29
C PHE A 640 -21.77 -28.20 -26.55
N THR A 641 -22.59 -28.88 -27.37
CA THR A 641 -22.37 -30.26 -27.83
C THR A 641 -22.20 -30.27 -29.34
N ASP A 642 -21.27 -31.11 -29.84
CA ASP A 642 -20.98 -31.21 -31.28
C ASP A 642 -20.59 -29.85 -31.89
N TYR A 643 -19.87 -29.04 -31.09
CA TYR A 643 -19.42 -27.72 -31.54
C TYR A 643 -18.29 -27.88 -32.55
N ARG A 644 -18.46 -27.27 -33.73
CA ARG A 644 -17.52 -27.53 -34.81
C ARG A 644 -16.31 -26.64 -34.61
N ILE A 645 -15.11 -27.22 -34.82
CA ILE A 645 -13.85 -26.49 -34.66
C ILE A 645 -13.02 -26.75 -35.89
N GLY A 646 -12.54 -25.68 -36.54
CA GLY A 646 -11.74 -25.85 -37.73
C GLY A 646 -10.33 -26.33 -37.42
N VAL A 647 -9.84 -27.23 -38.26
CA VAL A 647 -8.56 -27.91 -38.07
C VAL A 647 -7.83 -27.96 -39.40
N ASP A 648 -6.54 -27.60 -39.39
CA ASP A 648 -5.85 -27.55 -40.67
C ASP A 648 -5.41 -28.93 -41.10
N VAL A 649 -4.67 -29.62 -40.24
CA VAL A 649 -4.12 -30.93 -40.57
C VAL A 649 -5.16 -32.01 -40.26
N ALA A 650 -5.61 -32.71 -41.30
CA ALA A 650 -6.60 -33.75 -41.11
C ALA A 650 -6.00 -34.94 -40.37
N GLY A 651 -6.84 -35.64 -39.60
CA GLY A 651 -6.38 -36.82 -38.90
C GLY A 651 -7.30 -37.16 -37.73
N THR A 652 -6.71 -37.82 -36.75
CA THR A 652 -7.38 -38.24 -35.51
C THR A 652 -6.78 -37.45 -34.35
N TYR A 653 -7.63 -36.78 -33.58
CA TYR A 653 -7.14 -35.95 -32.49
C TYR A 653 -7.58 -36.58 -31.17
N LYS A 654 -6.76 -36.42 -30.15
CA LYS A 654 -7.12 -36.87 -28.83
C LYS A 654 -6.85 -35.77 -27.81
N ILE A 655 -7.72 -35.70 -26.79
CA ILE A 655 -7.53 -34.70 -25.75
C ILE A 655 -6.32 -35.07 -24.91
N VAL A 656 -5.43 -34.09 -24.68
CA VAL A 656 -4.28 -34.31 -23.81
C VAL A 656 -4.33 -33.45 -22.57
N LEU A 657 -5.28 -32.52 -22.48
CA LEU A 657 -5.41 -31.74 -21.25
C LEU A 657 -6.85 -31.28 -21.19
N ASN A 658 -7.48 -31.43 -20.03
CA ASN A 658 -8.92 -31.25 -19.89
C ASN A 658 -9.20 -30.56 -18.56
N THR A 659 -9.67 -29.30 -18.57
CA THR A 659 -9.85 -28.61 -17.29
C THR A 659 -10.97 -29.21 -16.46
N ASP A 660 -11.90 -29.93 -17.08
CA ASP A 660 -13.07 -30.46 -16.38
C ASP A 660 -12.80 -31.78 -15.66
N ARG A 661 -11.59 -32.32 -15.73
CA ARG A 661 -11.29 -33.58 -15.10
C ARG A 661 -11.49 -33.51 -13.58
N ALA A 662 -12.01 -34.62 -13.02
CA ALA A 662 -12.32 -34.68 -11.59
C ALA A 662 -11.09 -34.39 -10.73
N GLU A 663 -9.93 -34.91 -11.11
CA GLU A 663 -8.77 -34.69 -10.23
C GLU A 663 -8.23 -33.28 -10.35
N PHE A 664 -8.70 -32.52 -11.35
CA PHE A 664 -8.43 -31.09 -11.45
C PHE A 664 -9.57 -30.26 -10.87
N GLY A 665 -10.49 -30.88 -10.16
CA GLY A 665 -11.59 -30.16 -9.56
C GLY A 665 -12.78 -29.88 -10.44
N GLY A 666 -12.84 -30.45 -11.64
CA GLY A 666 -13.97 -30.29 -12.53
C GLY A 666 -15.05 -31.31 -12.26
N HIS A 667 -16.02 -31.37 -13.16
CA HIS A 667 -17.19 -32.22 -12.99
C HIS A 667 -17.11 -33.49 -13.83
N ASN A 668 -16.02 -33.69 -14.57
CA ASN A 668 -15.76 -34.93 -15.30
C ASN A 668 -16.84 -35.22 -16.34
N ARG A 669 -17.29 -34.17 -17.02
CA ARG A 669 -18.29 -34.34 -18.05
C ARG A 669 -17.71 -34.77 -19.38
N ILE A 670 -16.45 -34.47 -19.65
CA ILE A 670 -15.89 -34.64 -20.98
C ILE A 670 -15.23 -36.02 -21.07
N ASP A 671 -15.54 -36.76 -22.13
CA ASP A 671 -14.94 -38.08 -22.34
C ASP A 671 -13.58 -37.91 -22.98
N GLU A 672 -12.51 -38.12 -22.19
CA GLU A 672 -11.15 -37.96 -22.69
C GLU A 672 -10.68 -39.15 -23.48
N ALA A 673 -11.43 -40.24 -23.50
CA ALA A 673 -11.07 -41.39 -24.32
C ALA A 673 -11.50 -41.23 -25.77
N GLN A 674 -12.43 -40.30 -26.03
CA GLN A 674 -13.00 -40.15 -27.37
C GLN A 674 -11.92 -39.86 -28.43
N GLU A 675 -12.06 -40.50 -29.58
CA GLU A 675 -11.25 -40.19 -30.74
C GLU A 675 -11.98 -39.12 -31.54
N PHE A 676 -11.25 -38.07 -31.91
CA PHE A 676 -11.84 -36.96 -32.67
C PHE A 676 -11.34 -37.06 -34.10
N PHE A 677 -12.17 -37.56 -35.02
CA PHE A 677 -11.81 -37.67 -36.42
C PHE A 677 -12.19 -36.38 -37.13
N THR A 678 -11.28 -35.86 -37.96
CA THR A 678 -11.64 -34.69 -38.75
C THR A 678 -12.56 -35.11 -39.90
N THR A 679 -13.33 -34.15 -40.40
CA THR A 679 -14.11 -34.31 -41.60
C THR A 679 -13.62 -33.27 -42.61
N ASP A 680 -13.44 -33.71 -43.85
CA ASP A 680 -12.88 -32.90 -44.94
C ASP A 680 -13.96 -31.98 -45.51
N LEU A 681 -14.25 -30.92 -44.75
CA LEU A 681 -15.25 -29.92 -45.12
C LEU A 681 -14.79 -28.61 -44.50
N GLU A 682 -14.68 -27.57 -45.32
CA GLU A 682 -14.09 -26.31 -44.86
C GLU A 682 -14.93 -25.71 -43.74
N TRP A 683 -14.25 -25.16 -42.71
CA TRP A 683 -14.93 -24.57 -41.56
C TRP A 683 -14.01 -23.55 -40.91
N ASN A 684 -14.51 -22.33 -40.69
CA ASN A 684 -13.74 -21.28 -40.02
C ASN A 684 -12.40 -21.07 -40.71
N ASN A 685 -12.42 -21.11 -42.05
CA ASN A 685 -11.24 -20.89 -42.89
C ASN A 685 -10.17 -21.95 -42.68
N ARG A 686 -10.59 -23.15 -42.26
CA ARG A 686 -9.71 -24.31 -42.17
C ARG A 686 -10.26 -25.40 -43.07
N ARG A 687 -9.37 -26.27 -43.54
CA ARG A 687 -9.80 -27.29 -44.50
C ARG A 687 -10.73 -28.31 -43.86
N ASN A 688 -10.60 -28.57 -42.54
CA ASN A 688 -11.31 -29.64 -41.87
C ASN A 688 -12.00 -29.15 -40.60
N PHE A 689 -12.88 -30.00 -40.03
CA PHE A 689 -13.41 -29.71 -38.71
C PHE A 689 -13.48 -30.97 -37.85
N ILE A 690 -13.43 -30.77 -36.53
CA ILE A 690 -13.85 -31.76 -35.54
C ILE A 690 -15.07 -31.19 -34.81
N GLN A 691 -15.71 -32.04 -34.02
CA GLN A 691 -16.85 -31.65 -33.20
C GLN A 691 -16.55 -32.03 -31.76
N VAL A 692 -16.73 -31.08 -30.85
CA VAL A 692 -16.32 -31.29 -29.47
C VAL A 692 -17.50 -31.01 -28.56
N TYR A 693 -17.45 -31.64 -27.37
CA TYR A 693 -18.33 -31.31 -26.27
C TYR A 693 -17.56 -30.42 -25.29
N ILE A 694 -18.04 -29.19 -25.10
CA ILE A 694 -17.35 -28.24 -24.21
C ILE A 694 -18.38 -27.62 -23.27
N PRO A 695 -18.49 -28.12 -22.04
CA PRO A 695 -19.36 -27.48 -21.05
C PRO A 695 -18.99 -26.03 -20.78
N SER A 696 -19.95 -25.31 -20.18
CA SER A 696 -19.69 -23.94 -19.73
C SER A 696 -18.42 -23.87 -18.86
N ARG A 697 -17.56 -22.90 -19.15
CA ARG A 697 -16.31 -22.67 -18.39
C ARG A 697 -15.43 -23.92 -18.31
N THR A 698 -15.14 -24.49 -19.47
CA THR A 698 -14.17 -25.58 -19.62
C THR A 698 -13.25 -25.26 -20.79
N ALA A 699 -12.10 -25.92 -20.80
CA ALA A 699 -11.19 -25.82 -21.92
C ALA A 699 -10.51 -27.16 -22.15
N ILE A 700 -10.11 -27.41 -23.38
CA ILE A 700 -9.44 -28.65 -23.74
C ILE A 700 -8.30 -28.35 -24.70
N VAL A 701 -7.30 -29.22 -24.67
CA VAL A 701 -6.19 -29.20 -25.61
C VAL A 701 -6.15 -30.56 -26.29
N LEU A 702 -5.99 -30.58 -27.60
CA LEU A 702 -5.95 -31.82 -28.37
C LEU A 702 -4.70 -31.86 -29.22
N THR A 703 -4.14 -33.04 -29.42
CA THR A 703 -3.02 -33.21 -30.33
C THR A 703 -3.38 -34.30 -31.32
N ARG A 704 -2.73 -34.25 -32.48
CA ARG A 704 -2.99 -35.21 -33.54
C ARG A 704 -2.23 -36.50 -33.27
N GLN A 705 -2.90 -37.63 -33.44
CA GLN A 705 -2.26 -38.91 -33.18
C GLN A 705 -1.43 -39.34 -34.38
N MET A 706 -0.28 -39.93 -34.12
CA MET A 706 0.59 -40.40 -35.19
C MET A 706 0.50 -41.91 -35.29
N ILE B 6 16.03 33.39 8.73
CA ILE B 6 14.92 32.48 8.95
C ILE B 6 15.46 31.13 9.41
N PRO B 7 15.13 30.75 10.65
CA PRO B 7 15.59 29.46 11.17
C PRO B 7 15.28 28.30 10.24
N GLU B 8 16.25 27.38 10.12
CA GLU B 8 16.12 26.28 9.16
C GLU B 8 14.86 25.46 9.39
N ASN B 9 14.46 25.29 10.65
CA ASN B 9 13.32 24.43 10.99
C ASN B 9 11.97 25.05 10.65
N VAL B 10 11.92 26.24 10.04
CA VAL B 10 10.66 26.83 9.57
C VAL B 10 10.82 27.44 8.18
N GLN B 11 11.97 27.23 7.55
CA GLN B 11 12.18 27.72 6.19
C GLN B 11 11.06 27.27 5.25
N GLY B 12 10.65 26.00 5.35
CA GLY B 12 9.65 25.49 4.43
C GLY B 12 8.31 26.19 4.57
N ALA B 13 7.96 26.61 5.78
CA ALA B 13 6.70 27.31 6.01
C ALA B 13 6.76 28.73 5.48
N VAL B 14 7.84 29.45 5.80
CA VAL B 14 7.99 30.82 5.34
C VAL B 14 8.08 30.87 3.83
N SER B 15 8.71 29.88 3.20
CA SER B 15 8.76 29.85 1.75
C SER B 15 7.39 29.56 1.15
N ILE B 16 6.52 28.82 1.84
CA ILE B 16 5.16 28.62 1.34
C ILE B 16 4.28 29.84 1.60
N ASP B 17 4.55 30.59 2.67
CA ASP B 17 3.75 31.77 3.02
C ASP B 17 4.71 32.85 3.50
N PRO B 18 5.11 33.77 2.62
CA PRO B 18 6.10 34.79 3.02
C PRO B 18 5.65 35.64 4.19
N TRP B 19 4.34 35.84 4.37
CA TRP B 19 3.86 36.68 5.46
C TRP B 19 4.11 36.07 6.84
N LEU B 20 4.66 34.86 6.91
CA LEU B 20 5.09 34.27 8.18
C LEU B 20 6.46 34.75 8.62
N GLU B 21 7.21 35.37 7.71
CA GLU B 21 8.56 35.85 8.01
C GLU B 21 8.65 36.67 9.29
N PRO B 22 7.74 37.60 9.59
CA PRO B 22 7.85 38.33 10.87
C PRO B 22 7.74 37.43 12.09
N PHE B 23 7.25 36.20 11.95
CA PHE B 23 7.04 35.35 13.11
C PHE B 23 7.84 34.05 13.02
N ALA B 24 8.92 34.03 12.24
CA ALA B 24 9.75 32.82 12.15
C ALA B 24 10.41 32.47 13.47
N ASP B 25 10.70 33.46 14.32
CA ASP B 25 11.26 33.17 15.63
C ASP B 25 10.26 32.45 16.52
N VAL B 26 8.98 32.82 16.43
CA VAL B 26 7.96 32.15 17.24
C VAL B 26 7.69 30.75 16.70
N LEU B 27 7.47 30.63 15.39
CA LEU B 27 7.21 29.32 14.79
C LEU B 27 8.30 28.31 15.12
N SER B 28 9.56 28.74 15.10
CA SER B 28 10.66 27.81 15.31
C SER B 28 10.72 27.37 16.76
N GLU B 29 10.35 28.25 17.69
CA GLU B 29 10.27 27.87 19.09
C GLU B 29 9.19 26.83 19.32
N ARG B 30 8.04 27.00 18.65
CA ARG B 30 6.95 26.06 18.82
C ARG B 30 7.30 24.70 18.24
N ARG B 31 8.01 24.68 17.10
CA ARG B 31 8.43 23.39 16.57
C ARG B 31 9.49 22.76 17.45
N TYR B 32 10.37 23.58 18.03
CA TYR B 32 11.50 23.06 18.81
C TYR B 32 11.05 22.22 19.99
N LEU B 33 10.00 22.66 20.69
CA LEU B 33 9.55 21.92 21.86
C LEU B 33 9.01 20.55 21.48
N ALA B 34 8.23 20.46 20.40
CA ALA B 34 7.79 19.15 19.94
C ALA B 34 8.98 18.29 19.54
N ASP B 35 9.96 18.88 18.86
CA ASP B 35 11.14 18.12 18.46
C ASP B 35 11.96 17.69 19.68
N LYS B 36 11.93 18.48 20.76
CA LYS B 36 12.63 18.08 21.99
C LYS B 36 11.91 16.93 22.69
N TRP B 37 10.58 17.04 22.81
CA TRP B 37 9.81 15.94 23.39
C TRP B 37 9.95 14.67 22.55
N LEU B 38 10.11 14.81 21.25
CA LEU B 38 10.34 13.67 20.38
C LEU B 38 11.68 13.01 20.67
N TYR B 39 12.72 13.84 20.86
CA TYR B 39 14.05 13.34 21.20
C TYR B 39 14.03 12.63 22.55
N ASP B 40 13.33 13.21 23.54
CA ASP B 40 13.26 12.58 24.87
C ASP B 40 12.56 11.23 24.81
N ILE B 41 11.45 11.18 24.09
CA ILE B 41 10.73 9.91 23.96
C ILE B 41 11.59 8.88 23.24
N LYS B 42 12.32 9.31 22.20
CA LYS B 42 13.22 8.38 21.53
C LYS B 42 14.30 7.83 22.45
N HIS B 43 14.58 8.48 23.58
CA HIS B 43 15.57 7.94 24.50
C HIS B 43 14.97 7.49 25.83
N ALA B 44 13.65 7.35 25.91
CA ALA B 44 12.99 6.90 27.12
C ALA B 44 13.12 5.39 27.30
N THR B 45 14.36 4.89 27.27
CA THR B 45 14.64 3.49 27.36
C THR B 45 15.46 3.17 28.63
N PRO B 46 15.35 1.94 29.15
CA PRO B 46 16.16 1.58 30.33
C PRO B 46 17.65 1.77 30.13
N ASP B 47 18.15 1.50 28.93
CA ASP B 47 19.57 1.66 28.63
C ASP B 47 19.93 3.06 28.14
N GLY B 48 18.95 3.88 27.78
CA GLY B 48 19.23 5.12 27.08
C GLY B 48 19.47 4.94 25.59
N SER B 49 19.44 3.70 25.10
CA SER B 49 19.43 3.42 23.66
C SER B 49 18.26 4.13 22.99
N GLU B 50 18.37 4.27 21.67
CA GLU B 50 17.34 4.97 20.90
C GLU B 50 16.25 3.99 20.48
N GLN B 51 15.00 4.40 20.65
CA GLN B 51 13.85 3.70 20.13
C GLN B 51 13.07 4.64 19.22
N SER B 52 12.29 4.07 18.30
CA SER B 52 11.41 4.88 17.47
C SER B 52 10.20 5.36 18.26
N LEU B 53 9.58 6.44 17.79
CA LEU B 53 8.35 6.91 18.38
C LEU B 53 7.25 5.86 18.31
N VAL B 54 7.22 5.07 17.22
CA VAL B 54 6.27 3.95 17.10
C VAL B 54 6.50 2.92 18.21
N ASP B 55 7.76 2.56 18.47
CA ASP B 55 8.10 1.61 19.53
C ASP B 55 7.57 2.07 20.88
N PHE B 56 7.82 3.35 21.21
CA PHE B 56 7.33 3.94 22.46
C PHE B 56 5.84 3.76 22.62
N ALA B 57 5.09 4.06 21.55
CA ALA B 57 3.64 4.00 21.63
C ALA B 57 3.15 2.55 21.64
N ARG B 58 3.74 1.67 20.83
CA ARG B 58 3.28 0.29 20.80
C ARG B 58 3.67 -0.45 22.07
N ASN B 59 4.91 -0.28 22.53
CA ASN B 59 5.30 -0.94 23.77
C ASN B 59 4.41 -0.51 24.91
N ALA B 60 3.95 0.73 24.90
CA ALA B 60 3.08 1.21 25.95
C ALA B 60 1.75 0.46 25.97
N TYR B 61 0.99 0.47 24.85
CA TYR B 61 -0.29 -0.25 24.93
C TYR B 61 -0.11 -1.75 25.05
N LYS B 62 1.06 -2.30 24.70
CA LYS B 62 1.28 -3.72 24.95
C LYS B 62 1.63 -4.03 26.42
N THR B 63 1.89 -3.00 27.23
CA THR B 63 2.43 -3.14 28.57
C THR B 63 1.50 -2.60 29.64
N TYR B 64 0.75 -1.55 29.34
CA TYR B 64 -0.15 -1.01 30.35
C TYR B 64 -1.51 -1.71 30.26
N GLY B 65 -2.35 -1.44 31.26
CA GLY B 65 -3.62 -2.12 31.28
C GLY B 65 -3.47 -3.61 31.55
N LEU B 66 -4.48 -4.38 31.16
CA LEU B 66 -4.50 -5.81 31.43
C LEU B 66 -4.18 -6.56 30.15
N HIS B 67 -3.35 -7.60 30.26
CA HIS B 67 -3.01 -8.38 29.08
C HIS B 67 -3.05 -9.86 29.42
N ALA B 68 -3.89 -10.61 28.71
CA ALA B 68 -3.94 -12.05 28.85
C ALA B 68 -2.91 -12.69 27.92
N ASN B 69 -2.12 -13.62 28.45
CA ASN B 69 -1.16 -14.38 27.65
C ASN B 69 -1.86 -15.63 27.12
N GLN B 70 -2.14 -15.64 25.80
CA GLN B 70 -2.92 -16.73 25.20
C GLN B 70 -2.20 -18.07 25.25
N GLN B 71 -0.88 -18.08 25.41
CA GLN B 71 -0.12 -19.32 25.47
C GLN B 71 0.00 -19.88 26.89
N THR B 72 0.40 -19.06 27.87
CA THR B 72 0.53 -19.55 29.24
C THR B 72 -0.73 -19.33 30.08
N LYS B 73 -1.69 -18.53 29.63
CA LYS B 73 -2.88 -18.18 30.36
C LYS B 73 -2.61 -17.39 31.64
N GLU B 74 -1.42 -16.77 31.78
CA GLU B 74 -1.28 -15.78 32.82
C GLU B 74 -1.97 -14.48 32.40
N ILE B 75 -2.27 -13.64 33.39
CA ILE B 75 -2.75 -12.29 33.15
C ILE B 75 -1.80 -11.33 33.86
N VAL B 76 -1.41 -10.26 33.18
CA VAL B 76 -0.57 -9.23 33.81
C VAL B 76 -1.31 -7.91 33.80
N TYR B 77 -1.25 -7.17 34.89
CA TYR B 77 -1.92 -5.89 35.00
C TYR B 77 -0.96 -4.87 35.58
N ARG B 78 -0.82 -3.73 34.90
CA ARG B 78 -0.04 -2.62 35.43
C ARG B 78 -0.87 -1.34 35.38
N GLU B 79 -0.63 -0.45 36.34
CA GLU B 79 -1.44 0.76 36.47
C GLU B 79 -0.58 1.87 37.05
N TRP B 80 -0.58 3.02 36.37
CA TRP B 80 0.16 4.20 36.82
C TRP B 80 -0.65 4.93 37.88
N ALA B 81 -0.09 5.08 39.07
CA ALA B 81 -0.85 5.67 40.17
C ALA B 81 0.08 6.15 41.28
N PRO B 82 0.83 7.23 41.04
CA PRO B 82 1.92 7.58 41.99
C PRO B 82 1.43 7.91 43.38
N ASN B 83 0.29 8.58 43.50
CA ASN B 83 -0.18 8.99 44.82
C ASN B 83 -0.67 7.83 45.68
N ALA B 84 -0.99 6.69 45.08
CA ALA B 84 -1.60 5.61 45.86
C ALA B 84 -0.57 4.90 46.74
N GLN B 85 -0.97 4.59 47.97
CA GLN B 85 -0.06 3.92 48.87
C GLN B 85 -0.04 2.42 48.63
N ARG B 86 -1.20 1.86 48.30
CA ARG B 86 -1.40 0.44 48.04
C ARG B 86 -2.42 0.31 46.92
N ALA B 87 -2.37 -0.83 46.22
CA ALA B 87 -3.23 -1.06 45.06
C ALA B 87 -3.67 -2.50 45.06
N PHE B 88 -4.98 -2.71 44.92
CA PHE B 88 -5.56 -4.05 44.95
C PHE B 88 -6.45 -4.25 43.75
N LEU B 89 -6.30 -5.39 43.08
CA LEU B 89 -7.20 -5.78 42.00
C LEU B 89 -8.35 -6.57 42.61
N VAL B 90 -9.57 -6.18 42.28
CA VAL B 90 -10.79 -6.76 42.85
C VAL B 90 -11.77 -6.96 41.71
N GLY B 91 -12.71 -7.88 41.92
CA GLY B 91 -13.67 -8.18 40.87
C GLY B 91 -14.43 -9.45 41.18
N GLU B 92 -15.35 -9.79 40.28
CA GLU B 92 -16.10 -11.04 40.42
C GLU B 92 -15.15 -12.22 40.56
N PHE B 93 -14.07 -12.22 39.77
CA PHE B 93 -13.05 -13.26 39.83
C PHE B 93 -12.54 -13.48 41.24
N ASN B 94 -12.75 -12.48 42.12
CA ASN B 94 -12.15 -12.39 43.44
C ASN B 94 -13.19 -12.43 44.52
N ASN B 95 -14.47 -12.49 44.16
CA ASN B 95 -15.56 -12.14 45.07
C ASN B 95 -15.30 -10.80 45.73
N TRP B 96 -14.58 -9.92 45.02
CA TRP B 96 -14.28 -8.56 45.48
C TRP B 96 -13.46 -8.57 46.76
N ASN B 97 -12.61 -9.57 46.91
CA ASN B 97 -11.68 -9.65 48.04
C ASN B 97 -10.68 -8.50 47.95
N GLU B 98 -10.62 -7.66 48.98
CA GLU B 98 -9.69 -6.54 49.01
C GLU B 98 -8.38 -6.87 49.71
N GLU B 99 -8.03 -8.15 49.85
CA GLU B 99 -6.74 -8.57 50.39
C GLU B 99 -6.07 -9.65 49.55
N SER B 100 -6.84 -10.34 48.71
CA SER B 100 -6.37 -11.52 47.98
C SER B 100 -5.35 -11.19 46.90
N HIS B 101 -5.53 -10.11 46.16
CA HIS B 101 -4.75 -9.87 44.94
C HIS B 101 -4.13 -8.47 44.96
N GLU B 102 -3.28 -8.23 45.97
CA GLU B 102 -2.55 -6.97 46.02
C GLU B 102 -1.59 -6.87 44.84
N MET B 103 -1.51 -5.68 44.26
CA MET B 103 -0.41 -5.32 43.37
C MET B 103 0.75 -4.92 44.27
N LYS B 104 1.61 -5.88 44.59
CA LYS B 104 2.62 -5.62 45.60
C LYS B 104 3.69 -4.67 45.08
N HIS B 105 4.30 -5.01 43.94
CA HIS B 105 5.39 -4.20 43.42
C HIS B 105 4.87 -2.86 42.91
N LYS B 106 5.54 -1.79 43.33
CA LYS B 106 5.28 -0.44 42.84
C LYS B 106 6.63 0.16 42.45
N ASP B 107 6.81 0.45 41.15
CA ASP B 107 8.15 0.80 40.68
C ASP B 107 8.44 2.30 40.79
N GLU B 108 9.64 2.68 40.35
CA GLU B 108 10.11 4.07 40.46
C GLU B 108 9.22 5.02 39.70
N PHE B 109 8.63 4.57 38.61
CA PHE B 109 7.76 5.42 37.82
C PHE B 109 6.37 5.56 38.44
N GLY B 110 6.13 4.98 39.62
CA GLY B 110 4.81 5.05 40.23
C GLY B 110 3.82 4.06 39.68
N VAL B 111 4.28 2.96 39.09
CA VAL B 111 3.42 1.99 38.42
C VAL B 111 3.33 0.72 39.26
N PHE B 112 2.12 0.36 39.67
CA PHE B 112 1.83 -0.92 40.32
C PHE B 112 1.70 -2.04 39.29
N SER B 113 2.03 -3.26 39.68
CA SER B 113 1.91 -4.40 38.79
C SER B 113 1.48 -5.64 39.56
N ILE B 114 0.85 -6.57 38.84
CA ILE B 114 0.46 -7.86 39.38
C ILE B 114 0.39 -8.86 38.24
N THR B 115 0.91 -10.07 38.49
CA THR B 115 0.80 -11.17 37.54
C THR B 115 -0.09 -12.25 38.15
N LEU B 116 -1.12 -12.70 37.41
CA LEU B 116 -2.06 -13.70 37.92
C LEU B 116 -1.77 -15.02 37.23
N ALA B 117 -1.36 -16.03 38.00
CA ALA B 117 -1.17 -17.35 37.45
C ALA B 117 -2.50 -17.91 36.88
N PRO B 118 -2.42 -18.87 35.96
CA PRO B 118 -3.63 -19.62 35.62
C PRO B 118 -4.16 -20.40 36.80
N LEU B 119 -5.42 -20.84 36.67
CA LEU B 119 -6.00 -21.72 37.67
C LEU B 119 -5.44 -23.13 37.52
N GLU B 120 -5.65 -23.96 38.56
CA GLU B 120 -5.33 -25.39 38.44
C GLU B 120 -6.00 -26.01 37.22
N ASN B 121 -7.23 -25.56 36.91
CA ASN B 121 -7.89 -25.70 35.61
C ASN B 121 -6.96 -25.61 34.40
N GLY B 122 -6.04 -24.66 34.46
CA GLY B 122 -5.38 -24.17 33.27
C GLY B 122 -6.06 -22.99 32.60
N ASP B 123 -7.32 -22.71 32.94
CA ASP B 123 -8.03 -21.53 32.46
C ASP B 123 -7.38 -20.23 32.97
N PHE B 124 -7.70 -19.13 32.30
CA PHE B 124 -7.35 -17.80 32.81
C PHE B 124 -7.99 -17.57 34.18
N ALA B 125 -7.34 -16.76 35.01
CA ALA B 125 -7.84 -16.57 36.38
C ALA B 125 -9.01 -15.57 36.47
N ILE B 126 -9.18 -14.70 35.49
CA ILE B 126 -10.28 -13.74 35.47
C ILE B 126 -11.24 -14.17 34.35
N PRO B 127 -12.50 -14.47 34.64
CA PRO B 127 -13.41 -14.91 33.56
C PRO B 127 -13.62 -13.83 32.50
N HIS B 128 -13.76 -14.29 31.26
CA HIS B 128 -14.05 -13.39 30.14
C HIS B 128 -15.30 -12.56 30.44
N ASP B 129 -15.18 -11.24 30.27
CA ASP B 129 -16.26 -10.26 30.42
C ASP B 129 -16.80 -10.14 31.84
N SER B 130 -16.04 -10.58 32.84
CA SER B 130 -16.47 -10.33 34.21
C SER B 130 -16.01 -8.95 34.67
N LYS B 131 -16.57 -8.49 35.78
CA LYS B 131 -16.35 -7.14 36.26
C LYS B 131 -15.10 -7.09 37.12
N ILE B 132 -14.32 -6.02 36.93
CA ILE B 132 -13.12 -5.78 37.70
C ILE B 132 -13.03 -4.30 38.03
N LYS B 133 -12.27 -4.00 39.06
CA LYS B 133 -11.90 -2.65 39.42
C LYS B 133 -10.54 -2.71 40.08
N VAL B 134 -9.92 -1.55 40.20
CA VAL B 134 -8.72 -1.41 40.99
C VAL B 134 -9.08 -0.59 42.21
N MET B 135 -8.63 -1.03 43.39
CA MET B 135 -8.85 -0.30 44.62
C MET B 135 -7.51 0.25 45.11
N PHE B 136 -7.49 1.53 45.43
CA PHE B 136 -6.32 2.21 45.97
C PHE B 136 -6.55 2.54 47.44
N VAL B 137 -5.54 2.26 48.25
CA VAL B 137 -5.41 2.88 49.58
C VAL B 137 -4.63 4.17 49.42
N LEU B 138 -5.25 5.29 49.78
CA LEU B 138 -4.62 6.61 49.67
C LEU B 138 -3.75 6.89 50.88
N PRO B 139 -2.93 7.96 50.83
CA PRO B 139 -2.08 8.27 52.00
C PRO B 139 -2.84 8.51 53.30
N ASP B 140 -4.02 9.12 53.26
CA ASP B 140 -4.82 9.32 54.47
C ASP B 140 -5.53 8.06 54.95
N GLY B 141 -5.31 6.91 54.30
CA GLY B 141 -5.92 5.67 54.71
C GLY B 141 -7.25 5.37 54.06
N SER B 142 -7.88 6.34 53.42
CA SER B 142 -9.18 6.09 52.81
C SER B 142 -9.03 5.21 51.57
N LYS B 143 -10.16 4.78 51.03
CA LYS B 143 -10.23 3.84 49.93
C LYS B 143 -10.97 4.45 48.77
N VAL B 144 -10.43 4.28 47.57
CA VAL B 144 -11.09 4.69 46.33
C VAL B 144 -11.05 3.52 45.36
N TYR B 145 -12.06 3.45 44.52
CA TYR B 145 -12.21 2.38 43.54
C TYR B 145 -12.24 3.00 42.15
N ARG B 146 -11.58 2.34 41.21
CA ARG B 146 -11.47 2.91 39.87
C ARG B 146 -11.61 1.83 38.82
N ILE B 147 -12.15 2.23 37.69
CA ILE B 147 -12.01 1.41 36.48
C ILE B 147 -10.58 1.58 35.98
N PRO B 148 -9.84 0.51 35.70
CA PRO B 148 -8.46 0.68 35.21
C PRO B 148 -8.39 1.65 34.02
N ALA B 149 -7.34 2.48 34.03
CA ALA B 149 -7.29 3.62 33.12
C ALA B 149 -7.21 3.18 31.67
N TRP B 150 -6.68 1.98 31.41
CA TRP B 150 -6.53 1.46 30.06
C TRP B 150 -7.50 0.32 29.77
N ILE B 151 -8.62 0.24 30.49
CA ILE B 151 -9.56 -0.85 30.24
C ILE B 151 -10.05 -0.76 28.79
N THR B 152 -10.33 -1.91 28.21
CA THR B 152 -10.79 -1.97 26.82
C THR B 152 -12.29 -2.15 26.71
N ARG B 153 -13.00 -2.18 27.84
CA ARG B 153 -14.45 -2.31 27.84
C ARG B 153 -15.00 -1.84 29.18
N ALA B 154 -15.97 -0.94 29.14
CA ALA B 154 -16.74 -0.54 30.31
C ALA B 154 -18.22 -0.53 29.93
N THR B 155 -19.06 -1.04 30.82
CA THR B 155 -20.47 -1.24 30.49
C THR B 155 -21.37 -0.49 31.47
N GLN B 156 -22.51 -0.06 30.97
CA GLN B 156 -23.48 0.64 31.80
C GLN B 156 -24.00 -0.33 32.87
N PRO B 157 -24.28 0.14 34.08
CA PRO B 157 -24.76 -0.77 35.12
C PRO B 157 -26.20 -1.19 34.89
N SER B 158 -26.55 -2.32 35.49
CA SER B 158 -27.92 -2.81 35.48
C SER B 158 -28.79 -1.88 36.33
N LYS B 159 -30.11 -2.02 36.15
CA LYS B 159 -31.03 -1.28 37.02
C LYS B 159 -30.80 -1.63 38.49
N GLU B 160 -30.60 -2.91 38.78
CA GLU B 160 -30.32 -3.34 40.15
C GLU B 160 -29.06 -2.67 40.69
N THR B 161 -27.97 -2.71 39.92
CA THR B 161 -26.73 -2.11 40.42
C THR B 161 -26.83 -0.59 40.48
N ALA B 162 -27.62 0.03 39.58
CA ALA B 162 -27.76 1.47 39.61
C ALA B 162 -28.53 1.94 40.84
N GLN B 163 -29.44 1.11 41.35
CA GLN B 163 -30.11 1.43 42.61
C GLN B 163 -29.10 1.57 43.74
N LYS B 164 -28.19 0.60 43.87
CA LYS B 164 -27.25 0.58 44.99
C LYS B 164 -26.14 1.62 44.82
N TYR B 165 -25.50 1.65 43.64
CA TYR B 165 -24.28 2.42 43.48
C TYR B 165 -24.40 3.59 42.50
N GLY B 166 -25.52 3.74 41.81
CA GLY B 166 -25.70 4.86 40.91
C GLY B 166 -25.34 4.54 39.47
N PRO B 167 -25.21 5.57 38.65
CA PRO B 167 -25.03 5.37 37.21
C PRO B 167 -23.59 5.11 36.78
N THR B 168 -22.68 4.91 37.72
CA THR B 168 -21.27 4.70 37.41
C THR B 168 -21.09 3.46 36.53
N TYR B 169 -20.33 3.61 35.44
CA TYR B 169 -20.05 2.46 34.58
C TYR B 169 -19.21 1.43 35.32
N GLU B 170 -19.17 0.22 34.77
CA GLU B 170 -18.43 -0.89 35.37
C GLU B 170 -17.38 -1.40 34.39
N GLY B 171 -16.23 -1.80 34.93
CA GLY B 171 -15.12 -2.25 34.09
C GLY B 171 -15.20 -3.74 33.86
N ARG B 172 -14.90 -4.14 32.63
CA ARG B 172 -15.00 -5.52 32.20
C ARG B 172 -13.66 -6.00 31.66
N PHE B 173 -13.28 -7.21 32.04
CA PHE B 173 -12.07 -7.83 31.51
C PHE B 173 -12.44 -8.52 30.21
N TRP B 174 -12.02 -7.96 29.08
CA TRP B 174 -12.42 -8.46 27.77
C TRP B 174 -11.34 -9.40 27.24
N ASN B 175 -11.68 -10.67 27.14
CA ASN B 175 -10.74 -11.73 26.75
C ASN B 175 -11.53 -12.86 26.11
N PRO B 176 -12.12 -12.61 24.94
CA PRO B 176 -12.93 -13.64 24.30
C PRO B 176 -12.07 -14.83 23.93
N PRO B 177 -12.61 -16.05 24.05
CA PRO B 177 -11.88 -17.23 23.55
C PRO B 177 -11.24 -17.04 22.18
N ASN B 178 -11.96 -16.45 21.23
CA ASN B 178 -11.38 -16.04 19.94
C ASN B 178 -11.72 -14.59 19.61
N SER B 179 -10.68 -13.76 19.49
CA SER B 179 -10.83 -12.43 18.94
C SER B 179 -11.29 -12.51 17.48
N TYR B 180 -11.83 -11.41 16.98
CA TYR B 180 -12.09 -11.32 15.55
C TYR B 180 -10.76 -11.24 14.80
N GLN B 181 -10.66 -11.99 13.72
CA GLN B 181 -9.49 -11.96 12.84
C GLN B 181 -9.79 -11.14 11.60
N PHE B 182 -8.92 -10.17 11.30
CA PHE B 182 -9.11 -9.40 10.08
C PHE B 182 -8.85 -10.29 8.88
N LYS B 183 -9.78 -10.28 7.92
CA LYS B 183 -9.71 -11.12 6.74
C LYS B 183 -9.48 -10.33 5.46
N HIS B 184 -9.49 -9.01 5.52
CA HIS B 184 -9.27 -8.19 4.34
C HIS B 184 -8.20 -7.14 4.64
N GLN B 185 -7.56 -6.65 3.58
CA GLN B 185 -6.55 -5.61 3.74
C GLN B 185 -7.16 -4.22 3.79
N ARG B 186 -6.39 -3.30 4.35
CA ARG B 186 -6.70 -1.89 4.21
C ARG B 186 -6.76 -1.54 2.74
N PRO B 187 -7.71 -0.73 2.32
CA PRO B 187 -7.78 -0.37 0.91
C PRO B 187 -6.54 0.41 0.49
N LYS B 188 -6.06 0.14 -0.72
CA LYS B 188 -4.93 0.88 -1.27
C LYS B 188 -5.28 2.36 -1.26
N PHE B 189 -4.42 3.17 -0.66
CA PHE B 189 -4.74 4.59 -0.51
C PHE B 189 -3.44 5.36 -0.35
N ASN B 190 -3.23 6.34 -1.22
CA ASN B 190 -2.10 7.24 -1.13
C ASN B 190 -2.64 8.62 -0.77
N LEU B 191 -2.18 9.16 0.35
CA LEU B 191 -2.78 10.38 0.86
C LEU B 191 -2.50 11.56 -0.05
N ALA B 192 -1.29 11.62 -0.61
CA ALA B 192 -0.93 12.76 -1.44
C ALA B 192 -1.74 12.82 -2.73
N ASN B 193 -2.08 11.67 -3.33
CA ASN B 193 -2.64 11.65 -4.68
C ASN B 193 -4.14 11.41 -4.76
N ASP B 194 -4.71 10.72 -3.78
CA ASP B 194 -6.09 10.24 -3.83
C ASP B 194 -7.06 11.20 -3.16
N SER B 195 -8.27 11.29 -3.70
CA SER B 195 -9.33 12.09 -3.08
C SER B 195 -9.98 11.32 -1.95
N ILE B 196 -10.32 12.02 -0.87
CA ILE B 196 -11.10 11.47 0.23
C ILE B 196 -12.46 12.14 0.28
N LYS B 197 -13.51 11.32 0.25
CA LYS B 197 -14.89 11.74 0.39
C LYS B 197 -15.47 10.97 1.57
N ILE B 198 -15.84 11.69 2.63
CA ILE B 198 -16.03 11.13 3.95
C ILE B 198 -17.50 11.16 4.32
N TYR B 199 -18.02 10.02 4.76
CA TYR B 199 -19.36 9.91 5.32
C TYR B 199 -19.21 9.94 6.84
N GLU B 200 -19.55 11.09 7.43
CA GLU B 200 -19.52 11.25 8.89
C GLU B 200 -20.75 10.57 9.51
N ALA B 201 -20.52 9.59 10.38
CA ALA B 201 -21.59 8.75 10.90
C ALA B 201 -21.46 8.56 12.40
N HIS B 202 -22.59 8.20 13.01
CA HIS B 202 -22.71 7.84 14.43
C HIS B 202 -23.49 6.53 14.49
N ILE B 203 -22.94 5.53 15.18
CA ILE B 203 -23.49 4.18 15.12
C ILE B 203 -24.91 4.14 15.70
N GLY B 204 -25.07 4.67 16.92
CA GLY B 204 -26.32 4.50 17.66
C GLY B 204 -27.54 5.11 16.99
N ILE B 205 -27.35 6.12 16.14
CA ILE B 205 -28.45 6.79 15.47
C ILE B 205 -28.70 6.22 14.08
N SER B 206 -27.99 5.16 13.70
CA SER B 206 -27.93 4.72 12.31
C SER B 206 -29.05 3.76 11.93
N SER B 207 -30.19 3.80 12.60
CA SER B 207 -31.32 2.96 12.26
C SER B 207 -32.60 3.79 12.37
N PRO B 208 -33.63 3.44 11.61
CA PRO B 208 -34.90 4.18 11.74
C PRO B 208 -35.54 4.03 13.11
N GLU B 209 -35.28 2.93 13.81
CA GLU B 209 -35.91 2.71 15.11
C GLU B 209 -35.31 3.63 16.18
N PRO B 210 -36.13 4.15 17.10
CA PRO B 210 -35.67 5.10 18.13
C PRO B 210 -34.96 4.40 19.29
N LYS B 211 -33.72 4.02 19.06
CA LYS B 211 -32.95 3.23 20.01
C LYS B 211 -31.48 3.54 19.82
N VAL B 212 -30.64 2.74 20.47
CA VAL B 212 -29.21 2.70 20.18
C VAL B 212 -28.99 1.57 19.18
N ALA B 213 -28.65 1.93 17.94
CA ALA B 213 -28.34 0.92 16.94
C ALA B 213 -26.96 0.32 17.22
N SER B 214 -26.76 -0.91 16.75
CA SER B 214 -25.57 -1.68 17.07
C SER B 214 -24.50 -1.54 15.98
N TYR B 215 -23.27 -1.93 16.34
CA TYR B 215 -22.21 -2.11 15.36
C TYR B 215 -22.67 -3.06 14.26
N LYS B 216 -23.21 -4.21 14.65
CA LYS B 216 -23.64 -5.21 13.69
C LYS B 216 -24.71 -4.65 12.76
N GLU B 217 -25.67 -3.91 13.30
CA GLU B 217 -26.70 -3.29 12.47
C GLU B 217 -26.09 -2.30 11.49
N PHE B 218 -25.07 -1.56 11.93
CA PHE B 218 -24.40 -0.66 10.98
C PHE B 218 -23.73 -1.46 9.87
N THR B 219 -23.09 -2.57 10.23
CA THR B 219 -22.35 -3.37 9.25
C THR B 219 -23.29 -3.91 8.20
N GLN B 220 -24.43 -4.48 8.64
CA GLN B 220 -25.38 -5.15 7.77
C GLN B 220 -26.21 -4.16 6.95
N ASN B 221 -26.65 -3.05 7.56
CA ASN B 221 -27.63 -2.17 6.95
C ASN B 221 -27.08 -0.87 6.39
N VAL B 222 -26.06 -0.27 7.01
CA VAL B 222 -25.62 1.07 6.64
C VAL B 222 -24.41 1.04 5.71
N LEU B 223 -23.47 0.12 5.92
CA LEU B 223 -22.32 0.03 5.02
C LEU B 223 -22.74 -0.16 3.56
N PRO B 224 -23.67 -1.07 3.21
CA PRO B 224 -24.09 -1.16 1.80
C PRO B 224 -24.60 0.16 1.24
N ARG B 225 -25.33 0.94 2.03
CA ARG B 225 -25.76 2.27 1.59
C ARG B 225 -24.55 3.15 1.28
N ILE B 226 -23.57 3.20 2.19
CA ILE B 226 -22.45 4.11 2.02
C ILE B 226 -21.62 3.70 0.81
N LYS B 227 -21.48 2.39 0.58
CA LYS B 227 -20.79 1.94 -0.62
C LYS B 227 -21.54 2.39 -1.87
N HIS B 228 -22.87 2.25 -1.85
CA HIS B 228 -23.63 2.66 -3.02
C HIS B 228 -23.55 4.17 -3.23
N LEU B 229 -23.34 4.94 -2.17
CA LEU B 229 -23.15 6.37 -2.35
C LEU B 229 -21.78 6.73 -2.89
N GLY B 230 -20.84 5.79 -2.91
CA GLY B 230 -19.54 6.05 -3.51
C GLY B 230 -18.50 6.73 -2.65
N TYR B 231 -18.67 6.75 -1.33
CA TYR B 231 -17.73 7.45 -0.46
C TYR B 231 -16.44 6.66 -0.28
N ASP B 232 -15.32 7.38 -0.06
CA ASP B 232 -14.03 6.71 0.12
C ASP B 232 -13.78 6.32 1.57
N ALA B 233 -14.39 7.02 2.51
CA ALA B 233 -14.06 6.82 3.91
C ALA B 233 -15.29 7.07 4.78
N ILE B 234 -15.21 6.52 5.99
CA ILE B 234 -16.22 6.74 7.01
C ILE B 234 -15.55 7.38 8.21
N GLN B 235 -16.13 8.46 8.70
CA GLN B 235 -15.68 9.11 9.93
C GLN B 235 -16.63 8.67 11.03
N LEU B 236 -16.14 7.83 11.93
CA LEU B 236 -16.96 7.31 13.01
C LEU B 236 -16.87 8.23 14.21
N MET B 237 -18.00 8.82 14.61
CA MET B 237 -18.07 9.63 15.80
C MET B 237 -18.37 8.75 17.01
N ALA B 238 -18.13 9.31 18.20
CA ALA B 238 -18.70 8.77 19.43
C ALA B 238 -18.41 7.28 19.58
N ILE B 239 -17.17 6.89 19.30
CA ILE B 239 -16.72 5.52 19.52
C ILE B 239 -15.99 5.40 20.85
N MET B 240 -15.14 6.38 21.18
CA MET B 240 -14.44 6.36 22.47
C MET B 240 -15.48 6.40 23.59
N GLU B 241 -15.33 5.51 24.58
CA GLU B 241 -16.42 5.31 25.54
C GLU B 241 -16.75 6.61 26.27
N HIS B 242 -18.05 6.85 26.44
CA HIS B 242 -18.59 8.04 27.07
C HIS B 242 -19.87 7.64 27.79
N ALA B 243 -19.95 7.89 29.10
CA ALA B 243 -21.12 7.43 29.85
C ALA B 243 -22.35 8.27 29.55
N TYR B 244 -22.18 9.54 29.21
CA TYR B 244 -23.29 10.44 28.87
C TYR B 244 -23.54 10.35 27.37
N TYR B 245 -24.62 9.65 26.99
CA TYR B 245 -24.88 9.37 25.58
C TYR B 245 -25.16 10.63 24.78
N ALA B 246 -25.84 11.60 25.40
CA ALA B 246 -26.16 12.85 24.73
C ALA B 246 -24.95 13.76 24.53
N SER B 247 -23.78 13.38 25.04
CA SER B 247 -22.58 14.17 24.79
C SER B 247 -22.11 14.09 23.34
N PHE B 248 -22.73 13.23 22.53
CA PHE B 248 -22.38 13.01 21.12
C PHE B 248 -20.95 12.48 20.99
N GLY B 249 -20.42 11.86 22.05
CA GLY B 249 -19.08 11.30 22.07
C GLY B 249 -18.02 12.17 22.69
N TYR B 250 -18.35 13.39 23.11
CA TYR B 250 -17.34 14.39 23.38
C TYR B 250 -16.90 14.48 24.84
N GLN B 251 -17.47 13.67 25.73
CA GLN B 251 -17.01 13.56 27.13
C GLN B 251 -16.54 12.14 27.35
N VAL B 252 -15.25 11.91 27.10
CA VAL B 252 -14.70 10.57 27.12
C VAL B 252 -14.41 10.16 28.56
N THR B 253 -14.92 8.98 28.94
CA THR B 253 -14.67 8.44 30.25
C THR B 253 -13.62 7.34 30.23
N ASN B 254 -13.51 6.56 29.15
CA ASN B 254 -12.57 5.44 29.11
C ASN B 254 -11.92 5.44 27.74
N PHE B 255 -10.65 5.86 27.68
CA PHE B 255 -10.04 6.22 26.41
C PHE B 255 -9.69 5.01 25.57
N PHE B 256 -9.44 3.87 26.19
CA PHE B 256 -9.06 2.67 25.46
C PHE B 256 -10.25 1.76 25.22
N ALA B 257 -11.46 2.20 25.57
CA ALA B 257 -12.65 1.38 25.48
C ALA B 257 -13.56 1.90 24.38
N ILE B 258 -13.77 1.09 23.34
CA ILE B 258 -14.76 1.46 22.34
C ILE B 258 -16.15 1.25 22.95
N SER B 259 -17.09 2.10 22.56
CA SER B 259 -18.34 2.19 23.32
C SER B 259 -19.10 0.87 23.31
N SER B 260 -19.51 0.42 24.50
CA SER B 260 -20.23 -0.84 24.66
C SER B 260 -21.71 -0.74 24.31
N ARG B 261 -22.27 0.47 24.24
CA ARG B 261 -23.64 0.68 23.76
C ARG B 261 -23.95 -0.12 22.50
N TYR B 262 -23.07 -0.01 21.51
CA TYR B 262 -23.30 -0.53 20.18
C TYR B 262 -22.93 -2.00 20.03
N GLY B 263 -22.27 -2.59 21.04
CA GLY B 263 -21.79 -3.96 20.98
C GLY B 263 -20.38 -4.12 21.50
N THR B 264 -19.71 -5.18 21.06
CA THR B 264 -18.42 -5.60 21.58
C THR B 264 -17.29 -5.15 20.69
N PRO B 265 -16.04 -5.18 21.19
CA PRO B 265 -14.90 -4.87 20.32
C PRO B 265 -14.85 -5.73 19.06
N GLU B 266 -15.18 -7.01 19.17
CA GLU B 266 -15.13 -7.88 18.00
C GLU B 266 -16.17 -7.46 16.95
N ASP B 267 -17.32 -6.96 17.39
CA ASP B 267 -18.29 -6.43 16.43
C ASP B 267 -17.72 -5.22 15.69
N LEU B 268 -17.05 -4.32 16.42
CA LEU B 268 -16.48 -3.15 15.75
C LEU B 268 -15.40 -3.57 14.77
N LYS B 269 -14.56 -4.53 15.13
CA LYS B 269 -13.52 -4.96 14.20
C LYS B 269 -14.14 -5.54 12.93
N GLU B 270 -15.19 -6.36 13.06
CA GLU B 270 -15.90 -6.85 11.88
C GLU B 270 -16.42 -5.70 11.01
N LEU B 271 -16.99 -4.66 11.65
CA LEU B 271 -17.46 -3.50 10.90
C LEU B 271 -16.34 -2.90 10.08
N ILE B 272 -15.17 -2.69 10.69
CA ILE B 272 -14.06 -2.04 10.00
C ILE B 272 -13.52 -2.93 8.88
N ASP B 273 -13.28 -4.22 9.18
CA ASP B 273 -12.94 -5.20 8.15
C ASP B 273 -13.91 -5.19 6.98
N THR B 274 -15.21 -5.05 7.25
CA THR B 274 -16.18 -5.08 6.17
C THR B 274 -16.10 -3.83 5.32
N ALA B 275 -15.89 -2.67 5.95
CA ALA B 275 -15.68 -1.45 5.18
C ALA B 275 -14.44 -1.59 4.31
N HIS B 276 -13.37 -2.15 4.87
CA HIS B 276 -12.14 -2.35 4.12
C HIS B 276 -12.38 -3.25 2.91
N SER B 277 -13.14 -4.34 3.10
CA SER B 277 -13.47 -5.22 1.99
C SER B 277 -14.24 -4.50 0.89
N MET B 278 -14.94 -3.43 1.23
CA MET B 278 -15.69 -2.60 0.31
C MET B 278 -14.85 -1.45 -0.25
N GLY B 279 -13.55 -1.43 0.05
CA GLY B 279 -12.68 -0.35 -0.40
C GLY B 279 -12.79 0.93 0.38
N ILE B 280 -13.34 0.91 1.59
CA ILE B 280 -13.66 2.12 2.34
C ILE B 280 -12.73 2.21 3.56
N LEU B 281 -12.03 3.33 3.68
CA LEU B 281 -11.28 3.58 4.90
C LEU B 281 -12.23 3.88 6.06
N VAL B 282 -11.77 3.63 7.29
CA VAL B 282 -12.51 4.00 8.47
C VAL B 282 -11.63 4.89 9.36
N LEU B 283 -12.12 6.07 9.69
CA LEU B 283 -11.43 7.05 10.52
C LEU B 283 -12.13 7.17 11.87
N LEU B 284 -11.34 7.38 12.92
CA LEU B 284 -11.88 7.52 14.26
C LEU B 284 -11.86 8.97 14.71
N ASP B 285 -12.95 9.39 15.35
CA ASP B 285 -13.00 10.65 16.08
C ASP B 285 -12.24 10.53 17.39
N VAL B 286 -11.13 11.24 17.49
CA VAL B 286 -10.27 11.19 18.67
C VAL B 286 -10.55 12.43 19.48
N ILE B 287 -10.93 12.25 20.74
CA ILE B 287 -11.13 13.41 21.61
C ILE B 287 -9.98 13.41 22.60
N HIS B 288 -8.93 14.16 22.26
CA HIS B 288 -7.79 14.34 23.15
C HIS B 288 -7.69 15.76 23.67
N SER B 289 -8.72 16.57 23.45
CA SER B 289 -8.76 17.96 23.89
C SER B 289 -9.17 18.12 25.34
N HIS B 290 -9.77 17.09 25.93
CA HIS B 290 -10.35 17.14 27.27
C HIS B 290 -10.88 15.76 27.59
N ALA B 291 -11.29 15.58 28.85
CA ALA B 291 -11.79 14.31 29.36
C ALA B 291 -12.92 14.60 30.34
N SER B 292 -13.80 13.62 30.51
CA SER B 292 -14.93 13.81 31.41
C SER B 292 -14.46 14.04 32.84
N LYS B 293 -15.20 14.88 33.56
CA LYS B 293 -14.95 15.09 34.99
C LYS B 293 -15.26 13.89 35.85
N ASN B 294 -15.82 12.82 35.28
CA ASN B 294 -16.23 11.68 36.08
C ASN B 294 -15.06 11.11 36.87
N SER B 295 -15.30 10.82 38.14
CA SER B 295 -14.36 10.02 38.91
C SER B 295 -14.79 8.56 38.88
N GLU B 296 -13.94 7.70 39.40
CA GLU B 296 -14.18 6.27 39.51
C GLU B 296 -14.32 5.60 38.15
N ASP B 297 -15.29 6.02 37.32
CA ASP B 297 -15.31 5.51 35.96
C ASP B 297 -14.62 6.45 34.98
N GLY B 298 -14.18 7.62 35.43
CA GLY B 298 -13.30 8.47 34.67
C GLY B 298 -11.89 8.49 35.25
N LEU B 299 -11.10 9.44 34.73
CA LEU B 299 -9.74 9.65 35.21
C LEU B 299 -9.62 10.77 36.25
N ASN B 300 -10.70 11.50 36.53
CA ASN B 300 -10.61 12.54 37.55
C ASN B 300 -10.32 11.91 38.91
N MET B 301 -9.28 12.40 39.58
CA MET B 301 -8.87 11.93 40.89
C MET B 301 -8.51 10.44 40.88
N PHE B 302 -7.91 9.99 39.78
CA PHE B 302 -7.69 8.56 39.58
C PHE B 302 -6.91 7.94 40.72
N ASP B 303 -5.73 8.50 41.02
CA ASP B 303 -4.91 8.00 42.11
C ASP B 303 -5.11 8.77 43.40
N GLY B 304 -6.19 9.56 43.49
CA GLY B 304 -6.43 10.38 44.65
C GLY B 304 -5.89 11.78 44.54
N SER B 305 -5.02 12.05 43.57
CA SER B 305 -4.42 13.36 43.37
C SER B 305 -5.26 14.21 42.42
N ASP B 306 -5.00 15.50 42.47
CA ASP B 306 -5.59 16.42 41.50
C ASP B 306 -4.67 16.63 40.31
N HIS B 307 -3.38 16.34 40.47
CA HIS B 307 -2.37 16.60 39.45
C HIS B 307 -1.76 15.28 38.97
N GLN B 308 -2.56 14.47 38.28
CA GLN B 308 -2.02 13.27 37.63
C GLN B 308 -2.18 13.40 36.12
N TYR B 309 -3.34 13.00 35.58
CA TYR B 309 -3.61 13.19 34.16
C TYR B 309 -3.89 14.63 33.80
N PHE B 310 -4.32 15.44 34.77
CA PHE B 310 -4.84 16.75 34.46
C PHE B 310 -4.06 17.83 35.19
N HIS B 311 -4.22 19.05 34.71
CA HIS B 311 -3.78 20.23 35.46
C HIS B 311 -4.66 20.40 36.69
N SER B 312 -4.06 20.90 37.76
CA SER B 312 -4.80 21.04 39.00
C SER B 312 -5.92 22.08 38.84
N LEU B 313 -7.00 21.87 39.60
CA LEU B 313 -8.07 22.85 39.64
C LEU B 313 -7.55 24.19 40.17
N THR B 314 -6.60 24.14 41.11
CA THR B 314 -6.01 25.36 41.62
C THR B 314 -5.16 26.07 40.57
N SER B 315 -4.65 25.34 39.58
CA SER B 315 -3.77 25.94 38.59
C SER B 315 -4.48 26.97 37.73
N GLY B 316 -5.81 26.92 37.64
CA GLY B 316 -6.56 27.70 36.68
C GLY B 316 -6.51 27.18 35.26
N ARG B 317 -5.73 26.14 34.99
CA ARG B 317 -5.66 25.52 33.68
C ARG B 317 -6.33 24.15 33.63
N GLY B 318 -6.88 23.67 34.74
CA GLY B 318 -7.30 22.29 34.83
C GLY B 318 -8.73 22.02 34.44
N GLU B 319 -9.46 23.00 33.92
CA GLU B 319 -10.90 22.85 33.73
C GLU B 319 -11.33 23.76 32.58
N HIS B 320 -12.25 23.27 31.75
CA HIS B 320 -12.63 23.94 30.51
C HIS B 320 -13.78 24.91 30.76
N PRO B 321 -13.65 26.20 30.39
CA PRO B 321 -14.67 27.21 30.74
C PRO B 321 -16.11 26.77 30.50
N LEU B 322 -16.39 26.15 29.36
CA LEU B 322 -17.76 25.79 29.02
C LEU B 322 -18.07 24.33 29.38
N TRP B 323 -17.43 23.39 28.69
CA TRP B 323 -17.69 21.97 28.90
C TRP B 323 -17.28 21.55 30.30
N ASP B 324 -18.01 20.59 30.86
CA ASP B 324 -17.75 20.11 32.22
C ASP B 324 -16.69 19.01 32.16
N SER B 325 -15.44 19.44 31.99
CA SER B 325 -14.35 18.53 31.69
C SER B 325 -13.05 18.99 32.34
N ARG B 326 -12.16 18.03 32.56
CA ARG B 326 -10.80 18.29 33.00
C ARG B 326 -9.86 18.38 31.79
N LEU B 327 -8.75 19.09 31.97
CA LEU B 327 -7.80 19.37 30.90
C LEU B 327 -6.49 18.64 31.15
N PHE B 328 -5.96 18.01 30.10
CA PHE B 328 -4.77 17.18 30.23
C PHE B 328 -3.52 18.02 30.47
N ASN B 329 -2.61 17.50 31.28
CA ASN B 329 -1.26 18.05 31.39
C ASN B 329 -0.43 17.38 30.31
N TYR B 330 -0.38 18.03 29.15
CA TYR B 330 0.39 17.49 28.04
C TYR B 330 1.90 17.55 28.28
N GLY B 331 2.35 18.27 29.29
CA GLY B 331 3.76 18.28 29.62
C GLY B 331 4.19 17.15 30.51
N SER B 332 3.24 16.37 31.01
CA SER B 332 3.59 15.22 31.82
C SER B 332 3.97 14.05 30.92
N PHE B 333 5.11 13.44 31.19
CA PHE B 333 5.58 12.37 30.31
C PHE B 333 4.60 11.20 30.26
N GLU B 334 4.01 10.83 31.40
CA GLU B 334 3.10 9.69 31.41
C GLU B 334 1.80 10.00 30.66
N VAL B 335 1.40 11.27 30.62
CA VAL B 335 0.22 11.60 29.83
C VAL B 335 0.53 11.51 28.34
N GLN B 336 1.74 11.96 27.94
CA GLN B 336 2.16 11.79 26.56
C GLN B 336 2.15 10.32 26.17
N ARG B 337 2.62 9.44 27.05
CA ARG B 337 2.61 8.01 26.76
C ARG B 337 1.19 7.50 26.62
N PHE B 338 0.31 7.92 27.53
CA PHE B 338 -1.11 7.54 27.51
C PHE B 338 -1.75 7.92 26.17
N LEU B 339 -1.69 9.20 25.81
CA LEU B 339 -2.38 9.67 24.61
C LEU B 339 -1.76 9.09 23.35
N LEU B 340 -0.42 9.01 23.28
CA LEU B 340 0.23 8.49 22.08
C LEU B 340 -0.02 7.00 21.92
N ALA B 341 0.07 6.23 23.01
CA ALA B 341 -0.26 4.82 22.92
C ALA B 341 -1.72 4.64 22.50
N ASN B 342 -2.59 5.56 22.89
CA ASN B 342 -3.99 5.49 22.49
C ASN B 342 -4.12 5.50 20.97
N LEU B 343 -3.36 6.37 20.30
CA LEU B 343 -3.45 6.46 18.84
C LEU B 343 -2.93 5.20 18.18
N ALA B 344 -1.77 4.71 18.61
CA ALA B 344 -1.24 3.44 18.09
C ALA B 344 -2.21 2.29 18.33
N TYR B 345 -2.86 2.28 19.49
CA TYR B 345 -3.80 1.21 19.82
C TYR B 345 -4.95 1.16 18.80
N TYR B 346 -5.61 2.29 18.56
CA TYR B 346 -6.72 2.33 17.62
C TYR B 346 -6.28 2.01 16.20
N ILE B 347 -5.08 2.46 15.80
CA ILE B 347 -4.57 2.12 14.46
C ILE B 347 -4.29 0.63 14.36
N ASP B 348 -3.62 0.08 15.37
CA ASP B 348 -3.13 -1.30 15.28
C ASP B 348 -4.21 -2.31 15.65
N VAL B 349 -4.98 -2.06 16.72
CA VAL B 349 -5.85 -3.12 17.24
C VAL B 349 -7.16 -3.17 16.47
N TYR B 350 -7.71 -2.01 16.11
CA TYR B 350 -8.96 -1.92 15.37
C TYR B 350 -8.77 -1.65 13.89
N GLN B 351 -7.54 -1.32 13.47
CA GLN B 351 -7.19 -1.01 12.08
C GLN B 351 -7.99 0.16 11.53
N PHE B 352 -8.23 1.15 12.38
CA PHE B 352 -8.55 2.46 11.88
C PHE B 352 -7.44 2.93 10.97
N ASP B 353 -7.78 3.77 10.00
CA ASP B 353 -6.85 4.25 8.97
C ASP B 353 -6.47 5.70 9.19
N GLY B 354 -6.87 6.28 10.30
CA GLY B 354 -6.67 7.71 10.49
C GLY B 354 -7.64 8.24 11.53
N PHE B 355 -7.52 9.54 11.78
CA PHE B 355 -8.18 10.22 12.88
C PHE B 355 -8.64 11.61 12.49
N ARG B 356 -9.74 12.04 13.11
CA ARG B 356 -10.07 13.46 13.21
C ARG B 356 -9.87 13.88 14.66
N PHE B 357 -9.05 14.89 14.87
CA PHE B 357 -8.79 15.38 16.23
C PHE B 357 -9.81 16.47 16.52
N ASP B 358 -10.74 16.17 17.43
CA ASP B 358 -11.76 17.12 17.83
C ASP B 358 -11.19 18.14 18.83
N GLY B 359 -11.76 19.35 18.79
CA GLY B 359 -11.39 20.38 19.74
C GLY B 359 -9.98 20.92 19.62
N VAL B 360 -9.44 21.01 18.40
CA VAL B 360 -8.08 21.52 18.25
C VAL B 360 -7.99 22.95 18.73
N THR B 361 -9.04 23.74 18.49
CA THR B 361 -9.02 25.15 18.91
C THR B 361 -8.95 25.28 20.42
N SER B 362 -9.65 24.40 21.14
CA SER B 362 -9.61 24.45 22.60
C SER B 362 -8.23 24.09 23.15
N MET B 363 -7.51 23.19 22.49
CA MET B 363 -6.16 22.83 22.93
C MET B 363 -5.17 23.92 22.54
N LEU B 364 -5.32 24.49 21.35
CA LEU B 364 -4.28 25.30 20.75
C LEU B 364 -4.00 26.56 21.59
N TYR B 365 -5.00 27.07 22.30
CA TYR B 365 -4.93 28.38 22.91
C TYR B 365 -5.18 28.29 24.41
N LEU B 366 -4.39 29.05 25.17
CA LEU B 366 -4.57 29.12 26.62
C LEU B 366 -5.97 29.57 27.00
N HIS B 367 -6.63 30.34 26.14
CA HIS B 367 -7.99 30.80 26.34
C HIS B 367 -9.04 29.90 25.69
N HIS B 368 -8.63 28.83 25.02
CA HIS B 368 -9.53 27.81 24.47
C HIS B 368 -10.51 28.35 23.44
N GLY B 369 -10.24 29.53 22.88
CA GLY B 369 -11.13 30.11 21.88
C GLY B 369 -12.22 30.99 22.46
N GLY B 374 -10.92 35.45 22.31
CA GLY B 374 -11.10 34.17 21.66
C GLY B 374 -11.76 34.23 20.29
N ALA B 375 -11.98 35.44 19.78
CA ALA B 375 -12.52 35.66 18.45
C ALA B 375 -11.37 35.92 17.48
N PHE B 376 -11.49 35.35 16.28
CA PHE B 376 -10.38 35.31 15.33
C PHE B 376 -10.74 36.03 14.04
N SER B 377 -9.88 36.98 13.65
CA SER B 377 -10.04 37.75 12.43
C SER B 377 -9.15 37.26 11.30
N GLY B 378 -7.88 37.01 11.59
CA GLY B 378 -6.94 36.59 10.57
C GLY B 378 -5.60 37.27 10.74
N ASP B 379 -5.54 38.26 11.64
CA ASP B 379 -4.27 38.91 11.94
C ASP B 379 -3.26 37.88 12.43
N TYR B 380 -2.08 37.87 11.82
CA TYR B 380 -1.12 36.86 12.20
C TYR B 380 -0.66 37.02 13.65
N ASN B 381 -0.91 38.18 14.27
CA ASN B 381 -0.48 38.40 15.65
C ASN B 381 -1.32 37.64 16.67
N GLU B 382 -2.62 37.46 16.42
CA GLU B 382 -3.42 36.65 17.34
C GLU B 382 -3.07 35.17 17.25
N TYR B 383 -2.31 34.76 16.24
CA TYR B 383 -1.85 33.38 16.11
C TYR B 383 -0.37 33.21 16.42
N LEU B 384 0.49 34.17 16.06
CA LEU B 384 1.93 33.93 16.14
C LEU B 384 2.72 35.01 16.89
N SER B 385 2.06 35.95 17.58
CA SER B 385 2.80 36.93 18.37
C SER B 385 3.29 36.28 19.66
N ARG B 386 4.56 36.51 20.00
CA ARG B 386 5.11 36.01 21.25
C ARG B 386 4.40 36.61 22.46
N ASP B 387 3.80 37.79 22.30
CA ASP B 387 3.18 38.51 23.41
C ASP B 387 1.75 38.05 23.67
N ARG B 388 0.85 38.23 22.70
CA ARG B 388 -0.58 38.07 22.94
C ARG B 388 -1.24 37.18 21.89
N SER B 389 -0.58 36.10 21.51
CA SER B 389 -1.30 35.01 20.85
C SER B 389 -1.84 34.01 21.85
N GLY B 390 -1.14 33.81 22.95
CA GLY B 390 -1.60 32.92 24.01
C GLY B 390 -1.82 31.51 23.55
N VAL B 391 -0.99 31.01 22.65
CA VAL B 391 -1.13 29.62 22.22
C VAL B 391 -0.53 28.72 23.29
N ASP B 392 -1.10 27.52 23.42
CA ASP B 392 -0.57 26.51 24.34
C ASP B 392 0.57 25.79 23.64
N HIS B 393 1.81 26.08 24.04
CA HIS B 393 2.95 25.42 23.43
C HIS B 393 2.92 23.92 23.68
N GLU B 394 2.55 23.52 24.89
CA GLU B 394 2.52 22.10 25.24
C GLU B 394 1.48 21.35 24.42
N ALA B 395 0.24 21.87 24.38
CA ALA B 395 -0.80 21.21 23.62
C ALA B 395 -0.47 21.19 22.13
N LEU B 396 0.17 22.24 21.63
CA LEU B 396 0.54 22.24 20.22
C LEU B 396 1.61 21.20 19.94
N ALA B 397 2.61 21.12 20.84
CA ALA B 397 3.65 20.10 20.70
C ALA B 397 3.09 18.68 20.75
N TYR B 398 2.07 18.45 21.59
CA TYR B 398 1.51 17.11 21.63
C TYR B 398 0.89 16.75 20.28
N LEU B 399 0.11 17.69 19.71
CA LEU B 399 -0.50 17.44 18.41
C LEU B 399 0.55 17.19 17.33
N MET B 400 1.67 17.92 17.38
CA MET B 400 2.71 17.66 16.39
C MET B 400 3.29 16.27 16.55
N LEU B 401 3.46 15.81 17.81
CA LEU B 401 3.91 14.44 18.04
C LEU B 401 2.88 13.43 17.57
N ALA B 402 1.61 13.68 17.85
CA ALA B 402 0.55 12.77 17.39
C ALA B 402 0.63 12.61 15.87
N ASN B 403 0.81 13.72 15.15
CA ASN B 403 0.92 13.60 13.72
C ASN B 403 2.17 12.84 13.32
N ASP B 404 3.29 13.04 14.04
CA ASP B 404 4.48 12.23 13.77
C ASP B 404 4.16 10.74 13.91
N LEU B 405 3.53 10.35 15.02
CA LEU B 405 3.25 8.94 15.24
C LEU B 405 2.33 8.35 14.17
N VAL B 406 1.22 9.02 13.91
CA VAL B 406 0.21 8.45 13.02
C VAL B 406 0.79 8.27 11.62
N HIS B 407 1.52 9.28 11.12
CA HIS B 407 2.12 9.15 9.79
C HIS B 407 3.21 8.10 9.75
N ASP B 408 3.92 7.88 10.86
CA ASP B 408 4.89 6.78 10.90
C ASP B 408 4.20 5.41 10.88
N LEU B 409 3.02 5.30 11.51
CA LEU B 409 2.36 4.00 11.66
C LEU B 409 1.86 3.46 10.34
N LEU B 410 1.44 4.34 9.43
CA LEU B 410 0.90 3.95 8.13
C LEU B 410 1.52 4.86 7.08
N PRO B 411 2.78 4.61 6.71
CA PRO B 411 3.52 5.56 5.87
C PRO B 411 2.83 5.77 4.53
N GLU B 412 2.57 7.03 4.18
CA GLU B 412 1.98 7.50 2.93
C GLU B 412 0.48 7.31 2.88
N SER B 413 -0.12 6.61 3.84
CA SER B 413 -1.54 6.27 3.87
C SER B 413 -2.34 6.99 4.95
N ALA B 414 -1.83 7.05 6.18
CA ALA B 414 -2.60 7.58 7.30
C ALA B 414 -3.14 8.97 7.01
N VAL B 415 -4.29 9.26 7.60
CA VAL B 415 -5.00 10.54 7.44
C VAL B 415 -5.17 11.17 8.80
N THR B 416 -4.86 12.47 8.90
CA THR B 416 -5.19 13.19 10.11
C THR B 416 -5.93 14.46 9.73
N ILE B 417 -7.02 14.72 10.44
CA ILE B 417 -7.89 15.85 10.16
C ILE B 417 -8.04 16.65 11.44
N ALA B 418 -7.81 17.95 11.36
CA ALA B 418 -7.94 18.84 12.50
C ALA B 418 -9.31 19.50 12.50
N GLU B 419 -10.01 19.41 13.62
CA GLU B 419 -11.25 20.16 13.84
C GLU B 419 -10.85 21.46 14.51
N ASP B 420 -10.47 22.45 13.69
CA ASP B 420 -9.93 23.72 14.17
C ASP B 420 -10.72 24.86 13.55
N VAL B 421 -11.39 25.63 14.40
CA VAL B 421 -12.17 26.76 13.89
C VAL B 421 -11.35 28.05 13.87
N SER B 422 -10.24 28.10 14.59
CA SER B 422 -9.40 29.30 14.62
C SER B 422 -8.69 29.56 13.31
N GLY B 423 -8.50 28.55 12.48
CA GLY B 423 -7.71 28.71 11.28
C GLY B 423 -6.26 29.03 11.58
N TYR B 424 -5.68 28.37 12.58
CA TYR B 424 -4.28 28.55 12.92
C TYR B 424 -3.41 28.28 11.70
N PRO B 425 -2.62 29.24 11.25
CA PRO B 425 -1.78 28.99 10.08
C PRO B 425 -0.66 28.02 10.41
N THR B 426 -0.24 27.27 9.38
CA THR B 426 0.76 26.21 9.42
C THR B 426 0.22 24.92 10.04
N LEU B 427 -0.99 24.97 10.62
CA LEU B 427 -1.53 23.78 11.27
C LEU B 427 -1.53 22.57 10.34
N CYS B 428 -1.87 22.75 9.07
CA CYS B 428 -1.87 21.64 8.14
C CYS B 428 -0.69 21.68 7.17
N LEU B 429 0.46 22.33 7.61
CA LEU B 429 1.68 22.15 6.83
C LEU B 429 2.48 20.99 7.40
N PRO B 430 3.30 20.33 6.58
CA PRO B 430 4.11 19.21 7.10
C PRO B 430 5.04 19.66 8.23
N ARG B 431 5.34 18.72 9.13
CA ARG B 431 6.21 19.03 10.26
C ARG B 431 7.59 19.50 9.80
N THR B 432 8.13 18.87 8.74
CA THR B 432 9.48 19.25 8.32
C THR B 432 9.53 20.68 7.84
N ALA B 433 8.39 21.22 7.39
CA ALA B 433 8.28 22.61 6.99
C ALA B 433 8.12 23.55 8.17
N GLY B 434 7.94 23.02 9.38
CA GLY B 434 7.67 23.85 10.55
C GLY B 434 6.22 23.90 10.95
N GLY B 435 5.36 23.05 10.39
CA GLY B 435 3.93 23.10 10.61
C GLY B 435 3.44 22.09 11.64
N GLY B 436 2.11 22.02 11.76
CA GLY B 436 1.49 21.12 12.72
C GLY B 436 1.47 19.67 12.30
N GLY B 437 1.51 19.40 11.00
CA GLY B 437 1.54 18.04 10.49
C GLY B 437 0.20 17.46 10.09
N PHE B 438 -0.89 18.18 10.30
CA PHE B 438 -2.21 17.67 9.88
C PHE B 438 -2.30 17.59 8.36
N ASP B 439 -2.94 16.54 7.86
CA ASP B 439 -3.19 16.44 6.43
C ASP B 439 -4.33 17.36 5.98
N TYR B 440 -5.38 17.48 6.78
CA TYR B 440 -6.55 18.28 6.42
C TYR B 440 -7.02 19.06 7.64
N ARG B 441 -7.73 20.17 7.38
CA ARG B 441 -8.53 20.85 8.37
C ARG B 441 -9.95 20.95 7.87
N LEU B 442 -10.92 21.01 8.80
CA LEU B 442 -12.31 21.15 8.41
C LEU B 442 -12.60 22.59 7.98
N ALA B 443 -13.39 22.75 6.91
CA ALA B 443 -13.89 24.07 6.51
C ALA B 443 -15.11 24.39 7.38
N MET B 444 -14.82 24.91 8.56
CA MET B 444 -15.89 25.12 9.54
C MET B 444 -16.78 26.31 9.19
N ALA B 445 -16.30 27.24 8.37
CA ALA B 445 -17.07 28.43 8.03
C ALA B 445 -18.08 28.21 6.91
N LEU B 446 -17.86 27.20 6.06
CA LEU B 446 -18.75 26.96 4.92
C LEU B 446 -20.22 26.76 5.30
N PRO B 447 -20.57 25.96 6.31
CA PRO B 447 -22.01 25.80 6.61
C PRO B 447 -22.66 27.09 7.08
N ASP B 448 -21.98 27.86 7.92
CA ASP B 448 -22.55 29.12 8.40
C ASP B 448 -22.66 30.14 7.27
N MET B 449 -21.79 30.07 6.27
CA MET B 449 -21.89 30.98 5.12
C MET B 449 -23.15 30.71 4.32
N TRP B 450 -23.45 29.42 4.10
CA TRP B 450 -24.64 29.07 3.33
C TRP B 450 -25.91 29.51 4.03
N ILE B 451 -25.95 29.40 5.36
CA ILE B 451 -27.11 29.88 6.11
C ILE B 451 -27.22 31.40 6.00
N LYS B 452 -26.10 32.11 6.16
CA LYS B 452 -26.12 33.57 6.10
C LYS B 452 -26.43 34.08 4.70
N LEU B 453 -26.11 33.31 3.66
CA LEU B 453 -26.47 33.70 2.31
C LEU B 453 -27.99 33.63 2.12
N LEU B 454 -28.59 32.51 2.52
CA LEU B 454 -30.04 32.33 2.41
C LEU B 454 -30.76 32.83 3.67
N LYS B 455 -30.38 34.02 4.13
CA LYS B 455 -31.03 34.64 5.29
C LYS B 455 -30.74 36.14 5.32
N THR B 456 -29.65 36.55 4.68
CA THR B 456 -29.28 37.96 4.58
C THR B 456 -29.34 38.46 3.14
N LYS B 457 -30.00 37.73 2.24
CA LYS B 457 -30.08 38.15 0.85
C LYS B 457 -31.29 37.51 0.20
N GLN B 458 -31.85 38.20 -0.78
CA GLN B 458 -32.88 37.66 -1.65
C GLN B 458 -32.22 36.98 -2.85
N ASP B 459 -32.97 36.07 -3.48
CA ASP B 459 -32.39 35.23 -4.53
C ASP B 459 -31.79 36.07 -5.65
N ASP B 460 -32.49 37.12 -6.08
CA ASP B 460 -31.96 37.97 -7.13
C ASP B 460 -30.78 38.83 -6.66
N ASP B 461 -30.53 38.91 -5.36
CA ASP B 461 -29.47 39.74 -4.82
C ASP B 461 -28.27 38.92 -4.34
N TRP B 462 -28.17 37.66 -4.75
CA TRP B 462 -27.01 36.85 -4.41
C TRP B 462 -25.75 37.41 -5.05
N ASP B 463 -24.67 37.46 -4.27
CA ASP B 463 -23.39 38.01 -4.72
C ASP B 463 -22.45 36.84 -5.03
N MET B 464 -22.35 36.47 -6.30
CA MET B 464 -21.46 35.36 -6.68
C MET B 464 -20.00 35.67 -6.35
N GLY B 465 -19.63 36.95 -6.32
CA GLY B 465 -18.26 37.31 -6.00
C GLY B 465 -17.85 36.90 -4.60
N HIS B 466 -18.79 36.83 -3.67
CA HIS B 466 -18.48 36.44 -2.30
C HIS B 466 -18.71 34.96 -2.02
N ILE B 467 -19.65 34.32 -2.72
CA ILE B 467 -19.73 32.86 -2.64
C ILE B 467 -18.43 32.23 -3.12
N VAL B 468 -17.92 32.70 -4.26
CA VAL B 468 -16.70 32.13 -4.78
C VAL B 468 -15.51 32.51 -3.91
N HIS B 469 -15.51 33.72 -3.36
CA HIS B 469 -14.41 34.13 -2.51
C HIS B 469 -14.37 33.31 -1.22
N THR B 470 -15.53 33.02 -0.62
CA THR B 470 -15.53 32.23 0.61
C THR B 470 -15.27 30.76 0.33
N LEU B 471 -15.62 30.27 -0.86
CA LEU B 471 -15.32 28.88 -1.18
C LEU B 471 -13.85 28.64 -1.47
N THR B 472 -13.17 29.63 -2.04
CA THR B 472 -11.80 29.45 -2.48
C THR B 472 -10.78 30.07 -1.56
N ASN B 473 -11.19 30.82 -0.54
CA ASN B 473 -10.24 31.48 0.36
C ASN B 473 -9.70 30.43 1.34
N ARG B 474 -8.70 29.68 0.87
CA ARG B 474 -8.01 28.71 1.71
C ARG B 474 -6.51 28.96 1.65
N ARG B 475 -5.85 28.73 2.78
CA ARG B 475 -4.40 28.82 2.82
C ARG B 475 -3.77 27.85 1.84
N HIS B 476 -2.75 28.32 1.11
CA HIS B 476 -2.08 27.46 0.15
C HIS B 476 -1.23 26.42 0.89
N GLY B 477 -1.46 25.15 0.58
CA GLY B 477 -0.70 24.07 1.18
C GLY B 477 -1.37 23.39 2.35
N GLU B 478 -2.44 23.95 2.88
CA GLU B 478 -3.19 23.34 3.97
C GLU B 478 -4.54 22.88 3.40
N LYS B 479 -4.62 21.59 3.06
CA LYS B 479 -5.82 21.03 2.45
C LYS B 479 -7.00 21.07 3.42
N VAL B 480 -8.19 21.21 2.84
CA VAL B 480 -9.40 21.50 3.61
C VAL B 480 -10.48 20.48 3.26
N VAL B 481 -11.18 20.01 4.28
CA VAL B 481 -12.35 19.14 4.11
C VAL B 481 -13.57 20.03 3.96
N ALA B 482 -14.16 20.05 2.77
CA ALA B 482 -15.29 20.92 2.48
C ALA B 482 -16.61 20.22 2.76
N TYR B 483 -17.52 20.92 3.43
CA TYR B 483 -18.86 20.42 3.66
C TYR B 483 -19.80 21.60 3.80
N CYS B 484 -21.06 21.39 3.40
CA CYS B 484 -22.06 22.43 3.49
C CYS B 484 -22.92 22.33 4.75
N GLU B 485 -22.96 21.17 5.40
CA GLU B 485 -23.76 20.93 6.59
C GLU B 485 -22.93 20.19 7.62
N SER B 486 -22.92 20.67 8.86
CA SER B 486 -22.13 20.10 9.95
C SER B 486 -23.01 19.26 10.86
N HIS B 487 -22.36 18.44 11.70
CA HIS B 487 -23.11 17.74 12.74
C HIS B 487 -23.66 18.71 13.76
N ASP B 488 -22.94 19.81 14.02
CA ASP B 488 -23.44 20.82 14.94
C ASP B 488 -24.78 21.40 14.49
N GLN B 489 -25.06 21.38 13.19
CA GLN B 489 -26.28 21.99 12.67
C GLN B 489 -27.49 21.08 12.84
N ALA B 490 -27.35 19.79 12.53
CA ALA B 490 -28.48 18.86 12.53
C ALA B 490 -29.15 18.72 13.90
N LYS B 495 -30.77 24.64 12.34
CA LYS B 495 -31.31 23.39 11.83
C LYS B 495 -30.72 23.06 10.44
N THR B 496 -31.16 21.95 9.88
CA THR B 496 -30.62 21.43 8.64
C THR B 496 -30.92 22.36 7.46
N LEU B 497 -30.13 22.21 6.40
CA LEU B 497 -30.37 22.98 5.18
C LEU B 497 -31.64 22.53 4.47
N ALA B 498 -31.96 21.23 4.54
CA ALA B 498 -33.18 20.75 3.92
C ALA B 498 -34.42 21.40 4.52
N PHE B 499 -34.37 21.78 5.80
CA PHE B 499 -35.47 22.48 6.44
C PHE B 499 -35.28 23.99 6.46
N TRP B 500 -34.07 24.49 6.19
CA TRP B 500 -33.85 25.91 6.06
C TRP B 500 -34.02 26.40 4.62
N LEU B 501 -34.04 25.48 3.66
CA LEU B 501 -34.46 25.78 2.30
C LEU B 501 -35.90 25.38 2.04
N MET B 502 -36.38 24.31 2.68
CA MET B 502 -37.75 23.83 2.55
C MET B 502 -38.26 23.60 3.96
N ASP B 503 -38.87 24.62 4.56
CA ASP B 503 -39.39 24.46 5.92
C ASP B 503 -40.46 23.37 5.99
N ALA B 504 -41.10 23.05 4.88
CA ALA B 504 -42.08 21.97 4.83
C ALA B 504 -41.39 20.60 4.96
N THR B 508 -45.50 15.91 4.06
CA THR B 508 -46.22 17.09 3.59
C THR B 508 -46.27 17.11 2.06
N ASP B 509 -45.48 18.00 1.47
CA ASP B 509 -45.41 18.15 0.03
C ASP B 509 -44.25 17.39 -0.60
N MET B 510 -43.50 16.61 0.18
CA MET B 510 -42.40 15.81 -0.35
C MET B 510 -42.87 14.50 -1.02
N THR B 511 -44.14 14.43 -1.41
CA THR B 511 -44.66 13.29 -2.14
C THR B 511 -44.40 13.46 -3.65
N VAL B 512 -44.37 12.34 -4.36
CA VAL B 512 -44.03 12.35 -5.79
C VAL B 512 -45.29 12.41 -6.66
N LEU B 513 -46.46 12.08 -6.10
CA LEU B 513 -47.68 11.93 -6.90
C LEU B 513 -47.91 13.12 -7.81
N LYS B 514 -47.99 14.31 -7.24
CA LYS B 514 -48.23 15.51 -8.02
C LYS B 514 -46.90 16.10 -8.53
N GLU B 515 -47.02 17.10 -9.39
CA GLU B 515 -45.86 17.87 -9.78
C GLU B 515 -45.34 18.66 -8.57
N PRO B 516 -44.03 18.88 -8.49
CA PRO B 516 -43.47 19.52 -7.30
C PRO B 516 -43.93 20.97 -7.16
N THR B 517 -44.21 21.37 -5.92
CA THR B 517 -44.52 22.75 -5.62
C THR B 517 -43.33 23.65 -5.94
N LEU B 518 -43.58 24.96 -6.02
CA LEU B 518 -42.50 25.91 -6.24
C LEU B 518 -41.53 25.91 -5.06
N VAL B 519 -42.01 25.59 -3.86
CA VAL B 519 -41.13 25.50 -2.70
C VAL B 519 -40.21 24.29 -2.85
N ILE B 520 -40.79 23.10 -3.06
CA ILE B 520 -39.97 21.91 -3.23
C ILE B 520 -39.13 21.99 -4.50
N ASP B 521 -39.61 22.67 -5.55
CA ASP B 521 -38.83 22.79 -6.77
C ASP B 521 -37.56 23.61 -6.54
N ARG B 522 -37.71 24.78 -5.92
CA ARG B 522 -36.54 25.59 -5.61
C ARG B 522 -35.65 24.90 -4.58
N GLY B 523 -36.26 24.15 -3.66
CA GLY B 523 -35.49 23.54 -2.58
C GLY B 523 -34.73 22.29 -3.01
N ILE B 524 -35.36 21.44 -3.83
CA ILE B 524 -34.67 20.24 -4.30
C ILE B 524 -33.53 20.63 -5.23
N ALA B 525 -33.71 21.69 -6.02
CA ALA B 525 -32.67 22.13 -6.95
C ALA B 525 -31.43 22.62 -6.21
N LEU B 526 -31.59 23.63 -5.35
CA LEU B 526 -30.42 24.24 -4.72
C LEU B 526 -29.77 23.30 -3.72
N HIS B 527 -30.52 22.36 -3.16
CA HIS B 527 -29.91 21.37 -2.26
C HIS B 527 -28.86 20.54 -2.98
N LYS B 528 -29.03 20.31 -4.29
CA LYS B 528 -28.03 19.58 -5.06
C LYS B 528 -26.89 20.49 -5.49
N MET B 529 -27.22 21.73 -5.91
CA MET B 529 -26.17 22.62 -6.38
C MET B 529 -25.33 23.19 -5.23
N ILE B 530 -25.91 23.37 -4.05
CA ILE B 530 -25.13 23.80 -2.90
C ILE B 530 -24.09 22.74 -2.56
N ARG B 531 -24.47 21.47 -2.65
CA ARG B 531 -23.54 20.36 -2.44
C ARG B 531 -22.45 20.35 -3.51
N LEU B 532 -22.85 20.39 -4.78
CA LEU B 532 -21.88 20.29 -5.87
C LEU B 532 -20.85 21.39 -5.81
N ILE B 533 -21.30 22.64 -5.72
CA ILE B 533 -20.36 23.76 -5.71
C ILE B 533 -19.49 23.73 -4.45
N THR B 534 -20.01 23.24 -3.33
CA THR B 534 -19.15 22.91 -2.19
C THR B 534 -18.17 21.79 -2.57
N HIS B 535 -18.70 20.71 -3.18
CA HIS B 535 -17.89 19.54 -3.49
C HIS B 535 -16.80 19.85 -4.51
N SER B 536 -17.13 20.63 -5.54
CA SER B 536 -16.17 20.89 -6.63
C SER B 536 -15.21 22.02 -6.32
N LEU B 537 -15.64 23.03 -5.57
CA LEU B 537 -14.83 24.23 -5.40
C LEU B 537 -14.39 24.45 -3.96
N GLY B 538 -15.04 23.82 -2.97
CA GLY B 538 -14.89 24.19 -1.58
C GLY B 538 -13.64 23.69 -0.88
N GLY B 539 -12.89 22.77 -1.48
CA GLY B 539 -11.71 22.28 -0.83
C GLY B 539 -11.17 21.03 -1.48
N GLU B 540 -10.27 20.37 -0.77
CA GLU B 540 -9.50 19.22 -1.25
C GLU B 540 -10.09 17.89 -0.84
N ALA B 541 -11.06 17.89 0.08
CA ALA B 541 -11.78 16.70 0.51
C ALA B 541 -13.23 17.09 0.80
N TYR B 542 -14.10 16.09 0.90
CA TYR B 542 -15.53 16.32 1.06
C TYR B 542 -16.05 15.53 2.25
N LEU B 543 -16.97 16.14 2.99
CA LEU B 543 -17.57 15.49 4.15
C LEU B 543 -19.08 15.64 4.05
N ASN B 544 -19.81 14.61 4.49
CA ASN B 544 -21.25 14.65 4.49
C ASN B 544 -21.76 13.96 5.75
N PHE B 545 -22.49 14.69 6.58
CA PHE B 545 -23.02 14.07 7.79
C PHE B 545 -24.22 13.21 7.45
N GLU B 546 -24.23 12.03 8.07
CA GLU B 546 -25.25 11.02 7.90
C GLU B 546 -26.66 11.59 7.86
N GLY B 547 -27.35 11.39 6.74
CA GLY B 547 -28.70 11.87 6.56
C GLY B 547 -28.81 13.09 5.66
N ASN B 548 -27.81 13.97 5.67
CA ASN B 548 -27.90 15.18 4.87
C ASN B 548 -27.69 14.93 3.38
N GLU B 549 -27.31 13.71 2.96
CA GLU B 549 -27.18 13.37 1.55
C GLU B 549 -28.54 13.15 0.86
N PHE B 550 -29.61 13.00 1.62
CA PHE B 550 -30.96 12.95 1.07
C PHE B 550 -31.89 13.94 1.77
N GLY B 551 -31.32 15.03 2.30
CA GLY B 551 -32.07 16.07 2.95
C GLY B 551 -32.97 15.59 4.07
N HIS B 552 -32.37 15.02 5.12
CA HIS B 552 -33.15 14.46 6.21
C HIS B 552 -34.01 15.55 6.86
N PRO B 553 -35.26 15.24 7.22
CA PRO B 553 -36.13 16.24 7.85
C PRO B 553 -35.84 16.37 9.34
N GLU B 554 -36.58 17.27 9.98
CA GLU B 554 -36.51 17.52 11.41
C GLU B 554 -35.08 17.78 11.86
N TRP B 555 -34.74 17.34 13.06
CA TRP B 555 -33.45 17.66 13.65
C TRP B 555 -32.99 16.47 14.48
N LEU B 556 -31.71 16.48 14.83
CA LEU B 556 -31.12 15.44 15.68
C LEU B 556 -31.08 15.94 17.12
N ASP B 557 -31.54 15.09 18.05
CA ASP B 557 -31.46 15.34 19.48
C ASP B 557 -31.25 14.01 20.18
N PHE B 558 -30.59 14.05 21.32
CA PHE B 558 -30.28 12.84 22.05
C PHE B 558 -31.09 12.74 23.34
N PRO B 559 -31.23 11.53 23.90
CA PRO B 559 -31.90 11.36 25.20
C PRO B 559 -31.33 12.24 26.28
N ARG B 560 -32.15 13.15 26.80
CA ARG B 560 -31.70 14.10 27.78
C ARG B 560 -32.74 14.19 28.89
N VAL B 561 -32.35 14.84 29.98
CA VAL B 561 -33.35 15.21 30.98
C VAL B 561 -34.27 16.28 30.41
N GLY B 562 -33.75 17.14 29.53
CA GLY B 562 -34.55 18.17 28.90
C GLY B 562 -35.56 17.68 27.89
N ASN B 563 -35.64 16.37 27.65
CA ASN B 563 -36.64 15.80 26.74
C ASN B 563 -37.14 14.44 27.22
N ASN B 564 -37.03 14.17 28.53
CA ASN B 564 -37.56 12.96 29.15
C ASN B 564 -36.87 11.69 28.65
N ASP B 565 -35.60 11.81 28.27
CA ASP B 565 -34.83 10.70 27.70
C ASP B 565 -35.58 10.08 26.50
N SER B 566 -35.98 10.93 25.57
CA SER B 566 -36.71 10.49 24.39
C SER B 566 -35.75 10.26 23.22
N TYR B 567 -35.93 9.13 22.54
CA TYR B 567 -35.14 8.68 21.40
C TYR B 567 -35.71 9.15 20.05
N HIS B 568 -36.80 9.93 20.06
CA HIS B 568 -37.51 10.25 18.83
C HIS B 568 -36.61 10.96 17.82
N TYR B 569 -35.80 11.92 18.28
CA TYR B 569 -34.90 12.66 17.42
C TYR B 569 -33.47 12.12 17.45
N ALA B 570 -33.29 10.87 17.88
CA ALA B 570 -31.96 10.26 17.98
C ALA B 570 -31.85 9.03 17.07
N ARG B 571 -32.27 9.18 15.81
CA ARG B 571 -32.27 8.08 14.86
C ARG B 571 -32.04 8.66 13.46
N ARG B 572 -32.06 7.79 12.46
CA ARG B 572 -31.87 8.21 11.07
C ARG B 572 -32.85 7.44 10.19
N GLN B 573 -33.87 8.13 9.70
CA GLN B 573 -34.93 7.54 8.88
C GLN B 573 -34.43 7.16 7.49
N PHE B 574 -33.58 6.13 7.42
CA PHE B 574 -33.08 5.65 6.13
C PHE B 574 -34.18 5.04 5.27
N ASN B 575 -35.30 4.66 5.87
CA ASN B 575 -36.42 4.15 5.09
C ASN B 575 -36.92 5.20 4.11
N LEU B 576 -36.80 6.49 4.44
CA LEU B 576 -37.20 7.55 3.51
C LEU B 576 -36.52 7.38 2.17
N VAL B 577 -35.29 6.87 2.15
CA VAL B 577 -34.57 6.70 0.90
C VAL B 577 -35.18 5.58 0.07
N ASP B 578 -35.86 4.63 0.72
CA ASP B 578 -36.33 3.41 0.07
C ASP B 578 -37.76 3.53 -0.47
N ASP B 579 -38.50 4.57 -0.09
CA ASP B 579 -39.90 4.74 -0.47
C ASP B 579 -40.04 5.45 -1.81
N ASP B 580 -40.66 4.78 -2.78
CA ASP B 580 -40.97 5.39 -4.07
C ASP B 580 -42.07 6.43 -4.00
N LEU B 581 -42.71 6.59 -2.83
CA LEU B 581 -43.76 7.60 -2.71
C LEU B 581 -43.21 8.99 -2.44
N LEU B 582 -41.98 9.10 -1.93
CA LEU B 582 -41.39 10.36 -1.51
C LEU B 582 -40.22 10.74 -2.43
N ARG B 583 -39.71 11.95 -2.24
CA ARG B 583 -38.66 12.50 -3.10
C ARG B 583 -37.26 12.39 -2.49
N TYR B 584 -37.12 11.76 -1.32
CA TYR B 584 -35.82 11.66 -0.69
C TYR B 584 -34.83 10.86 -1.53
N ARG B 585 -35.30 9.81 -2.20
CA ARG B 585 -34.42 9.02 -3.06
C ARG B 585 -33.84 9.86 -4.18
N HIS B 586 -34.56 10.89 -4.63
CA HIS B 586 -34.05 11.75 -5.70
C HIS B 586 -32.78 12.45 -5.26
N LEU B 587 -32.82 13.09 -4.08
CA LEU B 587 -31.63 13.75 -3.57
C LEU B 587 -30.53 12.74 -3.25
N ASN B 588 -30.91 11.55 -2.78
CA ASN B 588 -29.91 10.51 -2.49
C ASN B 588 -29.19 10.06 -3.75
N GLU B 589 -29.94 9.86 -4.84
CA GLU B 589 -29.36 9.35 -6.08
C GLU B 589 -28.44 10.37 -6.74
N PHE B 590 -28.66 11.66 -6.51
CA PHE B 590 -27.70 12.64 -7.03
C PHE B 590 -26.39 12.56 -6.25
N ASP B 591 -26.47 12.36 -4.93
CA ASP B 591 -25.25 12.28 -4.13
C ASP B 591 -24.39 11.10 -4.58
N ALA B 592 -25.03 9.96 -4.83
CA ALA B 592 -24.31 8.79 -5.35
C ALA B 592 -23.69 9.09 -6.71
N ALA B 593 -24.39 9.87 -7.54
CA ALA B 593 -23.84 10.23 -8.84
C ALA B 593 -22.66 11.19 -8.70
N MET B 594 -22.75 12.15 -7.77
CA MET B 594 -21.68 13.13 -7.57
C MET B 594 -20.39 12.46 -7.10
N GLN B 595 -20.47 11.60 -6.08
CA GLN B 595 -19.25 10.97 -5.57
C GLN B 595 -18.64 10.04 -6.62
N ASN B 596 -19.48 9.25 -7.30
CA ASN B 596 -18.93 8.36 -8.31
C ASN B 596 -18.40 9.14 -9.50
N CYS B 597 -18.96 10.32 -9.77
CA CYS B 597 -18.39 11.16 -10.82
C CYS B 597 -16.98 11.64 -10.44
N GLU B 598 -16.80 12.09 -9.20
CA GLU B 598 -15.48 12.56 -8.79
C GLU B 598 -14.46 11.42 -8.82
N SER B 599 -14.88 10.21 -8.40
CA SER B 599 -13.97 9.07 -8.42
C SER B 599 -13.50 8.74 -9.83
N LYS B 600 -14.30 9.01 -10.86
CA LYS B 600 -13.90 8.73 -12.22
C LYS B 600 -13.14 9.89 -12.87
N HIS B 601 -13.50 11.12 -12.51
CA HIS B 601 -12.88 12.33 -13.02
C HIS B 601 -12.46 13.14 -11.79
N GLN B 602 -11.23 12.93 -11.32
CA GLN B 602 -10.78 13.52 -10.07
C GLN B 602 -10.90 15.05 -10.13
N TRP B 603 -11.41 15.62 -9.05
CA TRP B 603 -11.29 17.07 -8.88
C TRP B 603 -11.01 17.51 -7.46
N LEU B 604 -11.16 16.62 -6.46
CA LEU B 604 -11.06 17.07 -5.07
C LEU B 604 -9.61 17.32 -4.68
N ASN B 605 -8.77 16.30 -4.78
CA ASN B 605 -7.37 16.41 -4.36
C ASN B 605 -6.51 16.89 -5.52
N THR B 606 -6.81 18.11 -5.97
CA THR B 606 -6.21 18.74 -7.13
C THR B 606 -5.97 20.21 -6.80
N PRO B 607 -5.22 20.95 -7.62
CA PRO B 607 -5.06 22.38 -7.36
C PRO B 607 -6.38 23.14 -7.44
N GLN B 608 -6.36 24.35 -6.89
CA GLN B 608 -7.57 25.18 -6.87
C GLN B 608 -8.09 25.41 -8.28
N ALA B 609 -9.39 25.66 -8.37
CA ALA B 609 -10.02 25.87 -9.66
C ALA B 609 -9.65 27.26 -10.21
N TYR B 610 -9.70 27.38 -11.52
CA TYR B 610 -9.67 28.66 -12.21
C TYR B 610 -11.11 29.05 -12.52
N VAL B 611 -11.58 30.14 -11.93
CA VAL B 611 -12.97 30.59 -12.10
C VAL B 611 -13.08 31.36 -13.41
N SER B 612 -13.81 30.79 -14.39
CA SER B 612 -14.07 31.49 -15.64
C SER B 612 -15.02 32.66 -15.43
N LEU B 613 -16.24 32.37 -14.97
CA LEU B 613 -17.33 33.36 -14.90
C LEU B 613 -18.00 33.32 -13.53
N LYS B 614 -18.18 34.50 -12.93
CA LYS B 614 -18.96 34.67 -11.71
C LYS B 614 -19.83 35.91 -11.93
N HIS B 615 -20.86 35.74 -12.74
CA HIS B 615 -21.75 36.84 -13.13
C HIS B 615 -22.71 37.17 -12.00
N GLU B 616 -22.81 38.45 -11.66
CA GLU B 616 -23.71 38.88 -10.60
C GLU B 616 -25.09 39.27 -11.11
N VAL B 617 -25.22 39.53 -12.42
CA VAL B 617 -26.51 39.83 -13.01
C VAL B 617 -27.20 38.52 -13.35
N ASP B 618 -26.62 37.77 -14.30
CA ASP B 618 -27.00 36.38 -14.51
C ASP B 618 -26.34 35.55 -13.41
N LYS B 619 -27.14 34.84 -12.62
CA LYS B 619 -26.56 34.07 -11.51
C LYS B 619 -25.99 32.76 -12.04
N VAL B 620 -24.85 32.89 -12.73
CA VAL B 620 -24.21 31.78 -13.43
C VAL B 620 -22.75 31.72 -13.00
N ILE B 621 -22.33 30.54 -12.53
CA ILE B 621 -20.98 30.33 -12.00
C ILE B 621 -20.28 29.32 -12.90
N ALA B 622 -19.06 29.66 -13.34
CA ALA B 622 -18.28 28.76 -14.19
C ALA B 622 -16.84 28.71 -13.71
N PHE B 623 -16.25 27.51 -13.73
CA PHE B 623 -14.83 27.36 -13.43
C PHE B 623 -14.30 26.03 -13.98
N GLU B 624 -12.98 25.94 -14.04
CA GLU B 624 -12.26 24.73 -14.43
C GLU B 624 -11.49 24.18 -13.24
N ARG B 625 -11.51 22.85 -13.08
CA ARG B 625 -10.68 22.19 -12.08
C ARG B 625 -10.22 20.85 -12.61
N ASN B 626 -8.89 20.65 -12.65
CA ASN B 626 -8.26 19.42 -13.12
C ASN B 626 -8.72 19.02 -14.52
N GLY B 627 -8.91 20.03 -15.38
CA GLY B 627 -9.29 19.77 -16.75
C GLY B 627 -10.76 19.51 -16.96
N HIS B 628 -11.59 19.61 -15.92
CA HIS B 628 -13.04 19.49 -16.08
C HIS B 628 -13.68 20.86 -15.93
N LEU B 629 -14.86 21.01 -16.52
CA LEU B 629 -15.61 22.26 -16.52
C LEU B 629 -16.83 22.10 -15.62
N PHE B 630 -17.18 23.18 -14.92
CA PHE B 630 -18.32 23.19 -14.01
C PHE B 630 -19.11 24.48 -14.25
N VAL B 631 -20.42 24.35 -14.42
CA VAL B 631 -21.28 25.49 -14.69
C VAL B 631 -22.51 25.38 -13.81
N PHE B 632 -22.79 26.43 -13.04
CA PHE B 632 -23.97 26.51 -12.19
C PHE B 632 -24.82 27.71 -12.63
N ASN B 633 -26.10 27.45 -12.87
CA ASN B 633 -27.10 28.48 -13.15
C ASN B 633 -27.94 28.68 -11.89
N PHE B 634 -27.59 29.68 -11.10
CA PHE B 634 -28.30 29.95 -9.84
C PHE B 634 -29.44 30.94 -10.00
N HIS B 635 -29.68 31.44 -11.21
CA HIS B 635 -30.73 32.42 -11.41
C HIS B 635 -32.09 31.81 -11.16
N PRO B 636 -32.95 32.44 -10.34
CA PRO B 636 -34.22 31.79 -9.96
C PRO B 636 -35.16 31.51 -11.12
N THR B 637 -35.25 32.40 -12.12
CA THR B 637 -36.21 32.26 -13.20
C THR B 637 -35.59 32.22 -14.60
N GLN B 638 -34.42 32.82 -14.80
CA GLN B 638 -33.83 32.93 -16.13
C GLN B 638 -33.10 31.64 -16.49
N SER B 639 -33.48 31.05 -17.62
CA SER B 639 -32.77 29.92 -18.23
C SER B 639 -32.05 30.43 -19.46
N PHE B 640 -30.77 30.12 -19.58
CA PHE B 640 -29.90 30.70 -20.59
C PHE B 640 -29.59 29.70 -21.69
N THR B 641 -29.85 30.11 -22.93
CA THR B 641 -29.62 29.26 -24.10
C THR B 641 -28.33 29.71 -24.80
N ASP B 642 -27.50 28.74 -25.17
CA ASP B 642 -26.23 28.99 -25.86
C ASP B 642 -25.36 29.97 -25.08
N TYR B 643 -25.38 29.83 -23.75
CA TYR B 643 -24.56 30.68 -22.90
C TYR B 643 -23.09 30.32 -23.08
N ARG B 644 -22.26 31.32 -23.36
CA ARG B 644 -20.84 31.11 -23.58
C ARG B 644 -20.12 30.90 -22.25
N ILE B 645 -19.26 29.88 -22.21
CA ILE B 645 -18.52 29.52 -21.01
C ILE B 645 -17.05 29.35 -21.40
N GLY B 646 -16.17 30.05 -20.68
CA GLY B 646 -14.76 30.04 -21.03
C GLY B 646 -14.12 28.68 -20.78
N VAL B 647 -13.49 28.12 -21.82
CA VAL B 647 -12.73 26.88 -21.71
C VAL B 647 -11.32 27.14 -22.22
N ASP B 648 -10.33 26.50 -21.60
CA ASP B 648 -8.93 26.82 -21.86
C ASP B 648 -8.23 25.84 -22.80
N VAL B 649 -8.67 24.58 -22.86
CA VAL B 649 -8.10 23.61 -23.78
C VAL B 649 -9.14 23.29 -24.85
N ALA B 650 -8.73 23.35 -26.11
CA ALA B 650 -9.60 23.05 -27.22
C ALA B 650 -9.93 21.56 -27.27
N GLY B 651 -11.01 21.24 -27.99
CA GLY B 651 -11.45 19.86 -28.13
C GLY B 651 -12.96 19.72 -28.04
N THR B 652 -13.43 18.53 -27.65
CA THR B 652 -14.85 18.23 -27.53
C THR B 652 -15.14 17.88 -26.08
N TYR B 653 -16.20 18.48 -25.53
CA TYR B 653 -16.59 18.24 -24.15
C TYR B 653 -17.95 17.54 -24.10
N LYS B 654 -18.15 16.77 -23.03
CA LYS B 654 -19.41 16.06 -22.80
C LYS B 654 -19.79 16.25 -21.33
N ILE B 655 -21.09 16.32 -21.07
CA ILE B 655 -21.57 16.45 -19.69
C ILE B 655 -21.44 15.09 -19.01
N VAL B 656 -20.70 15.04 -17.89
CA VAL B 656 -20.54 13.80 -17.14
C VAL B 656 -21.44 13.73 -15.92
N LEU B 657 -22.09 14.84 -15.54
CA LEU B 657 -23.02 14.93 -14.43
C LEU B 657 -23.86 16.18 -14.64
N ASN B 658 -25.11 16.14 -14.16
CA ASN B 658 -26.02 17.25 -14.38
C ASN B 658 -27.24 17.13 -13.48
N THR B 659 -27.54 18.21 -12.75
CA THR B 659 -28.53 18.19 -11.69
C THR B 659 -29.97 18.13 -12.19
N ASP B 660 -30.21 18.30 -13.49
CA ASP B 660 -31.57 18.34 -14.01
C ASP B 660 -32.09 16.98 -14.45
N ARG B 661 -31.29 15.93 -14.34
CA ARG B 661 -31.77 14.61 -14.73
C ARG B 661 -32.98 14.21 -13.90
N ALA B 662 -33.89 13.45 -14.51
CA ALA B 662 -35.17 13.16 -13.89
C ALA B 662 -35.02 12.34 -12.60
N GLU B 663 -34.11 11.36 -12.58
CA GLU B 663 -33.91 10.55 -11.39
C GLU B 663 -33.33 11.32 -10.20
N PHE B 664 -32.92 12.56 -10.41
CA PHE B 664 -32.49 13.44 -9.32
C PHE B 664 -33.59 14.41 -8.89
N GLY B 665 -34.82 14.18 -9.35
CA GLY B 665 -35.89 15.14 -9.13
C GLY B 665 -35.90 16.31 -10.09
N GLY B 666 -35.04 16.30 -11.10
CA GLY B 666 -35.01 17.34 -12.10
C GLY B 666 -36.16 17.23 -13.08
N HIS B 667 -36.13 18.10 -14.08
CA HIS B 667 -37.16 18.15 -15.11
C HIS B 667 -36.68 17.66 -16.46
N ASN B 668 -35.42 17.21 -16.57
CA ASN B 668 -34.91 16.54 -17.76
C ASN B 668 -34.81 17.49 -18.97
N ARG B 669 -34.48 18.75 -18.73
CA ARG B 669 -34.42 19.75 -19.79
C ARG B 669 -33.05 19.90 -20.43
N ILE B 670 -32.10 18.99 -20.14
CA ILE B 670 -30.73 19.08 -20.65
C ILE B 670 -30.39 17.80 -21.40
N ASP B 671 -29.89 17.95 -22.64
CA ASP B 671 -29.49 16.81 -23.46
C ASP B 671 -28.02 16.48 -23.21
N GLU B 672 -27.77 15.33 -22.59
CA GLU B 672 -26.42 14.95 -22.22
C GLU B 672 -25.62 14.37 -23.38
N ALA B 673 -26.29 13.87 -24.43
CA ALA B 673 -25.58 13.36 -25.59
C ALA B 673 -24.97 14.45 -26.45
N GLN B 674 -25.32 15.72 -26.20
CA GLN B 674 -24.77 16.81 -26.99
C GLN B 674 -23.26 16.90 -26.83
N GLU B 675 -22.58 17.15 -27.95
CA GLU B 675 -21.14 17.31 -27.96
C GLU B 675 -20.81 18.79 -28.04
N PHE B 676 -19.98 19.26 -27.12
CA PHE B 676 -19.73 20.69 -26.95
C PHE B 676 -18.39 21.06 -27.60
N PHE B 677 -18.46 21.57 -28.82
CA PHE B 677 -17.25 21.92 -29.58
C PHE B 677 -16.77 23.31 -29.17
N THR B 678 -15.47 23.44 -28.89
CA THR B 678 -14.90 24.73 -28.54
C THR B 678 -14.77 25.60 -29.79
N THR B 679 -14.95 26.91 -29.60
CA THR B 679 -14.68 27.91 -30.63
C THR B 679 -13.43 28.69 -30.22
N ASP B 680 -12.53 28.93 -31.18
CA ASP B 680 -11.22 29.48 -30.88
C ASP B 680 -11.38 30.99 -30.71
N LEU B 681 -11.71 31.41 -29.49
CA LEU B 681 -11.81 32.83 -29.18
C LEU B 681 -11.72 33.03 -27.68
N GLU B 682 -11.01 34.07 -27.28
CA GLU B 682 -10.90 34.44 -25.87
C GLU B 682 -12.27 34.82 -25.32
N TRP B 683 -12.54 34.38 -24.09
CA TRP B 683 -13.80 34.71 -23.42
C TRP B 683 -13.60 34.43 -21.94
N ASN B 684 -13.76 35.46 -21.12
CA ASN B 684 -13.54 35.37 -19.68
C ASN B 684 -12.15 34.81 -19.37
N ASN B 685 -11.15 35.32 -20.08
CA ASN B 685 -9.73 35.02 -19.86
C ASN B 685 -9.35 33.59 -20.23
N ARG B 686 -10.16 32.91 -21.03
CA ARG B 686 -9.86 31.57 -21.50
C ARG B 686 -9.60 31.59 -22.99
N ARG B 687 -8.87 30.59 -23.48
CA ARG B 687 -8.45 30.62 -24.88
C ARG B 687 -9.55 30.18 -25.84
N ASN B 688 -10.46 29.31 -25.41
CA ASN B 688 -11.60 28.94 -26.23
C ASN B 688 -12.90 29.23 -25.46
N PHE B 689 -14.02 28.77 -26.02
CA PHE B 689 -15.30 28.85 -25.35
C PHE B 689 -16.23 27.82 -25.98
N ILE B 690 -17.20 27.36 -25.19
CA ILE B 690 -18.29 26.55 -25.72
C ILE B 690 -19.57 27.26 -25.34
N GLN B 691 -20.68 26.77 -25.87
CA GLN B 691 -21.99 27.30 -25.55
C GLN B 691 -22.85 26.18 -24.96
N VAL B 692 -23.56 26.49 -23.88
CA VAL B 692 -24.33 25.51 -23.15
C VAL B 692 -25.75 26.02 -22.96
N TYR B 693 -26.67 25.07 -22.72
CA TYR B 693 -28.03 25.38 -22.27
C TYR B 693 -28.14 24.98 -20.80
N ILE B 694 -28.30 25.98 -19.93
CA ILE B 694 -28.38 25.77 -18.50
C ILE B 694 -29.69 26.36 -17.99
N PRO B 695 -30.72 25.53 -17.76
CA PRO B 695 -31.95 26.01 -17.16
C PRO B 695 -31.72 26.69 -15.81
N SER B 696 -32.74 27.38 -15.33
CA SER B 696 -32.64 28.04 -14.03
C SER B 696 -32.51 27.01 -12.91
N ARG B 697 -31.60 27.28 -11.97
CA ARG B 697 -31.31 26.38 -10.86
C ARG B 697 -30.98 24.98 -11.36
N THR B 698 -29.93 24.91 -12.18
CA THR B 698 -29.38 23.64 -12.66
C THR B 698 -27.87 23.82 -12.80
N ALA B 699 -27.15 22.70 -12.72
CA ALA B 699 -25.69 22.70 -12.81
C ALA B 699 -25.22 21.51 -13.62
N ILE B 700 -24.08 21.67 -14.32
CA ILE B 700 -23.54 20.62 -15.16
C ILE B 700 -22.03 20.59 -15.00
N VAL B 701 -21.47 19.40 -15.16
CA VAL B 701 -20.03 19.16 -15.12
C VAL B 701 -19.65 18.49 -16.43
N LEU B 702 -18.62 19.01 -17.09
CA LEU B 702 -18.21 18.51 -18.38
C LEU B 702 -16.74 18.11 -18.37
N THR B 703 -16.42 17.04 -19.09
CA THR B 703 -15.08 16.53 -19.22
C THR B 703 -14.66 16.62 -20.69
N ARG B 704 -13.35 16.67 -20.92
CA ARG B 704 -12.84 16.79 -22.29
C ARG B 704 -12.77 15.40 -22.91
N GLN B 705 -13.40 15.24 -24.07
CA GLN B 705 -13.36 13.98 -24.79
C GLN B 705 -11.97 13.78 -25.40
N MET B 706 -11.05 13.22 -24.63
CA MET B 706 -9.67 13.06 -25.08
C MET B 706 -9.58 11.91 -26.07
C1 GLC C . 28.98 4.91 15.68
C2 GLC C . 30.06 5.39 16.66
C3 GLC C . 31.43 5.18 16.11
C4 GLC C . 31.49 4.06 15.09
C5 GLC C . 30.60 4.38 13.87
C6 GLC C . 30.10 3.10 13.23
O1 GLC C . 27.84 5.54 15.94
O2 GLC C . 29.84 6.78 16.93
O3 GLC C . 32.32 4.88 17.20
O4 GLC C . 32.85 3.79 14.70
O5 GLC C . 29.42 5.17 14.26
O6 GLC C . 30.78 2.86 12.02
C1 GLC C . 33.08 2.43 14.86
C2 GLC C . 34.32 2.05 15.65
C3 GLC C . 34.93 0.80 15.11
C4 GLC C . 33.81 -0.19 14.82
C5 GLC C . 33.18 0.28 13.53
C6 GLC C . 31.80 -0.35 13.26
O2 GLC C . 35.31 3.13 15.71
O3 GLC C . 35.94 0.29 16.05
O4 GLC C . 34.21 -1.58 14.63
O5 GLC C . 33.05 1.76 13.49
O6 GLC C . 31.97 -1.65 12.73
C1 GLC C . 34.27 -2.31 15.81
C2 GLC C . 33.22 -3.44 15.85
C3 GLC C . 32.80 -3.83 17.24
C4 GLC C . 33.91 -3.67 18.24
C5 GLC C . 34.48 -2.22 18.25
C6 GLC C . 35.98 -2.25 18.32
O2 GLC C . 32.08 -3.01 15.11
O3 GLC C . 32.32 -5.24 17.26
O4 GLC C . 33.42 -4.04 19.53
O5 GLC C . 34.13 -1.44 17.03
O6 GLC C . 36.51 -1.09 17.77
C1 GLC D . -21.29 4.07 47.37
C2 GLC D . -20.95 3.35 48.69
C3 GLC D . -19.56 2.83 48.71
C4 GLC D . -19.08 2.54 47.30
C5 GLC D . -18.92 3.88 46.54
C6 GLC D . -18.75 3.67 45.07
O1 GLC D . -22.28 4.94 47.55
O2 GLC D . -21.13 4.25 49.81
O3 GLC D . -19.45 1.64 49.52
O4 GLC D . -17.88 1.75 47.31
O5 GLC D . -20.08 4.76 46.77
O6 GLC D . -17.39 3.40 44.77
C1 GLC D . -18.12 0.63 46.54
C2 GLC D . -17.84 -0.68 47.28
C3 GLC D . -17.26 -1.71 46.38
C4 GLC D . -17.92 -1.66 45.02
C5 GLC D . -17.46 -0.38 44.34
C6 GLC D . -18.43 0.03 43.23
O2 GLC D . -16.95 -0.44 48.41
O3 GLC D . -17.42 -3.01 47.03
O4 GLC D . -17.53 -2.76 44.15
O5 GLC D . -17.31 0.75 45.27
O6 GLC D . -18.07 -0.70 42.09
C1 GLC D . -18.35 -3.89 44.16
C2 GLC D . -19.31 -3.97 42.94
C3 GLC D . -20.53 -4.79 43.24
C4 GLC D . -20.25 -5.91 44.19
C5 GLC D . -19.80 -5.37 45.56
C6 GLC D . -18.91 -6.35 46.24
O2 GLC D . -19.70 -2.67 42.53
O3 GLC D . -21.08 -5.35 42.00
O4 GLC D . -21.43 -6.69 44.30
O5 GLC D . -19.08 -4.08 45.48
O6 GLC D . -17.83 -5.65 46.78
#